data_1LM1
#
_entry.id   1LM1
#
_cell.length_a   166.083
_cell.length_b   166.083
_cell.length_c   219.584
_cell.angle_alpha   90.00
_cell.angle_beta   90.00
_cell.angle_gamma   90.00
#
_symmetry.space_group_name_H-M   'P 43 21 2'
#
loop_
_entity.id
_entity.type
_entity.pdbx_description
1 polymer 'Ferredoxin-dependent glutamate synthase'
2 non-polymer 'ACETATE ION'
3 non-polymer 'FLAVIN MONONUCLEOTIDE'
4 non-polymer 'FE3-S4 CLUSTER'
5 water water
#
_entity_poly.entity_id   1
_entity_poly.type   'polypeptide(L)'
_entity_poly.pdbx_seq_one_letter_code
;CGVGFIANLRGKPDHTLVEQALKALGCMEHRGGCSADNDSGDGAGVMTAIPRELLAQWFNTRNLPMPDGDRLGVGMVFLP
QEPSAREVARAYVEEVVRLEKLTVLGWREVPVNSDVLGIQAKNNQPHIEQILVTCPEGCAGDELDRRLYIARSIIGKKLA
EDFYVCSFSCRTIVYKGMVRSIILGEFYLDLKNPGYTSNFAVYHRRFSTNTMPKWPLAQPMRLLGHNGEINTLLGNINWM
AAREKELEVSGWTKAELEALTPIVNQANSDSYNLDSALELLVRTGRSPLEAAMILVPEAYKNQPALKDYPEISDFHDYYS
GLQEPWDGPALLVFSDGKIVGAGLDRNGLRPARYCITKDDYIVLGSEAGVVDLPEVDIVEKGRLAPGQMIAVDLAEQKIL
KNYQIKQQAAQKYPYGEWIKIQRQTVASDSFAEKTLFNDAQTVLQQQAAFGYTAEDVEMVVVPMASQGKEPTFCMGDDTP
LAVLSHKPRLLYDYFKQRFAQVTNPPIDPLRENLVMSLAMFLGKRGNLLEPKAESARTIKLRSPLVNEVELQAIKTGQLQ
VAEVSTLYDLDGVNSLEDALTNLVKTAIATVQAGAEILVLTDRPNGAILTENQSFIPPLLAVGAVHHHLIRAGLRLKASL
IVDTAQCWSTHHFACLVGYGASAICPYLALESVRQWWLDEKTQKLMENGRLDRIDLPTALKNYRQSVEAGLFKILSKMGI
SLLASYHGAQIFEAIGLGAELVEYAFAGTTSRVGGLTIADVAGEVMVFHGMAFPEMAKKLENFGFVNYRPGGEYHMNSPE
MSKSLHKAVAAYKVGGNGNNGEAYDHYELYRQYLKDRPVTALRDLLDFNADQPAISLEEVESVESIVKRFCTGGMSLGAL
SREAHETLAIAMNRLGAKSNSGEGGEDVVRYLTLDDVDSEGNSPTLPHLHGLQNGDTANSAIKQIASGRFGVTPEYLMSG
KQLEIKMAQGAKPGEGGQLPGKKVSEYIAMLRRSKPGVTLISPPPHHDIYSIEDLAQLIYDLHQINPEAQVSVKLVAEIG
IGTIAAGVAKANADIIQISGHDGGTGASPLSSIKHAGSPWELGVTEVHRVLMENQLRDRVLLRADGGLKTGWDVVMAALM
GAEEYGFGSIAMIAEGCIMARVCHTNNCPVGVATQQERLRQRFKGVPGQVVNFFYFIAEEVRSLLAHLGYRSLDDIIGRT
DLLKVRSDVQLSKTQNLTLDCLLNLPDTKQNRQWLNHEPVHSNGPVLDDDILADPDIQEAINHQTTATKTYRLVNTDRTV
GTRLSGAIAKKYGNNGFEGNITLNFQGAAGQSFGAFNLDGMTLHLQGEANDYVGKGMNGGEIVIVPHPQASFAPEDNVII
GNTCLYGATGGNLYANGRAGERFAVRNSVGKAVIEGAGDHCCEYMTGGVIVVLGPVGRNVGAGMTGGLAYFLDEVGDLPE
KINPEIITLQRITASKGEEQLKSLITAHVEHTGSPKGKAILANWSDYLGKFWQAVPPSEKDSPEANNDVSLTGEKTLTSV
;
_entity_poly.pdbx_strand_id   A
#
loop_
_chem_comp.id
_chem_comp.type
_chem_comp.name
_chem_comp.formula
ACT non-polymer 'ACETATE ION' 'C2 H3 O2 -1'
F3S non-polymer 'FE3-S4 CLUSTER' 'Fe3 S4'
FMN non-polymer 'FLAVIN MONONUCLEOTIDE' 'C17 H21 N4 O9 P'
#
# COMPACT_ATOMS: atom_id res chain seq x y z
N CYS A 1 4.56 7.44 11.93
CA CYS A 1 4.06 8.12 13.19
C CYS A 1 3.92 7.18 14.42
N GLY A 2 4.07 7.79 15.61
CA GLY A 2 3.76 7.15 16.90
C GLY A 2 2.65 7.91 17.61
N VAL A 3 1.60 7.21 18.06
CA VAL A 3 0.49 7.88 18.72
C VAL A 3 0.21 7.15 19.97
N GLY A 4 -0.57 7.76 20.85
CA GLY A 4 -1.05 7.08 22.04
C GLY A 4 -1.84 8.03 22.90
N PHE A 5 -2.47 7.52 23.94
CA PHE A 5 -2.97 8.41 24.99
C PHE A 5 -2.69 7.88 26.37
N ILE A 6 -2.71 8.77 27.37
CA ILE A 6 -2.69 8.34 28.76
C ILE A 6 -3.83 9.00 29.50
N ALA A 7 -4.50 8.23 30.35
CA ALA A 7 -5.60 8.78 31.15
C ALA A 7 -5.47 8.44 32.62
N ASN A 8 -5.86 9.38 33.48
CA ASN A 8 -5.99 9.13 34.91
C ASN A 8 -7.37 9.38 35.34
N LEU A 9 -7.98 8.35 35.88
CA LEU A 9 -9.37 8.42 36.23
C LEU A 9 -9.45 8.65 37.71
N ARG A 10 -8.67 7.86 38.44
CA ARG A 10 -8.76 7.82 39.90
C ARG A 10 -7.71 8.73 40.60
N GLY A 11 -7.57 9.95 40.14
CA GLY A 11 -6.65 10.84 40.82
C GLY A 11 -7.12 12.20 40.38
N LYS A 12 -6.66 13.25 41.03
CA LYS A 12 -6.80 14.55 40.39
C LYS A 12 -5.49 14.87 39.71
N PRO A 13 -5.54 15.82 38.77
CA PRO A 13 -4.42 16.08 37.84
C PRO A 13 -3.04 16.13 38.49
N ASP A 14 -2.10 15.46 37.88
CA ASP A 14 -0.72 15.53 38.35
C ASP A 14 0.22 15.92 37.20
N HIS A 15 1.49 16.06 37.50
CA HIS A 15 2.43 16.45 36.48
C HIS A 15 2.99 15.20 35.90
N THR A 16 2.97 14.13 36.69
CA THR A 16 3.66 12.94 36.24
C THR A 16 3.08 12.42 34.93
N LEU A 17 1.76 12.44 34.77
CA LEU A 17 1.20 12.01 33.51
C LEU A 17 1.92 12.78 32.44
N VAL A 18 1.94 14.11 32.49
CA VAL A 18 2.62 14.88 31.47
C VAL A 18 4.05 14.36 31.34
N GLU A 19 4.77 14.19 32.44
CA GLU A 19 6.12 13.63 32.38
C GLU A 19 6.18 12.33 31.56
N GLN A 20 5.12 11.53 31.67
CA GLN A 20 5.09 10.18 31.16
C GLN A 20 4.80 10.22 29.68
N ALA A 21 4.13 11.29 29.29
CA ALA A 21 3.62 11.37 27.97
C ALA A 21 4.84 11.81 27.24
N LEU A 22 5.46 12.93 27.61
CA LEU A 22 6.72 13.30 27.00
C LEU A 22 7.67 12.11 26.81
N LYS A 23 7.87 11.27 27.85
CA LYS A 23 8.83 10.14 27.83
C LYS A 23 8.56 9.24 26.68
N ALA A 24 7.26 9.05 26.46
CA ALA A 24 6.77 8.06 25.52
C ALA A 24 6.97 8.59 24.09
N LEU A 25 6.80 9.90 23.90
CA LEU A 25 7.10 10.51 22.62
C LEU A 25 8.49 10.09 22.28
N GLY A 26 9.34 10.20 23.28
CA GLY A 26 10.73 9.79 23.17
C GLY A 26 10.85 8.36 22.69
N CYS A 27 10.07 7.44 23.27
CA CYS A 27 10.13 6.03 22.91
C CYS A 27 9.47 5.75 21.56
N MET A 28 8.78 6.76 20.99
CA MET A 28 8.29 6.73 19.60
C MET A 28 9.29 7.30 18.56
N GLU A 29 10.51 7.72 18.97
CA GLU A 29 11.42 8.48 18.06
C GLU A 29 11.65 7.79 16.71
N HIS A 30 11.81 6.46 16.72
CA HIS A 30 12.09 5.66 15.51
C HIS A 30 10.87 5.62 14.60
N ARG A 31 9.66 5.81 15.17
CA ARG A 31 8.42 5.93 14.35
C ARG A 31 8.21 7.28 13.67
N GLY A 32 9.23 8.13 13.67
CA GLY A 32 9.17 9.52 13.23
C GLY A 32 10.38 9.80 12.32
N GLY A 33 10.55 11.07 11.92
CA GLY A 33 11.52 11.45 10.91
C GLY A 33 12.20 12.77 11.24
N CYS A 34 13.28 13.10 10.51
CA CYS A 34 13.99 14.39 10.68
C CYS A 34 14.12 15.05 9.31
N SER A 35 14.81 16.20 9.29
CA SER A 35 14.95 17.07 8.10
C SER A 35 16.42 17.18 7.67
N ALA A 36 16.70 17.94 6.61
CA ALA A 36 18.06 18.02 6.05
C ALA A 36 19.09 17.99 7.19
N ASP A 37 18.90 18.92 8.15
CA ASP A 37 19.37 18.85 9.55
C ASP A 37 19.81 17.52 10.19
N ASN A 38 19.03 16.45 9.96
CA ASN A 38 19.05 15.29 10.85
C ASN A 38 18.80 15.68 12.32
N ASP A 39 18.02 16.75 12.53
CA ASP A 39 17.93 17.33 13.86
C ASP A 39 16.52 17.82 14.13
N SER A 40 15.96 18.51 13.15
CA SER A 40 14.58 18.94 13.25
C SER A 40 13.69 17.75 12.95
N GLY A 41 12.57 17.72 13.67
CA GLY A 41 11.64 16.63 13.62
C GLY A 41 10.52 16.97 12.66
N ASP A 42 9.96 15.90 12.10
CA ASP A 42 8.84 16.00 11.24
C ASP A 42 7.69 16.45 12.06
N GLY A 43 7.88 16.53 13.35
CA GLY A 43 6.91 17.14 14.23
C GLY A 43 6.62 16.27 15.45
N ALA A 44 6.38 16.96 16.58
CA ALA A 44 5.88 16.32 17.80
C ALA A 44 4.84 17.21 18.48
N GLY A 45 3.89 16.57 19.18
CA GLY A 45 2.75 17.25 19.73
C GLY A 45 2.16 16.57 20.94
N VAL A 46 1.47 17.35 21.75
CA VAL A 46 0.81 16.74 22.88
C VAL A 46 -0.45 17.54 23.15
N MET A 47 -1.53 16.79 23.36
CA MET A 47 -2.80 17.36 23.75
C MET A 47 -3.02 17.07 25.22
N THR A 48 -3.34 18.11 25.99
CA THR A 48 -3.74 17.90 27.39
C THR A 48 -4.97 18.74 27.71
N ALA A 49 -5.56 18.49 28.86
CA ALA A 49 -6.51 19.45 29.43
C ALA A 49 -5.79 20.75 29.78
N ILE A 50 -6.56 21.78 30.09
CA ILE A 50 -5.97 23.07 30.38
C ILE A 50 -5.21 23.03 31.69
N PRO A 51 -3.96 23.43 31.67
CA PRO A 51 -3.10 23.29 32.84
C PRO A 51 -3.45 24.46 33.77
N ARG A 52 -4.71 24.40 34.26
CA ARG A 52 -5.43 25.55 34.82
C ARG A 52 -4.72 26.16 36.02
N GLU A 53 -3.96 25.32 36.71
CA GLU A 53 -3.00 25.72 37.73
C GLU A 53 -1.98 26.63 37.08
N LEU A 54 -1.19 26.14 36.16
CA LEU A 54 -0.15 26.97 35.57
C LEU A 54 -0.64 28.31 35.06
N LEU A 55 -1.81 28.33 34.45
CA LEU A 55 -2.29 29.60 33.92
C LEU A 55 -2.60 30.53 35.08
N ALA A 56 -2.61 29.98 36.27
CA ALA A 56 -2.91 30.73 37.49
C ALA A 56 -2.09 31.97 37.51
N GLN A 57 -0.77 31.78 37.45
CA GLN A 57 0.22 32.87 37.61
C GLN A 57 0.01 33.99 36.63
N TRP A 58 -0.52 33.64 35.47
CA TRP A 58 -0.93 34.65 34.51
C TRP A 58 -1.95 35.66 35.08
N PHE A 59 -3.06 35.16 35.64
CA PHE A 59 -4.16 36.00 36.17
C PHE A 59 -3.69 36.71 37.41
N ASN A 60 -3.14 35.90 38.30
CA ASN A 60 -2.52 36.41 39.49
C ASN A 60 -1.77 37.69 39.17
N THR A 61 -0.75 37.59 38.32
CA THR A 61 0.15 38.70 38.03
C THR A 61 -0.65 39.89 37.53
N ARG A 62 -1.70 39.63 36.80
CA ARG A 62 -2.48 40.75 36.34
C ARG A 62 -3.58 41.11 37.32
N ASN A 63 -3.59 40.45 38.49
CA ASN A 63 -4.56 40.73 39.54
C ASN A 63 -5.99 40.54 38.98
N LEU A 64 -6.11 39.59 38.09
CA LEU A 64 -7.37 39.33 37.44
C LEU A 64 -8.02 38.02 37.98
N PRO A 65 -9.35 38.04 38.15
CA PRO A 65 -10.09 36.86 38.68
C PRO A 65 -10.07 35.77 37.66
N MET A 66 -9.63 34.56 38.04
CA MET A 66 -9.58 33.43 37.10
C MET A 66 -10.98 32.82 36.94
N PRO A 67 -11.43 32.58 35.70
CA PRO A 67 -12.77 32.04 35.47
C PRO A 67 -12.80 30.55 35.76
N ASP A 68 -14.02 30.02 35.95
CA ASP A 68 -14.32 28.59 36.15
C ASP A 68 -13.73 27.72 35.06
N GLY A 69 -13.37 26.48 35.44
CA GLY A 69 -12.82 25.52 34.49
C GLY A 69 -13.48 25.62 33.12
N ASP A 70 -14.75 25.26 33.13
CA ASP A 70 -15.66 25.33 31.99
C ASP A 70 -15.77 26.67 31.24
N ARG A 71 -15.23 27.75 31.79
CA ARG A 71 -15.51 29.06 31.19
C ARG A 71 -14.27 29.85 30.77
N LEU A 72 -13.08 29.33 31.07
CA LEU A 72 -11.86 29.97 30.62
C LEU A 72 -11.64 29.64 29.12
N GLY A 73 -10.90 28.62 28.79
CA GLY A 73 -10.76 28.49 27.37
C GLY A 73 -9.69 29.33 26.72
N VAL A 74 -8.87 28.60 25.98
CA VAL A 74 -7.52 28.97 25.67
C VAL A 74 -7.20 28.66 24.20
N GLY A 75 -6.71 29.67 23.49
CA GLY A 75 -6.12 29.43 22.19
C GLY A 75 -4.60 29.29 22.30
N MET A 76 -4.05 28.17 21.80
CA MET A 76 -2.64 28.14 21.41
C MET A 76 -2.54 28.66 19.99
N VAL A 77 -2.00 29.87 19.84
CA VAL A 77 -1.81 30.42 18.52
C VAL A 77 -0.34 30.45 18.13
N PHE A 78 -0.09 30.14 16.85
CA PHE A 78 1.16 30.43 16.12
C PHE A 78 1.04 31.77 15.37
N LEU A 79 1.99 32.70 15.52
CA LEU A 79 1.84 34.07 14.97
C LEU A 79 3.11 34.47 14.25
N PRO A 80 3.06 35.42 13.33
CA PRO A 80 4.27 35.80 12.61
C PRO A 80 5.30 36.36 13.57
N GLN A 81 6.58 36.19 13.25
CA GLN A 81 7.68 36.67 14.09
C GLN A 81 7.91 38.15 13.92
N GLU A 82 7.70 38.63 12.70
CA GLU A 82 7.92 40.03 12.42
C GLU A 82 6.90 40.89 13.18
N PRO A 83 7.36 41.79 14.05
CA PRO A 83 6.46 42.59 14.88
C PRO A 83 5.29 43.28 14.20
N SER A 84 5.46 44.01 13.12
CA SER A 84 4.28 44.67 12.63
C SER A 84 3.25 43.60 12.31
N ALA A 85 3.69 42.53 11.65
CA ALA A 85 2.82 41.46 11.18
C ALA A 85 2.23 40.62 12.30
N ARG A 86 2.97 40.45 13.40
CA ARG A 86 2.47 39.69 14.54
C ARG A 86 1.21 40.38 15.03
N GLU A 87 1.24 41.71 15.15
CA GLU A 87 0.09 42.49 15.59
C GLU A 87 -1.07 42.50 14.58
N VAL A 88 -0.83 42.75 13.30
CA VAL A 88 -1.86 42.47 12.33
C VAL A 88 -2.61 41.13 12.67
N ALA A 89 -1.84 40.07 12.88
CA ALA A 89 -2.34 38.73 13.22
C ALA A 89 -3.01 38.63 14.59
N ARG A 90 -2.47 39.31 15.59
CA ARG A 90 -3.08 39.26 16.92
C ARG A 90 -4.40 39.96 16.93
N ALA A 91 -4.43 41.11 16.27
CA ALA A 91 -5.58 41.98 16.28
C ALA A 91 -6.71 41.22 15.61
N TYR A 92 -6.37 40.43 14.59
CA TYR A 92 -7.33 39.57 13.94
C TYR A 92 -7.84 38.41 14.78
N VAL A 93 -7.01 37.71 15.52
CA VAL A 93 -7.60 36.63 16.32
C VAL A 93 -8.71 37.25 17.15
N GLU A 94 -8.35 38.35 17.79
CA GLU A 94 -9.17 39.06 18.74
C GLU A 94 -10.39 39.59 18.04
N GLU A 95 -10.18 40.25 16.90
CA GLU A 95 -11.26 40.75 16.05
C GLU A 95 -12.35 39.71 15.86
N VAL A 96 -11.97 38.49 15.47
CA VAL A 96 -12.96 37.44 15.21
C VAL A 96 -13.44 36.75 16.49
N VAL A 97 -12.63 36.77 17.54
CA VAL A 97 -13.09 36.22 18.80
C VAL A 97 -14.15 37.15 19.35
N ARG A 98 -13.90 38.43 19.15
CA ARG A 98 -14.84 39.47 19.50
C ARG A 98 -16.15 39.33 18.72
N LEU A 99 -16.08 38.73 17.54
CA LEU A 99 -17.24 38.64 16.64
C LEU A 99 -18.35 37.61 17.04
N GLU A 100 -17.96 36.54 17.74
CA GLU A 100 -18.83 35.89 18.71
C GLU A 100 -18.75 36.77 19.95
N LYS A 101 -19.73 36.67 20.82
CA LYS A 101 -19.81 37.65 21.88
C LYS A 101 -18.92 37.25 23.06
N LEU A 102 -17.67 36.90 22.76
CA LEU A 102 -16.65 36.60 23.77
C LEU A 102 -15.70 37.79 24.07
N THR A 103 -15.11 37.76 25.28
CA THR A 103 -14.17 38.77 25.70
C THR A 103 -12.78 38.19 25.72
N VAL A 104 -11.80 39.06 25.49
CA VAL A 104 -10.40 38.69 25.63
C VAL A 104 -9.83 39.23 26.94
N LEU A 105 -9.20 38.37 27.74
CA LEU A 105 -8.58 38.79 28.99
C LEU A 105 -7.12 39.03 28.72
N GLY A 106 -6.71 38.59 27.55
CA GLY A 106 -5.40 38.92 27.06
C GLY A 106 -4.67 37.70 26.59
N TRP A 107 -3.36 37.73 26.78
CA TRP A 107 -2.46 36.85 26.05
C TRP A 107 -1.27 36.50 26.91
N ARG A 108 -0.84 35.26 26.78
CA ARG A 108 0.28 34.76 27.53
C ARG A 108 1.29 34.43 26.48
N GLU A 109 2.43 35.10 26.53
CA GLU A 109 3.57 34.58 25.82
C GLU A 109 4.02 33.24 26.39
N VAL A 110 4.30 32.30 25.50
CA VAL A 110 4.54 30.95 25.91
C VAL A 110 6.05 30.77 26.04
N PRO A 111 6.55 30.61 27.27
CA PRO A 111 8.00 30.39 27.49
C PRO A 111 8.47 29.22 26.63
N VAL A 112 9.53 29.50 25.85
CA VAL A 112 10.10 28.54 24.95
C VAL A 112 11.55 28.86 24.89
N ASN A 113 12.33 27.86 24.48
CA ASN A 113 13.78 27.92 24.37
C ASN A 113 14.10 27.46 22.95
N SER A 114 14.22 28.46 22.04
CA SER A 114 14.47 28.26 20.61
C SER A 114 15.84 27.63 20.35
N ASP A 115 16.72 27.85 21.30
CA ASP A 115 18.02 27.22 21.36
C ASP A 115 18.10 25.67 21.18
N VAL A 116 17.01 24.96 21.36
CA VAL A 116 17.12 23.53 21.21
C VAL A 116 16.57 23.09 19.87
N LEU A 117 15.85 23.99 19.20
CA LEU A 117 15.32 23.71 17.88
C LEU A 117 16.50 23.35 16.99
N GLY A 118 16.36 22.40 16.08
CA GLY A 118 17.35 22.31 15.01
C GLY A 118 17.30 23.51 14.05
N ILE A 119 18.36 23.71 13.28
CA ILE A 119 18.41 24.93 12.45
C ILE A 119 17.18 25.17 11.50
N GLN A 120 16.73 24.13 10.80
CA GLN A 120 15.60 24.36 9.91
C GLN A 120 14.32 24.79 10.66
N ALA A 121 13.99 24.05 11.74
CA ALA A 121 12.84 24.35 12.62
C ALA A 121 12.92 25.70 13.27
N LYS A 122 14.14 26.06 13.70
CA LYS A 122 14.32 27.35 14.35
C LYS A 122 14.10 28.49 13.42
N ASN A 123 14.42 28.25 12.15
CA ASN A 123 14.46 29.30 11.15
C ASN A 123 13.07 29.73 10.72
N ASN A 124 12.10 29.12 11.34
CA ASN A 124 10.87 28.73 10.71
C ASN A 124 9.82 28.77 11.84
N GLN A 125 10.31 28.62 13.08
CA GLN A 125 9.51 28.87 14.27
C GLN A 125 8.61 30.11 14.18
N PRO A 126 7.29 29.93 14.22
CA PRO A 126 6.41 31.05 14.45
C PRO A 126 6.67 31.57 15.88
N HIS A 127 6.09 32.74 16.16
CA HIS A 127 6.03 33.25 17.50
C HIS A 127 4.74 32.75 18.09
N ILE A 128 4.83 32.25 19.32
CA ILE A 128 3.81 31.44 19.98
C ILE A 128 3.26 32.13 21.25
N GLU A 129 1.94 32.34 21.26
CA GLU A 129 1.24 32.97 22.36
C GLU A 129 -0.11 32.29 22.57
N GLN A 130 -0.52 32.14 23.83
CA GLN A 130 -1.85 31.58 24.18
C GLN A 130 -2.71 32.75 24.48
N ILE A 131 -3.92 32.80 23.91
CA ILE A 131 -4.91 33.85 24.20
C ILE A 131 -5.93 33.23 25.15
N LEU A 132 -6.29 34.00 26.19
CA LEU A 132 -7.33 33.64 27.16
C LEU A 132 -8.58 34.45 26.91
N VAL A 133 -9.73 33.76 26.97
CA VAL A 133 -11.03 34.28 26.53
C VAL A 133 -12.13 33.90 27.58
N THR A 134 -13.31 34.54 27.55
CA THR A 134 -14.46 34.17 28.43
C THR A 134 -15.75 34.62 27.79
N CYS A 135 -16.88 34.04 28.23
CA CYS A 135 -18.15 34.56 27.79
C CYS A 135 -18.88 35.32 28.88
N PRO A 136 -19.06 36.63 28.71
CA PRO A 136 -19.82 37.45 29.68
C PRO A 136 -21.25 36.90 29.84
N GLU A 137 -21.83 36.40 28.75
CA GLU A 137 -23.18 35.85 28.86
C GLU A 137 -23.22 34.68 29.82
N GLY A 138 -22.06 34.07 30.01
CA GLY A 138 -21.96 32.94 30.91
C GLY A 138 -22.01 31.64 30.14
N CYS A 139 -21.65 31.71 28.85
CA CYS A 139 -21.37 30.52 28.02
C CYS A 139 -20.44 29.55 28.72
N ALA A 140 -20.46 28.28 28.32
CA ALA A 140 -19.64 27.27 29.00
C ALA A 140 -19.54 25.94 28.26
N GLY A 141 -18.58 25.11 28.68
CA GLY A 141 -18.26 23.87 27.99
C GLY A 141 -18.74 23.74 26.54
N ASP A 142 -19.81 22.98 26.35
CA ASP A 142 -20.28 22.65 25.02
C ASP A 142 -20.53 23.86 24.17
N GLU A 143 -21.30 24.81 24.69
CA GLU A 143 -21.48 26.07 23.99
C GLU A 143 -20.14 26.83 23.75
N LEU A 144 -19.22 26.84 24.72
CA LEU A 144 -17.99 27.62 24.55
C LEU A 144 -16.95 27.09 23.50
N ASP A 145 -16.71 25.77 23.48
CA ASP A 145 -15.88 25.13 22.43
C ASP A 145 -16.61 25.26 21.12
N ARG A 146 -17.89 24.97 21.15
CA ARG A 146 -18.71 25.10 19.95
C ARG A 146 -18.48 26.51 19.35
N ARG A 147 -18.47 27.54 20.20
CA ARG A 147 -18.23 28.90 19.76
C ARG A 147 -16.78 29.03 19.27
N LEU A 148 -15.84 28.62 20.12
CA LEU A 148 -14.44 28.64 19.74
C LEU A 148 -14.27 27.81 18.49
N TYR A 149 -15.13 26.83 18.27
CA TYR A 149 -14.99 26.05 17.04
C TYR A 149 -15.28 26.96 15.83
N ILE A 150 -16.40 27.68 15.90
CA ILE A 150 -16.76 28.56 14.83
C ILE A 150 -15.62 29.49 14.66
N ALA A 151 -15.09 29.95 15.78
CA ALA A 151 -14.02 30.94 15.75
C ALA A 151 -12.68 30.55 15.07
N ARG A 152 -12.15 29.36 15.40
CA ARG A 152 -10.87 28.88 14.82
C ARG A 152 -11.03 28.58 13.33
N SER A 153 -12.22 28.18 12.94
CA SER A 153 -12.48 27.99 11.52
C SER A 153 -12.45 29.32 10.78
N ILE A 154 -12.99 30.41 11.37
CA ILE A 154 -12.89 31.70 10.70
C ILE A 154 -11.40 32.07 10.59
N ILE A 155 -10.70 32.08 11.72
CA ILE A 155 -9.26 32.38 11.71
C ILE A 155 -8.52 31.51 10.69
N GLY A 156 -9.02 30.28 10.52
CA GLY A 156 -8.47 29.34 9.55
C GLY A 156 -8.59 29.78 8.10
N LYS A 157 -9.58 30.60 7.79
CA LYS A 157 -9.66 31.04 6.40
C LYS A 157 -8.38 31.81 6.01
N LYS A 158 -7.69 32.43 6.97
CA LYS A 158 -6.40 33.11 6.68
C LYS A 158 -5.15 32.29 7.06
N LEU A 159 -5.28 30.94 7.07
CA LEU A 159 -4.24 30.04 7.61
C LEU A 159 -2.94 30.15 6.86
N ALA A 160 -1.81 30.18 7.60
CA ALA A 160 -0.46 30.32 7.02
C ALA A 160 0.54 29.51 7.81
N GLU A 161 1.75 29.32 7.29
CA GLU A 161 2.78 28.62 8.08
C GLU A 161 3.17 29.42 9.36
N ASP A 162 2.77 30.68 9.31
CA ASP A 162 3.10 31.76 10.22
C ASP A 162 1.88 32.07 11.10
N PHE A 163 0.70 31.53 10.80
CA PHE A 163 -0.52 32.03 11.43
C PHE A 163 -1.58 30.98 11.50
N TYR A 164 -1.65 30.30 12.64
CA TYR A 164 -2.39 29.06 12.72
C TYR A 164 -2.84 28.77 14.13
N VAL A 165 -4.13 28.48 14.34
CA VAL A 165 -4.54 28.10 15.69
C VAL A 165 -4.40 26.57 15.97
N CYS A 166 -3.63 26.23 17.01
CA CYS A 166 -3.30 24.84 17.25
C CYS A 166 -4.48 24.16 17.88
N SER A 167 -5.24 24.98 18.61
CA SER A 167 -6.26 24.53 19.53
C SER A 167 -6.84 25.77 20.18
N PHE A 168 -8.14 25.71 20.45
CA PHE A 168 -8.87 26.83 21.02
C PHE A 168 -10.11 26.21 21.71
N SER A 169 -9.91 25.83 22.97
CA SER A 169 -10.96 25.21 23.76
C SER A 169 -10.95 25.60 25.25
N CYS A 170 -12.10 25.47 25.90
CA CYS A 170 -12.16 25.61 27.35
C CYS A 170 -11.89 24.29 28.03
N ARG A 171 -11.42 23.30 27.27
CA ARG A 171 -11.28 21.93 27.79
C ARG A 171 -9.97 21.26 27.44
N THR A 172 -9.55 21.41 26.19
CA THR A 172 -8.34 20.75 25.72
C THR A 172 -7.38 21.79 25.13
N ILE A 173 -6.05 21.56 25.21
CA ILE A 173 -5.08 22.48 24.56
C ILE A 173 -3.92 21.69 23.86
N VAL A 174 -3.29 22.24 22.82
CA VAL A 174 -2.26 21.46 22.14
C VAL A 174 -0.87 22.08 22.10
N TYR A 175 0.12 21.43 22.67
CA TYR A 175 1.48 21.97 22.54
C TYR A 175 2.20 21.11 21.52
N LYS A 176 2.58 21.70 20.38
CA LYS A 176 3.26 20.97 19.26
C LYS A 176 4.23 21.82 18.44
N GLY A 177 5.14 21.15 17.75
CA GLY A 177 5.98 21.81 16.80
C GLY A 177 7.05 20.93 16.17
N MET A 178 7.95 21.60 15.50
CA MET A 178 8.80 20.91 14.61
C MET A 178 9.98 20.44 15.40
N VAL A 179 9.75 19.54 16.34
CA VAL A 179 10.86 19.08 17.12
C VAL A 179 10.95 17.59 17.02
N ARG A 180 12.16 17.10 17.33
CA ARG A 180 12.41 15.67 17.46
C ARG A 180 11.69 15.24 18.76
N SER A 181 11.19 14.01 18.83
CA SER A 181 10.33 13.70 19.98
C SER A 181 10.87 14.14 21.37
N ILE A 182 12.04 13.69 21.81
CA ILE A 182 12.40 14.10 23.18
C ILE A 182 12.65 15.60 23.32
N ILE A 183 12.69 16.36 22.25
CA ILE A 183 13.00 17.75 22.46
C ILE A 183 11.77 18.53 22.88
N LEU A 184 10.59 17.94 22.67
CA LEU A 184 9.36 18.69 22.85
C LEU A 184 9.25 19.51 24.15
N GLY A 185 9.61 18.89 25.26
CA GLY A 185 9.71 19.59 26.54
C GLY A 185 10.89 20.54 26.68
N GLU A 186 11.98 20.32 25.95
CA GLU A 186 13.09 21.27 26.02
C GLU A 186 12.66 22.52 25.39
N PHE A 187 11.78 22.43 24.40
CA PHE A 187 11.41 23.63 23.67
C PHE A 187 10.36 24.37 24.47
N TYR A 188 9.22 23.73 24.71
CA TYR A 188 8.14 24.36 25.45
C TYR A 188 8.43 24.21 26.93
N LEU A 189 8.55 25.25 27.74
CA LEU A 189 8.99 24.93 29.11
C LEU A 189 7.85 24.64 30.08
N ASP A 190 6.69 25.21 29.82
CA ASP A 190 5.44 24.76 30.43
C ASP A 190 5.41 23.29 30.59
N LEU A 191 5.88 22.50 29.63
CA LEU A 191 5.64 21.04 29.77
C LEU A 191 6.58 20.41 30.80
N LYS A 192 7.59 21.18 31.21
CA LYS A 192 8.45 20.73 32.28
C LYS A 192 8.16 21.38 33.61
N ASN A 193 7.27 22.38 33.60
CA ASN A 193 6.75 23.05 34.79
C ASN A 193 5.80 22.15 35.65
N PRO A 194 6.15 21.90 36.92
CA PRO A 194 5.29 21.02 37.74
C PRO A 194 3.89 21.58 37.90
N GLY A 195 3.66 22.82 37.54
CA GLY A 195 2.32 23.37 37.62
C GLY A 195 1.48 22.86 36.47
N TYR A 196 2.12 22.12 35.56
CA TYR A 196 1.40 21.47 34.49
C TYR A 196 0.88 20.07 34.91
N THR A 197 -0.43 19.94 35.00
CA THR A 197 -1.03 18.67 35.33
C THR A 197 -2.25 18.45 34.46
N SER A 198 -2.50 17.20 34.08
CA SER A 198 -3.64 16.83 33.25
C SER A 198 -4.12 15.41 33.60
N ASN A 199 -5.44 15.14 33.45
CA ASN A 199 -5.95 13.79 33.70
C ASN A 199 -5.60 12.91 32.53
N PHE A 200 -5.20 13.51 31.41
CA PHE A 200 -4.77 12.75 30.26
C PHE A 200 -3.71 13.47 29.42
N ALA A 201 -3.62 13.05 28.18
CA ALA A 201 -2.55 13.41 27.27
C ALA A 201 -2.77 12.57 26.01
N VAL A 202 -2.94 13.20 24.88
CA VAL A 202 -2.79 12.50 23.63
C VAL A 202 -1.47 12.95 23.05
N TYR A 203 -0.56 12.02 22.78
CA TYR A 203 0.69 12.40 22.14
C TYR A 203 0.91 11.80 20.73
N HIS A 204 1.74 12.47 19.92
CA HIS A 204 1.95 12.07 18.54
C HIS A 204 3.36 12.41 18.07
N ARG A 205 4.07 11.47 17.47
CA ARG A 205 5.37 11.76 16.86
C ARG A 205 5.18 11.62 15.32
N ARG A 206 5.64 12.62 14.54
CA ARG A 206 5.33 12.68 13.10
C ARG A 206 6.41 12.08 12.23
N PHE A 207 6.05 11.47 11.09
CA PHE A 207 7.08 11.10 10.12
C PHE A 207 6.68 11.56 8.75
N SER A 208 7.40 12.54 8.21
CA SER A 208 6.96 13.16 6.96
C SER A 208 7.83 12.65 5.84
N THR A 209 7.29 12.72 4.63
CA THR A 209 8.04 12.31 3.48
C THR A 209 8.76 13.51 2.88
N ASN A 210 8.99 14.56 3.65
CA ASN A 210 9.84 15.62 3.13
C ASN A 210 10.87 16.12 4.17
N THR A 211 11.50 17.23 3.87
CA THR A 211 12.67 17.67 4.55
C THR A 211 12.47 19.06 5.10
N MET A 212 11.28 19.59 4.86
CA MET A 212 11.03 21.02 4.95
C MET A 212 9.79 21.16 5.79
N PRO A 213 10.02 21.23 7.12
CA PRO A 213 8.95 21.21 8.15
C PRO A 213 8.14 22.52 8.25
N LYS A 214 6.84 22.39 8.37
CA LYS A 214 5.97 23.54 8.56
C LYS A 214 5.21 23.31 9.86
N TRP A 215 5.45 24.20 10.83
CA TRP A 215 4.92 24.04 12.17
C TRP A 215 3.41 23.66 12.33
N PRO A 216 2.48 24.28 11.57
CA PRO A 216 1.09 23.85 11.69
C PRO A 216 0.93 22.41 11.38
N LEU A 217 1.89 21.80 10.71
CA LEU A 217 1.64 20.43 10.30
C LEU A 217 1.99 19.36 11.36
N ALA A 218 2.84 19.73 12.33
CA ALA A 218 3.02 18.87 13.50
C ALA A 218 1.63 18.43 14.01
N GLN A 219 1.59 17.39 14.85
CA GLN A 219 0.33 16.79 14.87
C GLN A 219 -0.27 15.93 15.90
N PRO A 220 -0.73 16.42 17.05
CA PRO A 220 -2.15 16.22 17.38
C PRO A 220 -2.85 17.43 16.86
N MET A 221 -3.79 17.20 15.96
CA MET A 221 -4.66 18.29 15.48
C MET A 221 -5.50 18.84 16.64
N ARG A 222 -6.61 19.48 16.29
CA ARG A 222 -7.46 20.09 17.27
C ARG A 222 -8.22 19.00 17.98
N LEU A 223 -8.18 17.82 17.41
CA LEU A 223 -9.06 16.83 17.96
C LEU A 223 -8.42 15.48 17.97
N LEU A 224 -7.59 15.21 16.97
CA LEU A 224 -7.07 13.88 16.87
C LEU A 224 -5.72 13.99 16.39
N GLY A 225 -4.89 13.10 16.86
CA GLY A 225 -3.67 12.81 16.18
C GLY A 225 -4.12 11.60 15.43
N HIS A 226 -3.47 11.41 14.30
CA HIS A 226 -3.80 10.40 13.32
C HIS A 226 -2.55 9.83 12.78
N ASN A 227 -2.34 8.54 13.00
CA ASN A 227 -1.25 7.85 12.42
C ASN A 227 -1.77 6.91 11.32
N GLY A 228 -1.46 7.19 10.05
CA GLY A 228 -1.87 6.32 8.93
C GLY A 228 -1.81 7.03 7.59
N GLU A 229 -2.57 6.61 6.60
CA GLU A 229 -2.72 7.37 5.35
C GLU A 229 -4.14 7.21 4.86
N ILE A 230 -4.82 8.30 4.55
CA ILE A 230 -6.09 8.12 3.90
C ILE A 230 -5.76 7.76 2.47
N ASN A 231 -6.24 6.60 2.02
CA ASN A 231 -5.94 6.16 0.67
C ASN A 231 -7.08 6.39 -0.28
N THR A 232 -8.16 6.99 0.20
CA THR A 232 -9.24 7.41 -0.70
C THR A 232 -9.49 8.87 -0.58
N LEU A 233 -8.44 9.65 -0.32
CA LEU A 233 -8.62 11.07 -0.01
C LEU A 233 -9.47 11.86 -0.98
N LEU A 234 -9.13 11.81 -2.25
CA LEU A 234 -9.69 12.74 -3.21
C LEU A 234 -11.20 12.50 -3.29
N GLY A 235 -11.60 11.24 -3.17
CA GLY A 235 -13.00 10.84 -3.05
C GLY A 235 -13.62 11.47 -1.84
N ASN A 236 -13.36 10.93 -0.65
CA ASN A 236 -13.90 11.50 0.58
C ASN A 236 -14.01 13.04 0.62
N ILE A 237 -12.95 13.72 0.18
CA ILE A 237 -12.94 15.17 0.14
C ILE A 237 -14.05 15.60 -0.81
N ASN A 238 -14.00 15.19 -2.08
CA ASN A 238 -15.04 15.53 -3.06
C ASN A 238 -16.49 15.34 -2.54
N TRP A 239 -16.76 14.27 -1.79
CA TRP A 239 -18.11 14.02 -1.31
C TRP A 239 -18.48 14.98 -0.21
N MET A 240 -17.61 15.11 0.79
CA MET A 240 -17.79 16.13 1.83
C MET A 240 -18.00 17.50 1.24
N ALA A 241 -17.12 17.85 0.33
CA ALA A 241 -17.12 19.17 -0.25
C ALA A 241 -18.50 19.41 -0.87
N ALA A 242 -19.10 18.36 -1.42
CA ALA A 242 -20.47 18.49 -1.91
C ALA A 242 -21.55 18.58 -0.81
N ARG A 243 -21.34 18.01 0.37
CA ARG A 243 -22.27 18.20 1.51
C ARG A 243 -22.36 19.66 1.97
N GLU A 244 -21.47 20.51 1.48
CA GLU A 244 -21.12 21.69 2.25
C GLU A 244 -22.11 22.83 2.19
N LYS A 245 -22.80 23.00 1.06
CA LYS A 245 -23.82 24.07 1.04
C LYS A 245 -25.11 23.62 1.61
N GLU A 246 -25.29 22.32 1.81
CA GLU A 246 -26.56 21.88 2.28
C GLU A 246 -26.51 21.38 3.69
N LEU A 247 -25.53 21.86 4.44
CA LEU A 247 -25.50 21.56 5.86
C LEU A 247 -26.73 22.11 6.65
N GLU A 248 -27.39 21.20 7.37
CA GLU A 248 -28.57 21.50 8.16
C GLU A 248 -28.50 20.80 9.50
N VAL A 249 -28.58 21.57 10.60
CA VAL A 249 -28.64 20.98 11.95
C VAL A 249 -29.52 21.71 13.01
N SER A 250 -29.82 20.96 14.08
CA SER A 250 -30.42 21.45 15.35
C SER A 250 -30.01 22.90 15.72
N GLY A 251 -30.94 23.79 15.39
CA GLY A 251 -30.76 25.21 15.62
C GLY A 251 -29.57 25.90 14.97
N TRP A 252 -28.42 25.20 14.78
CA TRP A 252 -27.25 25.77 14.06
C TRP A 252 -27.62 26.69 12.87
N THR A 253 -27.23 27.96 12.94
CA THR A 253 -27.60 28.97 11.95
C THR A 253 -26.98 28.76 10.58
N LYS A 254 -27.73 29.09 9.53
CA LYS A 254 -27.21 28.99 8.15
C LYS A 254 -26.02 29.92 7.96
N ALA A 255 -25.92 30.95 8.80
CA ALA A 255 -24.72 31.76 8.85
C ALA A 255 -23.55 31.11 9.62
N GLU A 256 -23.85 30.30 10.64
CA GLU A 256 -22.77 29.71 11.42
C GLU A 256 -22.15 28.57 10.64
N LEU A 257 -23.00 27.77 10.01
CA LEU A 257 -22.53 26.66 9.20
C LEU A 257 -21.72 27.18 8.02
N GLU A 258 -22.24 28.22 7.35
CA GLU A 258 -21.53 28.85 6.22
C GLU A 258 -20.18 29.33 6.69
N ALA A 259 -20.03 29.45 8.00
CA ALA A 259 -18.81 30.01 8.55
C ALA A 259 -17.66 28.98 8.48
N LEU A 260 -17.96 27.72 8.80
CA LEU A 260 -17.04 26.62 8.48
C LEU A 260 -16.89 26.45 6.94
N THR A 261 -17.05 27.55 6.17
CA THR A 261 -17.51 27.53 4.77
C THR A 261 -17.03 26.27 4.10
N PRO A 262 -15.70 26.20 3.85
CA PRO A 262 -14.99 24.98 3.39
C PRO A 262 -14.34 24.21 4.53
N ILE A 263 -14.97 23.12 4.93
CA ILE A 263 -14.43 22.39 6.06
C ILE A 263 -13.45 21.35 5.57
N VAL A 264 -13.33 21.17 4.27
CA VAL A 264 -12.42 20.14 3.78
C VAL A 264 -11.68 20.66 2.56
N ASN A 265 -10.45 20.24 2.33
CA ASN A 265 -9.66 20.89 1.29
C ASN A 265 -8.54 20.03 0.69
N GLN A 266 -8.61 19.81 -0.63
CA GLN A 266 -7.55 19.16 -1.42
C GLN A 266 -6.14 19.48 -0.91
N ALA A 267 -5.80 20.77 -0.84
CA ALA A 267 -4.46 21.27 -0.48
C ALA A 267 -3.92 20.76 0.87
N ASN A 268 -4.79 20.67 1.88
CA ASN A 268 -4.40 20.13 3.18
C ASN A 268 -4.22 18.63 3.23
N SER A 269 -3.72 18.16 4.37
CA SER A 269 -3.24 16.80 4.49
C SER A 269 -4.37 15.86 4.80
N ASP A 270 -4.14 14.57 4.68
CA ASP A 270 -5.21 13.68 5.08
C ASP A 270 -5.58 13.89 6.56
N SER A 271 -4.66 14.42 7.38
CA SER A 271 -4.96 14.48 8.80
C SER A 271 -5.74 15.72 9.14
N TYR A 272 -5.27 16.86 8.64
CA TYR A 272 -5.99 18.11 8.80
C TYR A 272 -7.42 17.84 8.38
N ASN A 273 -7.61 17.38 7.14
CA ASN A 273 -8.92 17.02 6.63
C ASN A 273 -9.77 16.06 7.50
N LEU A 274 -9.12 15.09 8.14
CA LEU A 274 -9.89 14.12 8.92
C LEU A 274 -10.32 14.78 10.19
N ASP A 275 -9.40 15.54 10.77
CA ASP A 275 -9.66 16.18 12.04
C ASP A 275 -10.82 17.11 11.84
N SER A 276 -10.66 18.00 10.87
CA SER A 276 -11.70 18.93 10.52
C SER A 276 -13.06 18.21 10.41
N ALA A 277 -13.07 17.06 9.75
CA ALA A 277 -14.32 16.35 9.48
C ALA A 277 -14.80 15.77 10.75
N LEU A 278 -13.87 15.19 11.48
CA LEU A 278 -14.27 14.58 12.71
C LEU A 278 -14.91 15.68 13.56
N GLU A 279 -14.28 16.86 13.61
CA GLU A 279 -14.80 18.00 14.39
C GLU A 279 -16.26 18.26 14.04
N LEU A 280 -16.55 18.50 12.75
CA LEU A 280 -17.90 18.80 12.32
C LEU A 280 -18.86 17.83 12.98
N LEU A 281 -18.56 16.54 12.83
CA LEU A 281 -19.39 15.52 13.43
C LEU A 281 -19.58 15.75 14.92
N VAL A 282 -18.49 16.08 15.61
CA VAL A 282 -18.58 16.15 17.05
C VAL A 282 -19.36 17.35 17.54
N ARG A 283 -18.79 18.53 17.30
CA ARG A 283 -19.45 19.79 17.58
C ARG A 283 -20.93 19.81 17.20
N THR A 284 -21.34 19.06 16.16
CA THR A 284 -22.77 19.01 15.79
C THR A 284 -23.61 17.95 16.48
N GLY A 285 -23.02 17.24 17.44
CA GLY A 285 -23.81 16.66 18.51
C GLY A 285 -23.48 15.21 18.77
N ARG A 286 -22.39 14.75 18.16
CA ARG A 286 -21.97 13.37 18.37
C ARG A 286 -20.70 13.38 19.19
N SER A 287 -20.35 12.20 19.74
CA SER A 287 -19.14 12.07 20.53
C SER A 287 -18.08 11.53 19.63
N PRO A 288 -16.84 11.98 19.84
CA PRO A 288 -15.74 11.60 18.96
C PRO A 288 -15.80 10.11 18.61
N LEU A 289 -16.22 9.28 19.57
CA LEU A 289 -16.29 7.84 19.36
C LEU A 289 -17.25 7.55 18.26
N GLU A 290 -18.44 8.13 18.32
CA GLU A 290 -19.40 7.87 17.26
C GLU A 290 -18.99 8.47 15.90
N ALA A 291 -18.45 9.67 15.90
CA ALA A 291 -18.01 10.33 14.66
C ALA A 291 -16.99 9.49 13.95
N ALA A 292 -16.03 8.96 14.71
CA ALA A 292 -15.06 8.00 14.15
C ALA A 292 -15.77 6.74 13.58
N MET A 293 -16.78 6.22 14.28
CA MET A 293 -17.59 5.16 13.71
C MET A 293 -18.20 5.53 12.38
N ILE A 294 -18.92 6.63 12.28
CA ILE A 294 -19.37 7.01 10.96
C ILE A 294 -18.24 7.03 9.93
N LEU A 295 -17.12 7.70 10.20
CA LEU A 295 -16.10 7.95 9.16
C LEU A 295 -15.06 6.87 8.91
N VAL A 296 -14.80 6.01 9.87
CA VAL A 296 -13.84 4.94 9.71
C VAL A 296 -14.51 3.69 10.30
N PRO A 297 -15.67 3.34 9.70
CA PRO A 297 -16.48 2.17 10.05
C PRO A 297 -15.65 0.96 10.15
N GLU A 298 -15.84 0.19 11.21
CA GLU A 298 -15.51 -1.22 11.26
C GLU A 298 -15.89 -1.92 9.95
N ALA A 299 -15.25 -3.05 9.72
CA ALA A 299 -15.74 -4.03 8.77
C ALA A 299 -16.74 -4.98 9.49
N TYR A 300 -18.05 -4.70 9.39
CA TYR A 300 -19.09 -5.50 10.11
C TYR A 300 -19.55 -6.78 9.42
N LYS A 301 -19.70 -6.77 8.08
CA LYS A 301 -20.17 -7.97 7.39
C LYS A 301 -19.34 -9.16 7.83
N ASN A 302 -20.01 -10.29 8.08
CA ASN A 302 -19.35 -11.49 8.53
C ASN A 302 -18.57 -11.32 9.81
N GLN A 303 -19.15 -10.88 10.93
CA GLN A 303 -18.25 -10.75 12.07
C GLN A 303 -18.73 -11.46 13.33
N PRO A 304 -18.29 -12.71 13.52
CA PRO A 304 -18.72 -13.56 14.65
C PRO A 304 -18.93 -12.82 15.97
N ALA A 305 -18.06 -11.84 16.17
CA ALA A 305 -18.07 -10.97 17.31
C ALA A 305 -19.27 -10.00 17.35
N LEU A 306 -20.03 -9.87 16.25
CA LEU A 306 -21.29 -9.11 16.26
C LEU A 306 -22.61 -9.90 16.46
N LYS A 307 -22.51 -11.22 16.71
CA LYS A 307 -23.67 -12.09 16.92
C LYS A 307 -24.77 -11.44 17.76
N ASP A 308 -24.44 -11.13 19.01
CA ASP A 308 -25.36 -10.55 19.99
C ASP A 308 -25.23 -9.05 20.10
N TYR A 309 -24.91 -8.42 18.97
CA TYR A 309 -24.90 -6.96 18.92
C TYR A 309 -25.55 -6.40 17.65
N PRO A 310 -26.65 -7.01 17.22
CA PRO A 310 -27.29 -6.64 15.96
C PRO A 310 -27.63 -5.17 15.87
N GLU A 311 -27.62 -4.42 16.98
CA GLU A 311 -27.81 -2.98 16.89
C GLU A 311 -26.74 -2.31 15.98
N ILE A 312 -25.49 -2.67 16.20
CA ILE A 312 -24.40 -1.99 15.52
C ILE A 312 -24.26 -2.43 14.07
N SER A 313 -24.69 -3.65 13.80
CA SER A 313 -24.67 -4.14 12.43
C SER A 313 -25.59 -3.21 11.69
N ASP A 314 -26.64 -2.75 12.37
CA ASP A 314 -27.56 -1.83 11.73
C ASP A 314 -27.06 -0.40 11.77
N PHE A 315 -26.24 -0.04 12.77
CA PHE A 315 -25.66 1.28 12.66
C PHE A 315 -24.88 1.54 11.40
N HIS A 316 -23.95 0.64 11.08
CA HIS A 316 -23.14 0.81 9.87
C HIS A 316 -23.96 0.36 8.66
N ASP A 317 -24.94 -0.50 8.88
CA ASP A 317 -25.78 -0.90 7.78
C ASP A 317 -26.40 0.36 7.23
N TYR A 318 -26.89 1.17 8.17
CA TYR A 318 -27.46 2.47 7.88
C TYR A 318 -26.40 3.41 7.29
N TYR A 319 -25.36 3.73 8.06
CA TYR A 319 -24.44 4.84 7.69
C TYR A 319 -23.75 4.56 6.37
N SER A 320 -23.58 3.27 6.13
CA SER A 320 -23.08 2.78 4.87
C SER A 320 -23.71 3.41 3.60
N GLY A 321 -25.00 3.69 3.62
CA GLY A 321 -25.60 4.36 2.49
C GLY A 321 -25.26 5.84 2.43
N LEU A 322 -25.02 6.40 3.61
CA LEU A 322 -24.77 7.82 3.75
C LEU A 322 -23.29 8.19 3.56
N GLN A 323 -22.42 7.60 4.39
CA GLN A 323 -20.99 7.96 4.50
C GLN A 323 -20.03 6.77 4.19
N GLU A 324 -19.27 6.92 3.11
CA GLU A 324 -18.27 5.94 2.63
C GLU A 324 -17.02 6.05 3.50
N PRO A 325 -16.29 4.96 3.75
CA PRO A 325 -15.21 5.02 4.73
C PRO A 325 -14.04 5.92 4.27
N TRP A 326 -13.35 6.61 5.20
CA TRP A 326 -12.03 7.25 4.94
C TRP A 326 -11.01 6.13 5.09
N ASP A 327 -10.77 5.50 3.97
CA ASP A 327 -10.04 4.28 4.10
C ASP A 327 -8.52 4.51 4.25
N GLY A 328 -7.82 3.39 4.39
CA GLY A 328 -6.39 3.36 4.55
C GLY A 328 -6.12 3.08 6.00
N PRO A 329 -4.86 2.82 6.34
CA PRO A 329 -4.47 2.49 7.71
C PRO A 329 -4.67 3.72 8.54
N ALA A 330 -4.78 3.51 9.84
CA ALA A 330 -5.19 4.57 10.76
C ALA A 330 -5.28 4.06 12.17
N LEU A 331 -4.48 4.63 13.05
CA LEU A 331 -4.73 4.59 14.50
C LEU A 331 -5.18 5.98 14.82
N LEU A 332 -6.37 6.11 15.33
CA LEU A 332 -6.94 7.42 15.61
C LEU A 332 -6.93 7.60 17.10
N VAL A 333 -6.38 8.70 17.60
CA VAL A 333 -6.37 8.92 19.03
C VAL A 333 -6.84 10.33 19.20
N PHE A 334 -7.88 10.50 20.00
CA PHE A 334 -8.62 11.76 19.99
C PHE A 334 -9.17 12.15 21.34
N SER A 335 -9.40 13.46 21.52
CA SER A 335 -10.04 13.87 22.74
C SER A 335 -10.85 15.12 22.62
N ASP A 336 -11.77 15.19 23.54
CA ASP A 336 -12.94 16.00 23.57
C ASP A 336 -12.70 16.96 24.73
N GLY A 337 -11.83 16.54 25.64
CA GLY A 337 -11.85 16.98 27.01
C GLY A 337 -12.75 16.04 27.79
N LYS A 338 -13.93 15.80 27.20
CA LYS A 338 -14.92 14.98 27.86
C LYS A 338 -14.51 13.52 27.73
N ILE A 339 -14.10 13.10 26.53
CA ILE A 339 -13.71 11.70 26.32
C ILE A 339 -12.31 11.63 25.74
N VAL A 340 -11.51 10.64 26.14
CA VAL A 340 -10.35 10.33 25.30
C VAL A 340 -10.38 8.88 24.87
N GLY A 341 -10.17 8.66 23.58
CA GLY A 341 -10.19 7.32 23.01
C GLY A 341 -9.31 7.09 21.80
N ALA A 342 -9.25 5.83 21.41
CA ALA A 342 -8.42 5.39 20.29
C ALA A 342 -9.23 4.40 19.53
N GLY A 343 -9.10 4.39 18.22
CA GLY A 343 -9.72 3.34 17.46
C GLY A 343 -8.98 3.16 16.16
N LEU A 344 -9.07 1.96 15.58
CA LEU A 344 -8.31 1.59 14.40
C LEU A 344 -9.11 1.63 13.13
N ASP A 345 -8.44 1.78 11.98
CA ASP A 345 -9.11 1.59 10.69
C ASP A 345 -9.69 0.16 10.60
N ARG A 346 -10.45 -0.16 9.57
CA ARG A 346 -11.18 -1.41 9.53
C ARG A 346 -10.30 -2.64 9.46
N ASN A 347 -9.13 -2.47 8.86
CA ASN A 347 -8.19 -3.56 8.63
C ASN A 347 -7.12 -3.64 9.76
N GLY A 348 -7.06 -2.53 10.51
CA GLY A 348 -6.25 -2.44 11.71
C GLY A 348 -4.83 -2.46 11.24
N LEU A 349 -4.48 -1.46 10.45
CA LEU A 349 -3.22 -1.54 9.79
C LEU A 349 -2.13 -0.82 10.57
N ARG A 350 -2.43 -0.43 11.81
CA ARG A 350 -1.45 0.21 12.65
C ARG A 350 -1.56 -0.39 14.01
N PRO A 351 -0.48 -0.72 14.71
CA PRO A 351 -0.56 -1.37 16.01
C PRO A 351 -1.07 -0.42 17.07
N ALA A 352 -1.88 -0.91 18.00
CA ALA A 352 -2.35 -0.19 19.16
C ALA A 352 -2.34 -1.15 20.36
N ARG A 353 -1.29 -1.05 21.17
CA ARG A 353 -1.15 -1.70 22.46
C ARG A 353 -1.56 -0.80 23.63
N TYR A 354 -2.27 -1.38 24.58
CA TYR A 354 -2.77 -0.62 25.73
C TYR A 354 -2.63 -1.39 27.03
N CYS A 355 -2.63 -0.67 28.14
CA CYS A 355 -2.32 -1.26 29.45
C CYS A 355 -3.23 -0.69 30.53
N ILE A 356 -3.75 -1.53 31.42
CA ILE A 356 -4.57 -0.99 32.50
C ILE A 356 -4.16 -1.44 33.90
N THR A 357 -4.15 -0.49 34.84
CA THR A 357 -3.80 -0.80 36.25
C THR A 357 -5.02 -1.07 37.09
N LYS A 358 -4.79 -1.72 38.22
CA LYS A 358 -5.79 -1.83 39.30
C LYS A 358 -6.54 -0.52 39.59
N ASP A 359 -5.91 0.60 39.29
CA ASP A 359 -6.51 1.89 39.54
C ASP A 359 -7.14 2.45 38.30
N ASP A 360 -7.19 1.66 37.25
CA ASP A 360 -7.86 2.05 36.02
C ASP A 360 -7.09 3.18 35.34
N TYR A 361 -5.79 3.27 35.64
CA TYR A 361 -4.83 4.06 34.88
C TYR A 361 -4.68 3.34 33.58
N ILE A 362 -4.78 4.06 32.48
CA ILE A 362 -4.68 3.44 31.16
C ILE A 362 -3.59 4.04 30.27
N VAL A 363 -2.90 3.20 29.52
CA VAL A 363 -1.93 3.68 28.55
C VAL A 363 -2.18 2.98 27.25
N LEU A 364 -2.53 3.72 26.21
CA LEU A 364 -2.48 3.19 24.86
C LEU A 364 -1.38 3.83 23.97
N GLY A 365 -0.92 3.08 22.98
CA GLY A 365 0.00 3.66 22.02
C GLY A 365 0.39 2.69 20.92
N SER A 366 1.15 3.14 19.94
CA SER A 366 1.66 2.24 18.90
C SER A 366 2.55 1.15 19.45
N GLU A 367 3.13 1.34 20.62
CA GLU A 367 4.03 0.30 21.10
C GLU A 367 3.87 -0.01 22.57
N ALA A 368 4.26 -1.22 22.92
CA ALA A 368 4.06 -1.72 24.22
C ALA A 368 4.89 -0.98 25.23
N GLY A 369 6.14 -1.38 25.44
CA GLY A 369 6.75 -1.09 26.74
C GLY A 369 7.11 0.37 27.01
N VAL A 370 6.15 1.27 26.91
CA VAL A 370 6.50 2.64 26.56
C VAL A 370 6.42 3.59 27.75
N VAL A 371 5.25 3.64 28.38
CA VAL A 371 5.09 4.26 29.67
C VAL A 371 5.35 3.19 30.72
N ASP A 372 5.98 3.57 31.81
CA ASP A 372 6.67 2.65 32.68
C ASP A 372 5.93 2.33 34.04
N LEU A 373 4.77 1.70 33.91
CA LEU A 373 3.94 1.34 35.06
C LEU A 373 4.60 0.29 35.95
N PRO A 374 4.11 0.08 37.18
CA PRO A 374 4.79 -0.87 38.05
C PRO A 374 4.21 -2.28 37.80
N GLU A 375 5.00 -3.16 37.20
CA GLU A 375 4.44 -4.41 36.70
C GLU A 375 3.54 -5.17 37.70
N VAL A 376 3.95 -5.17 38.97
CA VAL A 376 3.22 -5.83 40.08
C VAL A 376 1.72 -5.56 40.11
N ASP A 377 1.28 -4.60 39.30
CA ASP A 377 -0.05 -4.07 39.47
C ASP A 377 -0.81 -3.75 38.14
N ILE A 378 -0.35 -4.33 37.03
CA ILE A 378 -1.14 -4.33 35.80
C ILE A 378 -2.34 -5.30 35.87
N VAL A 379 -3.45 -4.96 35.19
CA VAL A 379 -4.73 -5.68 35.30
C VAL A 379 -5.23 -6.19 33.92
N GLU A 380 -4.75 -5.59 32.86
CA GLU A 380 -5.02 -6.05 31.51
C GLU A 380 -3.78 -5.57 30.70
N LYS A 381 -3.51 -6.27 29.61
CA LYS A 381 -2.60 -5.81 28.55
C LYS A 381 -3.32 -6.37 27.36
N GLY A 382 -3.79 -5.48 26.51
CA GLY A 382 -4.58 -5.85 25.36
C GLY A 382 -4.13 -5.04 24.16
N ARG A 383 -5.03 -4.87 23.21
CA ARG A 383 -4.65 -4.29 21.94
C ARG A 383 -5.89 -4.09 21.17
N LEU A 384 -5.96 -3.12 20.28
CA LEU A 384 -7.14 -3.04 19.45
C LEU A 384 -7.02 -3.85 18.15
N ALA A 385 -7.81 -4.90 18.04
CA ALA A 385 -8.05 -5.67 16.84
C ALA A 385 -8.82 -4.85 15.78
N PRO A 386 -8.83 -5.27 14.53
CA PRO A 386 -9.31 -4.39 13.46
C PRO A 386 -10.68 -3.83 13.69
N GLY A 387 -10.80 -2.51 13.77
CA GLY A 387 -12.08 -1.84 13.94
C GLY A 387 -12.34 -1.37 15.37
N GLN A 388 -11.69 -2.02 16.33
CA GLN A 388 -11.95 -1.79 17.74
C GLN A 388 -11.60 -0.35 18.20
N MET A 389 -12.33 0.15 19.21
CA MET A 389 -12.01 1.41 19.88
C MET A 389 -11.87 1.10 21.33
N ILE A 390 -11.25 2.01 22.07
CA ILE A 390 -11.28 1.94 23.54
C ILE A 390 -11.21 3.32 24.08
N ALA A 391 -12.03 3.64 25.04
CA ALA A 391 -12.04 5.03 25.47
C ALA A 391 -12.00 5.20 26.95
N VAL A 392 -12.01 6.46 27.32
CA VAL A 392 -12.14 6.84 28.72
C VAL A 392 -13.09 8.02 28.77
N ASP A 393 -13.82 8.08 29.88
CA ASP A 393 -14.89 9.04 30.10
C ASP A 393 -14.62 9.72 31.44
N LEU A 394 -14.68 11.05 31.44
CA LEU A 394 -14.47 11.93 32.60
C LEU A 394 -14.99 11.51 33.98
N ALA A 395 -16.28 11.11 34.05
CA ALA A 395 -16.92 10.23 35.07
C ALA A 395 -16.26 8.87 35.37
N GLU A 396 -14.93 8.80 35.25
CA GLU A 396 -14.07 7.71 35.77
C GLU A 396 -14.18 6.26 35.27
N GLN A 397 -14.51 6.08 34.00
CA GLN A 397 -14.74 4.73 33.51
C GLN A 397 -13.94 4.54 32.20
N LYS A 398 -13.33 3.37 32.03
CA LYS A 398 -12.73 3.01 30.77
C LYS A 398 -13.88 2.42 29.91
N ILE A 399 -13.74 2.35 28.58
CA ILE A 399 -14.90 1.94 27.79
C ILE A 399 -14.48 1.02 26.60
N LEU A 400 -14.62 -0.30 26.76
CA LEU A 400 -14.06 -1.27 25.77
C LEU A 400 -14.98 -1.37 24.54
N LYS A 401 -14.56 -1.99 23.44
CA LYS A 401 -15.21 -1.74 22.14
C LYS A 401 -16.70 -2.04 22.21
N ASN A 402 -17.05 -3.12 22.90
CA ASN A 402 -18.45 -3.50 22.94
C ASN A 402 -19.41 -2.41 23.49
N TYR A 403 -19.18 -1.81 24.68
CA TYR A 403 -20.15 -0.77 25.14
C TYR A 403 -20.32 0.25 24.05
N GLN A 404 -19.53 1.31 24.19
CA GLN A 404 -18.94 1.95 23.05
C GLN A 404 -19.83 2.02 21.84
N ILE A 405 -19.68 0.99 21.02
CA ILE A 405 -20.41 0.90 19.78
C ILE A 405 -21.93 0.64 20.07
N LYS A 406 -22.27 -0.22 21.02
CA LYS A 406 -23.69 -0.30 21.43
C LYS A 406 -24.27 1.08 21.82
N GLN A 407 -23.48 1.90 22.52
CA GLN A 407 -23.97 3.20 22.95
C GLN A 407 -24.41 4.12 21.80
N GLN A 408 -23.87 3.94 20.58
CA GLN A 408 -24.63 4.51 19.46
C GLN A 408 -25.47 3.54 18.63
N ALA A 409 -25.29 2.27 18.92
CA ALA A 409 -26.34 1.35 18.58
C ALA A 409 -27.63 1.79 19.29
N ALA A 410 -27.64 1.75 20.63
CA ALA A 410 -28.82 2.08 21.44
C ALA A 410 -29.68 3.23 20.87
N GLN A 411 -29.10 4.41 20.60
CA GLN A 411 -29.94 5.59 20.23
C GLN A 411 -30.23 5.83 18.73
N LYS A 412 -30.98 6.90 18.40
CA LYS A 412 -31.37 7.25 17.02
C LYS A 412 -31.87 6.01 16.27
N TYR A 413 -32.29 5.03 17.06
CA TYR A 413 -32.23 3.63 16.69
C TYR A 413 -32.72 3.22 15.31
N PRO A 414 -33.92 3.63 14.85
CA PRO A 414 -34.65 2.87 13.81
C PRO A 414 -33.79 1.80 13.07
N TYR A 415 -32.45 1.88 13.20
CA TYR A 415 -31.43 0.86 12.81
C TYR A 415 -31.94 -0.20 11.86
N GLY A 416 -32.32 -1.36 12.39
CA GLY A 416 -33.03 -2.37 11.63
C GLY A 416 -34.49 -2.01 11.54
N GLU A 417 -34.93 -1.02 12.32
CA GLU A 417 -36.36 -0.66 12.31
C GLU A 417 -36.70 0.11 11.04
N TRP A 418 -35.86 1.09 10.71
CA TRP A 418 -36.13 2.01 9.61
C TRP A 418 -35.52 1.46 8.32
N ILE A 419 -34.53 0.56 8.46
CA ILE A 419 -33.85 -0.01 7.30
C ILE A 419 -34.81 -0.85 6.52
N LYS A 420 -35.42 -1.79 7.24
CA LYS A 420 -36.55 -2.57 6.78
C LYS A 420 -37.53 -1.67 6.07
N ILE A 421 -37.95 -0.63 6.77
CA ILE A 421 -39.00 0.21 6.28
C ILE A 421 -38.65 1.10 5.05
N GLN A 422 -37.35 1.29 4.69
CA GLN A 422 -36.98 2.14 3.51
C GLN A 422 -38.08 2.14 2.48
N ASP A 439 -30.25 -11.08 -32.51
CA ASP A 439 -31.05 -11.63 -33.60
C ASP A 439 -30.41 -11.70 -35.00
N ALA A 440 -29.88 -10.58 -35.49
CA ALA A 440 -29.17 -10.59 -36.76
C ALA A 440 -27.73 -10.71 -36.31
N GLN A 441 -26.80 -10.24 -37.14
CA GLN A 441 -25.41 -10.19 -36.73
C GLN A 441 -24.93 -8.77 -36.94
N THR A 442 -25.65 -7.84 -36.28
CA THR A 442 -25.34 -6.42 -36.19
C THR A 442 -24.44 -6.35 -34.98
N VAL A 443 -24.67 -7.32 -34.08
CA VAL A 443 -23.83 -7.52 -32.88
C VAL A 443 -22.36 -7.51 -33.24
N LEU A 444 -22.07 -8.09 -34.38
CA LEU A 444 -20.77 -8.02 -35.00
C LEU A 444 -20.34 -6.59 -35.26
N GLN A 445 -21.26 -5.63 -35.35
CA GLN A 445 -20.79 -4.27 -35.67
C GLN A 445 -21.17 -3.08 -34.79
N GLN A 446 -22.20 -3.27 -33.97
CA GLN A 446 -22.20 -2.60 -32.68
C GLN A 446 -20.81 -2.79 -32.06
N GLN A 447 -20.49 -4.04 -31.75
CA GLN A 447 -19.16 -4.39 -31.28
C GLN A 447 -18.07 -3.57 -31.98
N ALA A 448 -18.20 -3.43 -33.29
CA ALA A 448 -17.11 -2.84 -34.04
C ALA A 448 -16.96 -1.38 -33.71
N ALA A 449 -18.10 -0.71 -33.51
CA ALA A 449 -18.19 0.75 -33.41
C ALA A 449 -18.06 1.26 -31.99
N PHE A 450 -18.54 0.48 -31.02
CA PHE A 450 -18.18 0.80 -29.65
C PHE A 450 -16.73 0.53 -29.35
N GLY A 451 -15.97 0.02 -30.31
CA GLY A 451 -14.52 -0.12 -30.19
C GLY A 451 -13.98 -1.48 -29.70
N TYR A 452 -14.83 -2.51 -29.68
CA TYR A 452 -14.35 -3.87 -29.47
C TYR A 452 -13.40 -4.29 -30.59
N THR A 453 -12.51 -5.25 -30.30
CA THR A 453 -11.50 -5.71 -31.25
C THR A 453 -11.50 -7.20 -31.13
N ALA A 454 -10.91 -7.90 -32.10
CA ALA A 454 -10.93 -9.37 -32.09
C ALA A 454 -10.39 -9.86 -30.74
N GLU A 455 -9.29 -9.24 -30.32
CA GLU A 455 -8.59 -9.64 -29.13
C GLU A 455 -9.43 -9.39 -27.87
N ASP A 456 -10.16 -8.28 -27.86
CA ASP A 456 -10.99 -7.95 -26.71
C ASP A 456 -12.00 -9.03 -26.40
N VAL A 457 -12.61 -9.58 -27.42
CA VAL A 457 -13.63 -10.56 -27.14
C VAL A 457 -13.02 -11.96 -27.02
N GLU A 458 -12.11 -12.29 -27.93
CA GLU A 458 -11.51 -13.64 -27.98
C GLU A 458 -10.70 -13.85 -26.73
N MET A 459 -9.83 -12.88 -26.44
CA MET A 459 -8.78 -13.02 -25.45
C MET A 459 -9.15 -12.55 -24.06
N VAL A 460 -10.27 -11.81 -23.96
CA VAL A 460 -10.71 -11.16 -22.72
C VAL A 460 -12.16 -11.54 -22.31
N VAL A 461 -13.20 -11.10 -23.04
CA VAL A 461 -14.58 -11.42 -22.62
C VAL A 461 -14.82 -12.92 -22.56
N VAL A 462 -14.44 -13.63 -23.62
CA VAL A 462 -14.61 -15.09 -23.69
C VAL A 462 -13.98 -15.87 -22.51
N PRO A 463 -12.68 -15.70 -22.26
CA PRO A 463 -12.10 -16.34 -21.09
C PRO A 463 -12.89 -15.96 -19.83
N MET A 464 -13.30 -14.70 -19.66
CA MET A 464 -14.01 -14.36 -18.44
C MET A 464 -15.28 -15.20 -18.37
N ALA A 465 -15.90 -15.43 -19.53
CA ALA A 465 -17.20 -16.01 -19.58
C ALA A 465 -17.10 -17.51 -19.44
N SER A 466 -16.01 -18.08 -19.97
CA SER A 466 -15.91 -19.54 -19.93
C SER A 466 -15.30 -20.09 -18.67
N GLN A 467 -14.33 -19.36 -18.15
CA GLN A 467 -13.68 -19.76 -16.92
C GLN A 467 -14.07 -18.94 -15.68
N GLY A 468 -14.75 -17.82 -15.86
CA GLY A 468 -15.05 -17.00 -14.68
C GLY A 468 -13.87 -16.31 -14.00
N LYS A 469 -12.80 -16.02 -14.75
CA LYS A 469 -11.60 -15.31 -14.23
C LYS A 469 -11.07 -14.39 -15.32
N GLU A 470 -10.74 -13.17 -15.00
CA GLU A 470 -10.12 -12.42 -16.07
C GLU A 470 -8.84 -13.18 -16.52
N PRO A 471 -8.37 -13.04 -17.76
CA PRO A 471 -7.25 -13.89 -18.26
C PRO A 471 -5.86 -13.66 -17.60
N THR A 472 -5.07 -14.71 -17.35
CA THR A 472 -3.64 -14.48 -17.07
C THR A 472 -2.89 -14.28 -18.38
N PHE A 473 -1.74 -13.59 -18.34
CA PHE A 473 -0.82 -13.53 -19.47
C PHE A 473 0.61 -13.23 -18.99
N CYS A 474 1.56 -12.95 -19.89
CA CYS A 474 2.93 -12.91 -19.49
C CYS A 474 3.66 -11.85 -20.25
N MET A 475 4.91 -11.62 -19.84
CA MET A 475 5.73 -10.51 -20.28
C MET A 475 4.97 -9.21 -20.16
N GLY A 476 5.62 -8.08 -20.45
CA GLY A 476 5.07 -6.80 -20.09
C GLY A 476 4.41 -6.10 -21.23
N ASP A 477 3.70 -5.03 -20.94
CA ASP A 477 3.05 -4.24 -21.98
C ASP A 477 4.04 -3.65 -22.96
N ASP A 478 4.18 -4.38 -24.03
CA ASP A 478 5.21 -4.22 -25.03
C ASP A 478 4.97 -3.02 -25.97
N THR A 479 3.74 -2.51 -25.97
CA THR A 479 3.22 -1.67 -27.04
C THR A 479 3.27 -0.19 -26.67
N PRO A 480 3.04 0.71 -27.61
CA PRO A 480 3.07 2.15 -27.31
C PRO A 480 1.86 2.57 -26.48
N LEU A 481 2.03 3.73 -25.84
CA LEU A 481 0.98 4.33 -25.02
C LEU A 481 -0.18 4.82 -25.89
N ALA A 482 -1.40 4.49 -25.47
CA ALA A 482 -2.59 4.88 -26.20
C ALA A 482 -2.37 6.12 -27.04
N VAL A 483 -1.82 7.14 -26.42
CA VAL A 483 -1.72 8.43 -27.05
C VAL A 483 -0.63 8.42 -28.12
N LEU A 484 0.35 7.55 -28.00
CA LEU A 484 1.44 7.50 -28.98
C LEU A 484 1.27 6.45 -30.11
N SER A 485 0.32 5.54 -29.94
CA SER A 485 0.12 4.55 -30.95
C SER A 485 -0.70 5.17 -32.06
N HIS A 486 -0.65 4.49 -33.21
CA HIS A 486 -1.40 4.86 -34.42
C HIS A 486 -2.72 4.08 -34.54
N LYS A 487 -2.79 2.93 -33.86
CA LYS A 487 -4.02 2.13 -33.82
C LYS A 487 -5.10 2.78 -32.94
N PRO A 488 -6.38 2.65 -33.30
CA PRO A 488 -7.45 3.23 -32.50
C PRO A 488 -7.34 2.65 -31.13
N ARG A 489 -7.78 3.42 -30.14
CA ARG A 489 -7.71 3.02 -28.74
C ARG A 489 -8.92 3.54 -28.02
N LEU A 490 -9.19 2.95 -26.87
CA LEU A 490 -10.21 3.50 -26.00
C LEU A 490 -9.71 4.67 -25.11
N LEU A 491 -10.64 5.52 -24.65
CA LEU A 491 -10.33 6.59 -23.71
C LEU A 491 -9.85 5.97 -22.42
N TYR A 492 -10.42 4.82 -22.11
CA TYR A 492 -9.97 4.04 -20.97
C TYR A 492 -8.48 3.76 -20.97
N ASP A 493 -7.88 3.65 -22.15
CA ASP A 493 -6.52 3.10 -22.25
C ASP A 493 -5.49 4.17 -21.84
N TYR A 494 -6.02 5.35 -21.61
CA TYR A 494 -5.24 6.53 -21.36
C TYR A 494 -5.12 6.69 -19.83
N PHE A 495 -5.95 5.95 -19.09
CA PHE A 495 -5.94 5.95 -17.62
C PHE A 495 -5.14 4.76 -17.12
N LYS A 496 -4.08 4.99 -16.34
CA LYS A 496 -3.35 3.87 -15.72
C LYS A 496 -3.76 3.85 -14.29
N GLN A 497 -3.95 2.66 -13.75
CA GLN A 497 -4.35 2.55 -12.37
C GLN A 497 -3.20 2.95 -11.44
N ARG A 498 -3.53 3.64 -10.32
CA ARG A 498 -2.63 3.90 -9.19
C ARG A 498 -2.74 2.80 -8.16
N PHE A 499 -1.70 2.58 -7.36
CA PHE A 499 -1.69 1.45 -6.41
C PHE A 499 -0.88 1.89 -5.22
N ALA A 500 -0.98 1.16 -4.13
CA ALA A 500 -0.27 1.47 -2.91
C ALA A 500 1.21 1.03 -2.83
N GLN A 501 2.10 1.87 -2.30
CA GLN A 501 3.52 1.51 -2.16
C GLN A 501 4.16 1.60 -0.77
N VAL A 502 4.79 2.63 -0.34
CA VAL A 502 5.50 2.24 0.91
C VAL A 502 4.61 2.75 2.02
N THR A 503 4.02 3.86 1.63
CA THR A 503 3.16 4.73 2.34
C THR A 503 1.85 4.14 2.81
N ASN A 504 1.28 3.17 2.11
CA ASN A 504 0.18 2.40 2.65
C ASN A 504 0.24 1.09 1.98
N PRO A 505 -0.44 0.10 2.51
CA PRO A 505 -0.43 -1.23 1.90
C PRO A 505 -1.59 -1.58 1.00
N PRO A 506 -1.34 -2.48 0.07
CA PRO A 506 -2.42 -3.06 -0.71
C PRO A 506 -3.05 -3.98 0.29
N ILE A 507 -4.27 -4.47 0.05
CA ILE A 507 -4.75 -5.57 0.86
C ILE A 507 -5.00 -6.78 -0.02
N ASP A 508 -5.10 -7.94 0.60
CA ASP A 508 -5.23 -9.21 -0.13
C ASP A 508 -6.67 -9.47 -0.51
N PRO A 509 -7.03 -9.41 -1.78
CA PRO A 509 -8.44 -9.48 -2.16
C PRO A 509 -9.00 -10.91 -2.16
N LEU A 510 -8.15 -11.91 -2.27
CA LEU A 510 -8.69 -13.29 -2.19
C LEU A 510 -8.64 -13.69 -0.75
N ARG A 511 -7.45 -13.77 -0.19
CA ARG A 511 -7.31 -14.15 1.20
C ARG A 511 -8.01 -13.27 2.26
N GLU A 512 -8.50 -12.10 1.86
CA GLU A 512 -9.04 -11.15 2.84
C GLU A 512 -10.24 -10.48 2.22
N ASN A 513 -10.86 -11.23 1.34
CA ASN A 513 -12.00 -10.70 0.70
C ASN A 513 -13.01 -10.25 1.78
N LEU A 514 -13.02 -10.90 2.95
CA LEU A 514 -14.16 -10.70 3.90
C LEU A 514 -14.26 -9.27 4.50
N VAL A 515 -13.61 -8.32 3.88
CA VAL A 515 -13.45 -7.06 4.51
C VAL A 515 -13.88 -6.07 3.45
N MET A 516 -14.09 -6.55 2.22
CA MET A 516 -14.44 -5.71 1.10
C MET A 516 -15.93 -5.79 0.86
N SER A 517 -16.40 -5.03 -0.12
CA SER A 517 -17.76 -5.13 -0.62
C SER A 517 -17.88 -4.32 -1.88
N LEU A 518 -18.73 -4.81 -2.77
CA LEU A 518 -19.01 -4.05 -3.95
C LEU A 518 -20.41 -3.43 -3.89
N ALA A 519 -21.01 -3.38 -2.71
CA ALA A 519 -22.30 -2.72 -2.52
C ALA A 519 -22.29 -1.29 -3.11
N MET A 520 -23.43 -0.70 -3.39
CA MET A 520 -23.50 0.59 -4.04
C MET A 520 -24.92 1.13 -3.83
N PHE A 521 -25.01 2.36 -3.30
CA PHE A 521 -26.27 2.88 -2.85
C PHE A 521 -26.92 3.82 -3.82
N LEU A 522 -28.17 3.51 -4.13
CA LEU A 522 -28.83 4.14 -5.24
C LEU A 522 -29.54 5.45 -4.90
N GLY A 523 -30.21 5.53 -3.75
CA GLY A 523 -30.76 6.80 -3.33
C GLY A 523 -29.76 7.96 -3.14
N LYS A 524 -30.30 9.17 -3.14
CA LYS A 524 -29.55 10.36 -2.75
C LYS A 524 -29.16 10.33 -1.28
N ARG A 525 -27.95 10.80 -1.02
CA ARG A 525 -27.41 10.80 0.33
C ARG A 525 -28.10 11.95 1.03
N GLY A 526 -28.40 11.79 2.31
CA GLY A 526 -29.22 12.78 2.99
C GLY A 526 -28.32 13.79 3.68
N ASN A 527 -28.80 14.31 4.82
CA ASN A 527 -27.93 14.87 5.85
C ASN A 527 -27.11 13.84 6.67
N LEU A 528 -25.79 13.91 6.54
CA LEU A 528 -24.89 13.15 7.38
C LEU A 528 -25.07 13.56 8.82
N LEU A 529 -25.50 14.81 9.04
CA LEU A 529 -25.49 15.41 10.36
C LEU A 529 -26.68 14.96 11.17
N GLU A 530 -27.85 14.89 10.50
CA GLU A 530 -29.16 14.63 11.11
C GLU A 530 -29.64 13.18 10.83
N PRO A 531 -29.37 12.26 11.75
CA PRO A 531 -29.86 10.86 11.66
C PRO A 531 -31.37 10.73 11.60
N LYS A 532 -31.89 10.74 10.38
CA LYS A 532 -33.31 10.57 10.12
C LYS A 532 -33.60 9.14 9.62
N ALA A 533 -34.72 8.56 10.04
CA ALA A 533 -35.11 7.28 9.44
C ALA A 533 -35.38 7.38 7.93
N GLU A 534 -35.48 8.58 7.35
CA GLU A 534 -35.89 8.77 5.96
C GLU A 534 -34.78 9.08 5.00
N LYS A 540 -30.28 0.34 -2.94
CA LYS A 540 -29.13 -0.54 -2.70
C LYS A 540 -28.80 -1.54 -3.82
N LEU A 541 -27.54 -1.67 -4.18
CA LEU A 541 -27.21 -2.48 -5.34
C LEU A 541 -26.14 -3.49 -4.93
N ARG A 542 -26.45 -4.80 -4.81
CA ARG A 542 -25.41 -5.77 -4.35
C ARG A 542 -23.97 -5.66 -5.04
N SER A 543 -23.97 -5.37 -6.34
CA SER A 543 -22.73 -5.13 -7.05
C SER A 543 -22.95 -4.06 -8.09
N PRO A 544 -21.87 -3.43 -8.47
CA PRO A 544 -21.89 -2.30 -9.40
C PRO A 544 -22.39 -2.74 -10.76
N LEU A 545 -22.35 -4.05 -11.00
CA LEU A 545 -22.70 -4.61 -12.28
C LEU A 545 -24.17 -4.85 -12.26
N VAL A 546 -24.86 -4.40 -13.29
CA VAL A 546 -26.30 -4.64 -13.33
C VAL A 546 -26.81 -5.23 -14.65
N ASN A 547 -27.43 -6.40 -14.52
CA ASN A 547 -27.94 -7.13 -15.67
C ASN A 547 -29.34 -6.61 -16.11
N GLU A 548 -29.71 -6.80 -17.38
CA GLU A 548 -30.98 -6.27 -17.90
C GLU A 548 -32.13 -6.31 -16.89
N VAL A 549 -32.33 -7.47 -16.27
CA VAL A 549 -33.14 -7.58 -15.04
C VAL A 549 -32.90 -6.46 -14.01
N GLU A 550 -31.68 -6.41 -13.40
CA GLU A 550 -31.45 -5.36 -12.40
C GLU A 550 -31.82 -4.01 -13.00
N LEU A 551 -31.47 -3.79 -14.26
CA LEU A 551 -31.69 -2.49 -14.83
C LEU A 551 -33.15 -2.14 -14.74
N GLN A 552 -34.00 -2.89 -15.43
CA GLN A 552 -35.45 -2.66 -15.35
C GLN A 552 -35.92 -2.61 -13.89
N ALA A 553 -35.40 -3.48 -13.03
CA ALA A 553 -35.96 -3.61 -11.69
C ALA A 553 -35.96 -2.20 -11.16
N ILE A 554 -34.80 -1.58 -11.30
CA ILE A 554 -34.47 -0.28 -10.79
C ILE A 554 -35.24 0.83 -11.57
N LYS A 555 -35.25 0.84 -12.91
CA LYS A 555 -36.21 1.75 -13.60
C LYS A 555 -37.68 1.65 -13.10
N THR A 556 -38.00 0.67 -12.24
CA THR A 556 -39.20 0.68 -11.38
C THR A 556 -38.88 1.49 -10.11
N GLY A 557 -38.22 0.80 -9.17
CA GLY A 557 -37.61 1.36 -7.96
C GLY A 557 -38.16 2.60 -7.31
N GLN A 558 -37.40 3.06 -6.34
CA GLN A 558 -37.59 4.33 -5.64
C GLN A 558 -37.98 5.50 -6.53
N LEU A 559 -37.11 5.86 -7.48
CA LEU A 559 -37.53 6.76 -8.53
C LEU A 559 -37.16 6.41 -9.98
N GLN A 560 -38.12 6.75 -10.86
CA GLN A 560 -37.92 7.24 -12.25
C GLN A 560 -36.55 7.95 -12.50
N VAL A 561 -36.11 7.92 -13.74
CA VAL A 561 -34.72 7.77 -13.93
C VAL A 561 -34.49 8.18 -15.34
N ALA A 562 -34.56 9.46 -15.66
CA ALA A 562 -34.33 9.76 -17.08
C ALA A 562 -33.05 9.15 -17.72
N GLU A 563 -33.22 8.36 -18.77
CA GLU A 563 -32.14 8.15 -19.71
C GLU A 563 -31.70 9.51 -20.28
N VAL A 564 -30.42 9.64 -20.56
CA VAL A 564 -29.91 10.80 -21.26
C VAL A 564 -29.19 10.20 -22.46
N SER A 565 -29.51 10.69 -23.64
CA SER A 565 -28.86 10.20 -24.84
C SER A 565 -27.42 10.56 -24.75
N THR A 566 -26.64 9.51 -24.51
CA THR A 566 -25.21 9.56 -24.63
C THR A 566 -24.91 9.69 -26.11
N LEU A 567 -25.97 9.69 -26.89
CA LEU A 567 -25.85 9.69 -28.32
C LEU A 567 -26.12 11.06 -28.91
N TYR A 568 -25.86 11.20 -30.21
CA TYR A 568 -26.02 12.47 -30.88
C TYR A 568 -25.89 12.36 -32.40
N ASP A 569 -26.82 12.96 -33.14
CA ASP A 569 -26.81 12.84 -34.59
C ASP A 569 -25.78 13.76 -35.26
N LEU A 570 -25.42 13.45 -36.51
CA LEU A 570 -24.40 14.19 -37.24
C LEU A 570 -24.83 15.53 -37.90
N ASP A 571 -23.79 16.31 -38.22
CA ASP A 571 -23.89 17.65 -38.82
C ASP A 571 -24.49 18.63 -37.87
N GLY A 572 -25.81 18.56 -37.70
CA GLY A 572 -26.57 19.45 -36.84
C GLY A 572 -25.81 19.88 -35.58
N VAL A 573 -25.90 19.07 -34.51
CA VAL A 573 -25.00 19.17 -33.38
C VAL A 573 -23.65 18.75 -33.94
N ASN A 574 -22.91 19.70 -34.52
CA ASN A 574 -21.58 19.41 -35.14
C ASN A 574 -20.61 18.45 -34.35
N SER A 575 -20.36 18.75 -33.07
CA SER A 575 -19.18 18.24 -32.38
C SER A 575 -19.50 17.47 -31.11
N LEU A 576 -18.67 16.48 -30.80
CA LEU A 576 -18.62 15.89 -29.46
C LEU A 576 -18.57 16.97 -28.37
N GLU A 577 -17.81 18.04 -28.58
CA GLU A 577 -17.89 19.15 -27.61
C GLU A 577 -19.34 19.54 -27.27
N ASP A 578 -20.16 19.84 -28.29
CA ASP A 578 -21.56 20.21 -28.06
C ASP A 578 -22.27 19.13 -27.32
N ALA A 579 -22.10 17.92 -27.81
CA ALA A 579 -22.95 16.86 -27.34
C ALA A 579 -22.61 16.79 -25.89
N LEU A 580 -21.32 16.92 -25.55
CA LEU A 580 -20.91 16.93 -24.16
C LEU A 580 -21.70 18.01 -23.40
N THR A 581 -21.54 19.26 -23.84
CA THR A 581 -22.24 20.42 -23.27
C THR A 581 -23.71 20.13 -22.94
N ASN A 582 -24.47 19.68 -23.92
CA ASN A 582 -25.89 19.54 -23.67
C ASN A 582 -26.24 18.33 -22.84
N LEU A 583 -25.28 17.41 -22.76
CA LEU A 583 -25.47 16.19 -21.99
C LEU A 583 -25.54 16.64 -20.59
N VAL A 584 -24.58 17.50 -20.30
CA VAL A 584 -24.33 18.00 -18.96
C VAL A 584 -25.52 18.81 -18.53
N LYS A 585 -25.89 19.78 -19.36
CA LYS A 585 -27.10 20.59 -19.20
C LYS A 585 -28.35 19.73 -19.09
N THR A 586 -28.52 18.77 -20.00
CA THR A 586 -29.66 17.85 -19.90
C THR A 586 -29.56 17.29 -18.51
N ALA A 587 -28.40 16.71 -18.21
CA ALA A 587 -28.19 16.09 -16.92
C ALA A 587 -28.50 17.05 -15.77
N ILE A 588 -27.89 18.23 -15.75
CA ILE A 588 -28.20 19.20 -14.69
C ILE A 588 -29.74 19.43 -14.60
N ALA A 589 -30.34 19.95 -15.67
CA ALA A 589 -31.79 20.18 -15.68
C ALA A 589 -32.64 18.99 -15.18
N THR A 590 -32.32 17.78 -15.64
CA THR A 590 -33.09 16.59 -15.26
C THR A 590 -33.04 16.36 -13.74
N VAL A 591 -31.85 16.52 -13.16
CA VAL A 591 -31.65 16.43 -11.71
C VAL A 591 -32.44 17.50 -10.92
N GLN A 592 -32.33 18.77 -11.34
CA GLN A 592 -33.22 19.83 -10.83
C GLN A 592 -34.67 19.36 -10.83
N ALA A 593 -35.10 18.79 -11.95
CA ALA A 593 -36.50 18.41 -12.16
C ALA A 593 -36.89 17.23 -11.23
N GLY A 594 -35.95 16.89 -10.36
CA GLY A 594 -36.19 15.94 -9.28
C GLY A 594 -35.68 14.54 -9.60
N ALA A 595 -35.00 14.41 -10.73
CA ALA A 595 -34.54 13.11 -11.16
C ALA A 595 -33.52 12.59 -10.17
N GLU A 596 -33.74 11.39 -9.63
CA GLU A 596 -32.83 10.86 -8.61
C GLU A 596 -31.86 9.82 -9.14
N ILE A 597 -31.92 9.52 -10.44
CA ILE A 597 -30.97 8.59 -11.08
C ILE A 597 -30.93 8.92 -12.55
N LEU A 598 -29.78 9.11 -13.14
CA LEU A 598 -29.77 9.29 -14.59
C LEU A 598 -29.05 8.13 -15.27
N VAL A 599 -29.81 7.34 -16.03
CA VAL A 599 -29.19 6.26 -16.76
C VAL A 599 -28.62 6.89 -18.00
N LEU A 600 -27.31 6.90 -18.07
CA LEU A 600 -26.67 7.46 -19.25
C LEU A 600 -26.46 6.32 -20.23
N THR A 601 -27.36 6.24 -21.20
CA THR A 601 -27.39 5.20 -22.22
C THR A 601 -26.75 5.68 -23.52
N ASP A 602 -26.03 4.76 -24.15
CA ASP A 602 -25.69 4.87 -25.55
C ASP A 602 -26.73 4.11 -26.35
N ARG A 603 -27.70 3.51 -25.65
CA ARG A 603 -28.82 2.76 -26.25
C ARG A 603 -30.22 3.45 -26.01
N PRO A 604 -30.31 4.73 -26.38
CA PRO A 604 -31.49 5.54 -26.06
C PRO A 604 -32.65 5.15 -26.94
N ASN A 605 -33.71 4.62 -26.35
CA ASN A 605 -34.85 4.10 -27.11
C ASN A 605 -34.52 2.87 -27.89
N GLY A 606 -33.46 2.17 -27.53
CA GLY A 606 -33.30 0.86 -28.06
C GLY A 606 -32.44 0.68 -29.30
N ALA A 607 -31.89 1.72 -29.95
CA ALA A 607 -31.08 1.42 -31.17
C ALA A 607 -29.77 2.21 -31.42
N ILE A 608 -28.82 1.67 -32.18
CA ILE A 608 -27.64 2.49 -32.51
C ILE A 608 -27.16 2.59 -33.95
N LEU A 609 -27.57 3.67 -34.63
CA LEU A 609 -27.44 3.79 -36.09
C LEU A 609 -26.10 4.35 -36.70
N THR A 610 -26.04 4.46 -38.03
CA THR A 610 -24.86 5.01 -38.70
C THR A 610 -24.99 6.48 -38.67
N GLU A 611 -26.24 6.95 -38.56
CA GLU A 611 -26.53 8.39 -38.53
C GLU A 611 -26.72 8.89 -37.11
N ASN A 612 -26.99 7.97 -36.17
CA ASN A 612 -26.97 8.28 -34.75
C ASN A 612 -25.50 8.45 -34.58
N GLN A 613 -24.95 9.28 -35.48
CA GLN A 613 -23.54 9.19 -35.87
C GLN A 613 -22.61 9.32 -34.65
N SER A 614 -22.38 8.20 -33.96
CA SER A 614 -21.47 8.17 -32.78
C SER A 614 -22.03 8.53 -31.39
N PHE A 615 -21.08 8.49 -30.43
CA PHE A 615 -21.36 8.62 -29.02
C PHE A 615 -20.51 9.59 -28.33
N ILE A 616 -20.94 9.75 -27.07
CA ILE A 616 -20.13 10.10 -25.91
C ILE A 616 -19.67 8.80 -25.22
N PRO A 617 -18.35 8.61 -25.23
CA PRO A 617 -17.70 7.54 -24.47
C PRO A 617 -18.21 7.53 -23.02
N PRO A 618 -18.56 6.34 -22.53
CA PRO A 618 -19.15 6.17 -21.20
C PRO A 618 -18.28 6.80 -20.10
N LEU A 619 -16.98 6.77 -20.29
CA LEU A 619 -16.09 7.32 -19.30
C LEU A 619 -16.11 8.85 -19.31
N LEU A 620 -15.91 9.43 -20.49
CA LEU A 620 -15.97 10.90 -20.69
C LEU A 620 -17.32 11.52 -20.41
N ALA A 621 -18.30 10.66 -20.20
CA ALA A 621 -19.64 11.10 -20.00
C ALA A 621 -19.89 11.16 -18.54
N VAL A 622 -19.60 10.08 -17.85
CA VAL A 622 -19.91 9.97 -16.42
C VAL A 622 -19.06 10.97 -15.69
N GLY A 623 -17.79 11.08 -16.09
CA GLY A 623 -16.95 12.20 -15.70
C GLY A 623 -17.67 13.53 -15.84
N ALA A 624 -17.97 13.93 -17.06
CA ALA A 624 -18.65 15.22 -17.25
C ALA A 624 -19.87 15.34 -16.39
N VAL A 625 -20.80 14.39 -16.43
CA VAL A 625 -21.94 14.57 -15.52
C VAL A 625 -21.48 14.75 -14.07
N HIS A 626 -20.60 13.84 -13.62
CA HIS A 626 -20.23 13.77 -12.20
C HIS A 626 -19.49 14.99 -11.73
N HIS A 627 -18.73 15.67 -12.58
CA HIS A 627 -18.12 16.94 -12.14
C HIS A 627 -19.06 18.12 -12.31
N HIS A 628 -19.82 18.13 -13.39
CA HIS A 628 -20.72 19.27 -13.65
C HIS A 628 -21.88 19.38 -12.68
N LEU A 629 -22.50 18.24 -12.39
CA LEU A 629 -23.33 18.10 -11.19
C LEU A 629 -22.63 18.72 -9.96
N ILE A 630 -21.39 18.25 -9.66
CA ILE A 630 -20.67 18.81 -8.51
C ILE A 630 -20.56 20.31 -8.64
N ARG A 631 -20.16 20.78 -9.82
CA ARG A 631 -20.00 22.21 -10.01
C ARG A 631 -21.35 22.89 -9.81
N ALA A 632 -22.43 22.11 -9.81
CA ALA A 632 -23.77 22.70 -9.89
C ALA A 632 -24.38 22.73 -8.52
N GLY A 633 -23.80 21.97 -7.61
CA GLY A 633 -24.31 21.94 -6.25
C GLY A 633 -25.14 20.69 -6.07
N LEU A 634 -25.28 19.94 -7.14
CA LEU A 634 -26.32 18.91 -7.18
C LEU A 634 -25.90 17.47 -6.86
N ARG A 635 -24.61 17.15 -6.91
CA ARG A 635 -24.24 15.74 -6.90
C ARG A 635 -24.87 14.88 -5.78
N LEU A 636 -25.06 15.43 -4.59
CA LEU A 636 -25.69 14.61 -3.53
C LEU A 636 -27.13 14.18 -3.83
N LYS A 637 -27.73 14.74 -4.88
CA LYS A 637 -29.17 14.61 -5.15
C LYS A 637 -29.60 13.31 -5.84
N ALA A 638 -28.85 12.92 -6.86
CA ALA A 638 -29.05 11.70 -7.65
C ALA A 638 -27.90 10.70 -7.39
N SER A 639 -27.99 9.52 -8.01
CA SER A 639 -26.78 8.71 -8.22
C SER A 639 -26.78 8.12 -9.64
N LEU A 640 -25.61 7.81 -10.21
CA LEU A 640 -25.54 7.53 -11.66
C LEU A 640 -25.26 6.10 -12.18
N ILE A 641 -26.08 5.67 -13.14
CA ILE A 641 -25.88 4.40 -13.85
C ILE A 641 -25.32 4.67 -15.24
N VAL A 642 -24.21 4.03 -15.59
CA VAL A 642 -23.78 4.00 -16.99
C VAL A 642 -24.21 2.74 -17.74
N ASP A 643 -25.03 3.01 -18.76
CA ASP A 643 -25.70 1.98 -19.56
C ASP A 643 -24.91 1.93 -20.85
N THR A 644 -23.92 1.03 -20.93
CA THR A 644 -23.04 1.15 -22.06
C THR A 644 -22.69 -0.13 -22.82
N ALA A 645 -22.61 0.03 -24.14
CA ALA A 645 -22.00 -0.97 -24.98
C ALA A 645 -20.54 -1.04 -24.59
N GLN A 646 -19.86 0.12 -24.74
CA GLN A 646 -18.42 0.32 -24.51
C GLN A 646 -18.00 0.20 -23.07
N CYS A 647 -18.08 -1.01 -22.55
CA CYS A 647 -17.49 -1.37 -21.27
C CYS A 647 -17.55 -2.88 -21.18
N TRP A 648 -16.41 -3.55 -21.02
CA TRP A 648 -16.38 -5.01 -20.95
C TRP A 648 -15.24 -5.50 -20.05
N SER A 649 -14.07 -4.85 -20.24
CA SER A 649 -12.86 -4.97 -19.45
C SER A 649 -13.15 -4.82 -17.97
N THR A 650 -12.45 -5.59 -17.16
CA THR A 650 -12.26 -5.34 -15.73
C THR A 650 -11.88 -3.89 -15.42
N HIS A 651 -10.78 -3.38 -15.97
CA HIS A 651 -10.37 -1.97 -15.89
C HIS A 651 -11.49 -1.03 -16.30
N HIS A 652 -12.25 -1.39 -17.33
CA HIS A 652 -13.29 -0.47 -17.81
C HIS A 652 -14.21 -0.09 -16.66
N PHE A 653 -14.65 -1.07 -15.87
CA PHE A 653 -15.72 -0.78 -14.89
C PHE A 653 -15.15 0.19 -13.85
N ALA A 654 -13.87 -0.04 -13.56
CA ALA A 654 -13.23 0.64 -12.47
C ALA A 654 -12.98 2.07 -12.90
N CYS A 655 -12.61 2.29 -14.15
CA CYS A 655 -12.62 3.65 -14.64
C CYS A 655 -14.02 4.30 -14.43
N LEU A 656 -15.10 3.56 -14.69
CA LEU A 656 -16.45 4.09 -14.50
C LEU A 656 -16.86 4.39 -13.05
N VAL A 657 -16.74 3.40 -12.18
CA VAL A 657 -17.10 3.67 -10.81
C VAL A 657 -16.12 4.73 -10.36
N GLY A 658 -14.94 4.69 -10.94
CA GLY A 658 -13.86 5.62 -10.63
C GLY A 658 -14.19 7.05 -10.76
N TYR A 659 -14.56 7.49 -11.96
CA TYR A 659 -15.03 8.87 -12.18
C TYR A 659 -16.55 9.04 -12.04
N GLY A 660 -17.17 8.22 -11.21
CA GLY A 660 -18.52 8.60 -10.78
C GLY A 660 -19.67 7.61 -10.88
N ALA A 661 -19.60 6.67 -11.84
CA ALA A 661 -20.69 5.71 -12.03
C ALA A 661 -20.97 5.03 -10.71
N SER A 662 -22.23 5.02 -10.30
CA SER A 662 -22.61 4.33 -9.09
C SER A 662 -22.86 2.88 -9.46
N ALA A 663 -22.96 2.63 -10.77
CA ALA A 663 -23.18 1.28 -11.29
C ALA A 663 -23.25 1.23 -12.82
N ILE A 664 -23.26 0.01 -13.35
CA ILE A 664 -23.00 -0.23 -14.75
C ILE A 664 -23.76 -1.42 -15.29
N CYS A 665 -24.51 -1.15 -16.36
CA CYS A 665 -25.14 -2.18 -17.18
C CYS A 665 -24.39 -2.35 -18.52
N PRO A 666 -23.49 -3.33 -18.55
CA PRO A 666 -22.61 -3.53 -19.69
C PRO A 666 -23.35 -4.19 -20.86
N TYR A 667 -24.48 -3.63 -21.27
CA TYR A 667 -25.40 -4.39 -22.13
C TYR A 667 -24.76 -5.20 -23.28
N LEU A 668 -23.84 -4.58 -24.03
CA LEU A 668 -23.28 -5.21 -25.21
C LEU A 668 -22.19 -6.20 -24.83
N ALA A 669 -21.44 -5.92 -23.75
CA ALA A 669 -20.58 -6.98 -23.22
C ALA A 669 -21.48 -8.19 -22.97
N LEU A 670 -22.49 -8.00 -22.12
CA LEU A 670 -23.33 -9.12 -21.71
C LEU A 670 -23.82 -9.88 -22.92
N GLU A 671 -24.17 -9.15 -23.97
CA GLU A 671 -24.58 -9.67 -25.26
C GLU A 671 -23.52 -10.52 -25.90
N SER A 672 -22.27 -10.12 -25.80
CA SER A 672 -21.24 -10.89 -26.43
C SER A 672 -21.02 -12.23 -25.76
N VAL A 673 -21.38 -12.35 -24.49
CA VAL A 673 -21.52 -13.70 -23.93
C VAL A 673 -22.67 -14.50 -24.57
N ARG A 674 -23.86 -13.91 -24.71
CA ARG A 674 -24.97 -14.50 -25.45
C ARG A 674 -24.49 -14.94 -26.83
N GLN A 675 -24.06 -14.01 -27.68
CA GLN A 675 -23.64 -14.37 -29.05
C GLN A 675 -22.53 -15.41 -29.16
N TRP A 676 -21.56 -15.36 -28.25
CA TRP A 676 -20.49 -16.36 -28.13
C TRP A 676 -21.01 -17.78 -27.81
N TRP A 677 -21.62 -17.95 -26.63
CA TRP A 677 -22.26 -19.22 -26.26
C TRP A 677 -23.15 -19.67 -27.35
N LEU A 678 -23.95 -18.75 -27.86
CA LEU A 678 -25.08 -19.09 -28.74
C LEU A 678 -24.68 -19.11 -30.18
N ASP A 679 -24.00 -20.17 -30.58
CA ASP A 679 -23.24 -20.12 -31.81
C ASP A 679 -22.79 -21.54 -31.88
N GLU A 680 -22.79 -22.09 -33.09
CA GLU A 680 -22.43 -23.47 -33.30
C GLU A 680 -20.98 -23.84 -32.87
N LYS A 681 -19.99 -23.12 -33.44
CA LYS A 681 -18.57 -23.34 -33.14
C LYS A 681 -18.39 -23.61 -31.66
N THR A 682 -18.87 -22.67 -30.85
CA THR A 682 -18.77 -22.80 -29.41
C THR A 682 -19.55 -24.01 -28.92
N GLN A 683 -20.86 -24.05 -29.13
CA GLN A 683 -21.61 -25.21 -28.65
C GLN A 683 -20.97 -26.52 -29.03
N LYS A 684 -20.37 -26.58 -30.24
CA LYS A 684 -19.65 -27.78 -30.72
C LYS A 684 -18.49 -28.11 -29.78
N LEU A 685 -17.52 -27.19 -29.68
CA LEU A 685 -16.37 -27.40 -28.80
C LEU A 685 -16.80 -27.71 -27.35
N MET A 686 -18.02 -27.29 -26.98
CA MET A 686 -18.57 -27.55 -25.65
C MET A 686 -19.04 -29.02 -25.62
N GLU A 687 -19.58 -29.48 -26.74
CA GLU A 687 -19.88 -30.92 -26.90
C GLU A 687 -18.62 -31.84 -26.84
N ASN A 688 -17.40 -31.26 -26.90
CA ASN A 688 -16.07 -31.93 -26.80
C ASN A 688 -14.87 -30.94 -26.89
N GLY A 689 -14.15 -30.59 -25.82
CA GLY A 689 -13.03 -29.70 -26.04
C GLY A 689 -13.08 -28.67 -24.96
N ARG A 690 -13.53 -27.43 -25.26
CA ARG A 690 -13.94 -26.38 -24.27
C ARG A 690 -14.91 -26.84 -23.19
N LEU A 691 -14.64 -26.56 -21.93
CA LEU A 691 -15.47 -27.09 -20.85
C LEU A 691 -16.90 -26.63 -21.07
N ASP A 692 -17.72 -27.50 -21.66
CA ASP A 692 -19.17 -27.36 -21.83
C ASP A 692 -19.66 -27.81 -20.50
N ARG A 693 -19.28 -27.07 -19.49
CA ARG A 693 -20.02 -27.17 -18.25
C ARG A 693 -20.52 -25.76 -18.18
N ILE A 694 -21.47 -25.47 -19.07
CA ILE A 694 -21.82 -24.08 -19.28
C ILE A 694 -23.11 -23.89 -19.98
N ASP A 695 -24.21 -23.95 -19.20
CA ASP A 695 -25.52 -23.44 -19.65
C ASP A 695 -25.31 -21.93 -19.70
N LEU A 696 -26.17 -21.22 -20.44
CA LEU A 696 -25.94 -19.79 -20.61
C LEU A 696 -25.93 -19.13 -19.23
N PRO A 697 -26.82 -19.54 -18.33
CA PRO A 697 -26.77 -19.08 -16.94
C PRO A 697 -25.40 -19.16 -16.25
N THR A 698 -24.51 -20.01 -16.75
CA THR A 698 -23.20 -20.09 -16.12
C THR A 698 -22.18 -19.18 -16.76
N ALA A 699 -22.21 -19.11 -18.09
CA ALA A 699 -21.44 -18.16 -18.88
C ALA A 699 -21.65 -16.76 -18.40
N LEU A 700 -22.91 -16.36 -18.43
CA LEU A 700 -23.37 -15.13 -17.81
C LEU A 700 -22.92 -14.97 -16.34
N LYS A 701 -23.33 -15.86 -15.43
CA LYS A 701 -22.91 -15.74 -14.01
C LYS A 701 -21.36 -15.69 -13.83
N ASN A 702 -20.67 -16.16 -14.85
CA ASN A 702 -19.25 -16.22 -14.85
C ASN A 702 -18.69 -14.96 -15.35
N TYR A 703 -19.19 -14.50 -16.49
CA TYR A 703 -18.78 -13.20 -16.99
C TYR A 703 -18.76 -12.16 -15.91
N ARG A 704 -19.84 -12.06 -15.14
CA ARG A 704 -19.92 -11.01 -14.10
C ARG A 704 -19.06 -11.34 -12.87
N GLN A 705 -19.21 -12.57 -12.35
CA GLN A 705 -18.42 -13.05 -11.22
C GLN A 705 -16.93 -12.79 -11.47
N SER A 706 -16.59 -12.58 -12.73
CA SER A 706 -15.23 -12.42 -13.14
C SER A 706 -14.90 -10.94 -13.09
N VAL A 707 -15.90 -10.12 -13.41
CA VAL A 707 -15.85 -8.64 -13.21
C VAL A 707 -15.80 -8.30 -11.72
N GLU A 708 -16.62 -8.97 -10.90
CA GLU A 708 -16.44 -8.77 -9.46
C GLU A 708 -14.97 -9.06 -8.94
N ALA A 709 -14.38 -10.17 -9.35
CA ALA A 709 -13.07 -10.48 -8.87
C ALA A 709 -12.08 -9.34 -9.33
N GLY A 710 -12.38 -8.74 -10.48
CA GLY A 710 -11.54 -7.71 -11.02
C GLY A 710 -11.65 -6.39 -10.28
N LEU A 711 -12.90 -5.96 -9.98
CA LEU A 711 -13.06 -4.80 -9.14
C LEU A 711 -12.45 -5.05 -7.81
N PHE A 712 -12.66 -6.21 -7.20
CA PHE A 712 -11.95 -6.45 -5.93
C PHE A 712 -10.45 -6.20 -6.10
N LYS A 713 -9.87 -6.83 -7.11
CA LYS A 713 -8.44 -6.81 -7.32
C LYS A 713 -7.94 -5.35 -7.42
N ILE A 714 -8.53 -4.57 -8.32
CA ILE A 714 -8.09 -3.20 -8.55
C ILE A 714 -8.21 -2.44 -7.24
N LEU A 715 -9.30 -2.63 -6.49
CA LEU A 715 -9.43 -1.89 -5.24
C LEU A 715 -8.22 -2.23 -4.34
N SER A 716 -7.98 -3.52 -4.18
CA SER A 716 -6.98 -3.89 -3.23
C SER A 716 -5.63 -3.40 -3.70
N LYS A 717 -5.42 -3.22 -5.01
CA LYS A 717 -4.11 -2.69 -5.44
C LYS A 717 -3.76 -1.38 -4.62
N MET A 718 -4.73 -0.73 -4.00
CA MET A 718 -4.49 0.60 -3.38
C MET A 718 -4.88 0.52 -1.89
N GLY A 719 -5.10 -0.72 -1.47
CA GLY A 719 -5.59 -1.10 -0.18
C GLY A 719 -6.96 -0.61 0.10
N ILE A 720 -7.85 -0.55 -0.87
CA ILE A 720 -9.23 -0.12 -0.53
C ILE A 720 -10.25 -1.24 -0.34
N SER A 721 -11.08 -1.15 0.69
CA SER A 721 -12.09 -2.19 0.94
C SER A 721 -13.36 -2.05 0.21
N LEU A 722 -13.92 -0.85 0.09
CA LEU A 722 -15.29 -0.75 -0.42
C LEU A 722 -15.35 0.14 -1.61
N LEU A 723 -15.90 -0.44 -2.66
CA LEU A 723 -16.37 0.28 -3.83
C LEU A 723 -16.94 1.62 -3.46
N ALA A 724 -17.70 1.65 -2.37
CA ALA A 724 -18.17 2.91 -1.81
C ALA A 724 -17.03 3.91 -1.70
N SER A 725 -15.88 3.54 -1.14
CA SER A 725 -14.74 4.46 -1.17
C SER A 725 -14.15 4.67 -2.56
N TYR A 726 -13.95 3.59 -3.33
CA TYR A 726 -13.33 3.73 -4.65
C TYR A 726 -14.04 4.79 -5.49
N HIS A 727 -15.36 4.78 -5.37
CA HIS A 727 -16.28 5.53 -6.20
C HIS A 727 -16.00 7.05 -6.34
N GLY A 728 -16.16 7.83 -5.31
CA GLY A 728 -15.63 9.16 -5.53
C GLY A 728 -14.21 9.26 -6.11
N ALA A 729 -13.28 8.57 -5.46
CA ALA A 729 -11.83 8.75 -5.58
C ALA A 729 -11.46 8.64 -7.02
N GLN A 730 -10.21 8.82 -7.38
CA GLN A 730 -10.03 8.87 -8.81
C GLN A 730 -8.74 8.16 -9.03
N ILE A 731 -8.76 6.86 -8.76
CA ILE A 731 -7.51 6.21 -8.41
C ILE A 731 -6.74 5.82 -9.63
N PHE A 732 -6.57 6.83 -10.48
CA PHE A 732 -5.86 6.69 -11.73
C PHE A 732 -4.89 7.80 -11.97
N GLU A 733 -4.06 7.64 -12.99
CA GLU A 733 -3.20 8.70 -13.47
C GLU A 733 -3.43 8.69 -14.95
N ALA A 734 -3.93 9.79 -15.52
CA ALA A 734 -4.19 9.85 -16.96
C ALA A 734 -2.88 10.20 -17.67
N ILE A 735 -2.65 9.67 -18.87
CA ILE A 735 -1.39 9.86 -19.58
C ILE A 735 -1.76 10.08 -20.99
N GLY A 736 -1.43 11.25 -21.51
CA GLY A 736 -1.90 11.68 -22.81
C GLY A 736 -3.15 12.53 -22.92
N LEU A 737 -3.79 12.89 -21.83
CA LEU A 737 -4.96 13.78 -21.93
C LEU A 737 -4.53 15.20 -21.65
N GLY A 738 -4.91 16.13 -22.51
CA GLY A 738 -4.55 17.53 -22.34
C GLY A 738 -5.34 18.16 -21.20
N ALA A 739 -4.91 19.34 -20.77
CA ALA A 739 -5.43 19.96 -19.54
C ALA A 739 -6.95 20.23 -19.46
N GLU A 740 -7.49 20.85 -20.50
CA GLU A 740 -8.87 21.26 -20.57
C GLU A 740 -9.80 20.09 -20.63
N LEU A 741 -9.37 19.05 -21.33
CA LEU A 741 -10.13 17.80 -21.36
C LEU A 741 -10.19 17.24 -19.93
N VAL A 742 -9.03 17.23 -19.28
CA VAL A 742 -8.97 16.70 -17.93
C VAL A 742 -9.81 17.48 -16.91
N GLU A 743 -9.66 18.80 -16.94
CA GLU A 743 -10.49 19.66 -16.09
C GLU A 743 -11.97 19.40 -16.30
N TYR A 744 -12.36 19.28 -17.57
CA TYR A 744 -13.74 19.21 -17.97
C TYR A 744 -14.36 17.92 -17.55
N ALA A 745 -13.68 16.83 -17.84
CA ALA A 745 -14.27 15.53 -17.55
C ALA A 745 -13.81 14.89 -16.26
N PHE A 746 -12.50 14.99 -15.99
CA PHE A 746 -11.82 14.22 -14.96
C PHE A 746 -10.98 15.20 -14.10
N ALA A 747 -11.68 15.99 -13.26
CA ALA A 747 -11.12 17.14 -12.54
C ALA A 747 -10.18 16.66 -11.44
N GLY A 748 -8.93 17.18 -11.44
CA GLY A 748 -7.95 16.84 -10.45
C GLY A 748 -7.21 15.51 -10.58
N THR A 749 -7.24 14.91 -11.77
CA THR A 749 -6.40 13.75 -12.11
C THR A 749 -5.06 14.20 -12.59
N THR A 750 -4.00 13.54 -12.21
CA THR A 750 -2.80 14.03 -12.79
C THR A 750 -2.73 13.59 -14.26
N SER A 751 -2.35 14.54 -15.12
CA SER A 751 -1.97 14.27 -16.51
C SER A 751 -0.81 15.16 -16.99
N ARG A 752 0.40 14.75 -16.62
CA ARG A 752 1.65 15.46 -16.82
C ARG A 752 2.24 15.53 -18.22
N VAL A 753 1.59 14.91 -19.16
CA VAL A 753 2.23 14.80 -20.43
C VAL A 753 1.25 15.55 -21.32
N GLY A 754 0.02 15.60 -20.80
CA GLY A 754 -1.07 16.44 -21.25
C GLY A 754 -1.21 16.26 -22.73
N GLY A 755 -2.07 15.36 -23.22
CA GLY A 755 -2.23 15.28 -24.69
C GLY A 755 -3.54 15.65 -25.39
N LEU A 756 -4.39 14.63 -25.55
CA LEU A 756 -5.72 14.69 -26.18
C LEU A 756 -6.64 15.88 -25.85
N THR A 757 -7.48 16.24 -26.81
CA THR A 757 -8.50 17.28 -26.72
C THR A 757 -9.84 16.60 -26.81
N ILE A 758 -10.93 17.28 -26.47
CA ILE A 758 -12.26 16.71 -26.74
C ILE A 758 -12.42 16.30 -28.22
N ALA A 759 -12.04 17.21 -29.10
CA ALA A 759 -12.09 16.89 -30.51
C ALA A 759 -11.10 15.78 -30.78
N ASP A 760 -9.85 15.97 -30.40
CA ASP A 760 -8.86 14.87 -30.45
C ASP A 760 -9.44 13.48 -30.10
N VAL A 761 -10.30 13.41 -29.08
CA VAL A 761 -10.90 12.13 -28.75
C VAL A 761 -12.03 11.83 -29.68
N ALA A 762 -12.76 12.88 -30.08
CA ALA A 762 -13.85 12.69 -31.06
C ALA A 762 -13.35 11.87 -32.29
N GLY A 763 -12.31 12.40 -32.95
CA GLY A 763 -11.66 11.81 -34.11
C GLY A 763 -11.32 10.34 -34.00
N GLU A 764 -10.96 9.94 -32.78
CA GLU A 764 -10.61 8.56 -32.48
C GLU A 764 -11.81 7.64 -32.44
N VAL A 765 -12.91 8.04 -31.80
CA VAL A 765 -14.17 7.28 -31.87
C VAL A 765 -14.72 7.27 -33.31
N MET A 766 -14.30 8.22 -34.13
CA MET A 766 -14.66 8.20 -35.54
C MET A 766 -13.94 7.08 -36.21
N VAL A 767 -12.65 6.94 -35.91
CA VAL A 767 -11.90 5.78 -36.44
C VAL A 767 -12.55 4.41 -36.22
N PHE A 768 -13.03 4.08 -35.03
CA PHE A 768 -13.88 2.89 -35.05
C PHE A 768 -15.40 2.95 -35.27
N HIS A 769 -15.88 4.16 -35.54
CA HIS A 769 -17.21 4.32 -36.13
C HIS A 769 -17.16 4.15 -37.64
N GLY A 770 -16.03 4.47 -38.25
CA GLY A 770 -15.89 4.25 -39.67
C GLY A 770 -16.18 2.80 -40.08
N MET A 771 -15.90 1.86 -39.18
CA MET A 771 -15.73 0.47 -39.58
C MET A 771 -16.78 -0.52 -39.08
N ALA A 772 -18.06 -0.14 -39.21
CA ALA A 772 -19.19 -0.99 -38.81
C ALA A 772 -20.44 -0.64 -39.62
N PHE A 773 -20.26 0.31 -40.55
CA PHE A 773 -21.39 1.04 -41.14
C PHE A 773 -21.33 1.29 -42.68
N PRO A 774 -20.35 2.14 -43.02
CA PRO A 774 -19.99 2.38 -44.42
C PRO A 774 -19.40 1.05 -44.81
N GLU A 775 -18.32 0.67 -44.13
CA GLU A 775 -17.57 -0.59 -44.28
C GLU A 775 -18.33 -1.93 -44.08
N MET A 776 -17.55 -3.01 -43.95
CA MET A 776 -18.10 -4.37 -43.94
C MET A 776 -17.86 -5.09 -42.61
N ALA A 777 -18.96 -5.66 -42.13
CA ALA A 777 -19.04 -6.30 -40.82
C ALA A 777 -18.87 -7.85 -40.89
N LYS A 778 -17.63 -8.38 -40.94
CA LYS A 778 -17.44 -9.85 -41.06
C LYS A 778 -16.88 -10.52 -39.80
N LYS A 779 -15.75 -9.94 -39.35
CA LYS A 779 -15.03 -10.22 -38.09
C LYS A 779 -14.32 -8.93 -37.62
N LEU A 780 -14.28 -8.66 -36.32
CA LEU A 780 -13.67 -7.39 -35.84
C LEU A 780 -12.19 -7.47 -36.09
N GLU A 781 -11.56 -6.35 -36.42
CA GLU A 781 -10.14 -6.40 -36.81
C GLU A 781 -9.28 -6.88 -35.68
N ASN A 782 -8.07 -7.28 -36.04
CA ASN A 782 -7.12 -7.72 -35.06
C ASN A 782 -5.84 -6.87 -35.11
N PHE A 783 -5.61 -6.12 -34.04
CA PHE A 783 -4.35 -5.40 -33.86
C PHE A 783 -3.69 -6.18 -32.79
N GLY A 784 -2.51 -6.71 -33.10
CA GLY A 784 -1.85 -7.63 -32.19
C GLY A 784 -1.55 -6.89 -30.94
N PHE A 785 -2.54 -6.53 -30.14
CA PHE A 785 -2.20 -5.72 -28.97
C PHE A 785 -1.55 -6.66 -27.99
N VAL A 786 -2.25 -7.73 -27.65
CA VAL A 786 -1.77 -8.71 -26.71
C VAL A 786 -0.55 -9.49 -27.20
N ASN A 787 -0.38 -9.64 -28.50
CA ASN A 787 0.54 -10.64 -29.03
C ASN A 787 1.04 -10.29 -30.40
N TYR A 788 2.36 -10.32 -30.61
CA TYR A 788 2.88 -9.82 -31.88
C TYR A 788 2.25 -10.44 -33.15
N ARG A 789 1.89 -9.56 -34.11
CA ARG A 789 1.21 -9.87 -35.37
C ARG A 789 1.81 -9.06 -36.49
N PRO A 790 1.98 -9.66 -37.63
CA PRO A 790 2.37 -8.90 -38.82
C PRO A 790 1.47 -7.70 -39.13
N GLY A 791 0.14 -7.84 -39.06
CA GLY A 791 -0.74 -6.68 -39.31
C GLY A 791 -0.76 -5.45 -38.34
N GLY A 792 -0.36 -5.63 -37.07
CA GLY A 792 -1.00 -4.87 -36.01
C GLY A 792 -0.08 -4.07 -35.12
N GLU A 793 -0.54 -3.70 -33.92
CA GLU A 793 0.22 -2.81 -33.05
C GLU A 793 1.67 -3.23 -32.92
N TYR A 794 2.59 -2.26 -32.91
CA TYR A 794 4.00 -2.53 -32.70
C TYR A 794 4.24 -3.26 -31.36
N HIS A 795 5.50 -3.69 -31.10
CA HIS A 795 5.95 -4.39 -29.87
C HIS A 795 7.46 -4.27 -29.80
N MET A 796 8.00 -3.69 -28.73
CA MET A 796 9.45 -3.56 -28.64
C MET A 796 10.08 -4.91 -28.86
N ASN A 797 9.47 -6.00 -28.36
CA ASN A 797 9.94 -7.36 -28.70
C ASN A 797 8.92 -8.24 -29.39
N SER A 798 9.45 -9.09 -30.27
CA SER A 798 8.71 -9.96 -31.17
C SER A 798 9.65 -11.12 -31.56
N PRO A 799 9.10 -12.26 -31.92
CA PRO A 799 9.90 -13.48 -32.05
C PRO A 799 11.03 -13.37 -33.09
N GLU A 800 10.79 -12.69 -34.19
CA GLU A 800 11.77 -12.71 -35.28
C GLU A 800 12.99 -11.82 -34.92
N MET A 801 12.69 -10.57 -34.55
CA MET A 801 13.63 -9.67 -33.91
C MET A 801 14.55 -10.34 -32.85
N SER A 802 13.94 -11.15 -31.99
CA SER A 802 14.66 -11.73 -30.87
C SER A 802 15.51 -12.98 -31.19
N LYS A 803 15.12 -13.72 -32.23
CA LYS A 803 15.93 -14.83 -32.76
C LYS A 803 17.19 -14.26 -33.39
N SER A 804 17.11 -13.11 -34.04
CA SER A 804 18.33 -12.58 -34.65
C SER A 804 19.25 -11.95 -33.57
N LEU A 805 18.70 -11.17 -32.66
CA LEU A 805 19.51 -10.77 -31.51
C LEU A 805 20.26 -11.94 -30.89
N HIS A 806 19.60 -13.08 -30.75
CA HIS A 806 20.21 -14.21 -30.08
C HIS A 806 21.37 -14.78 -30.91
N LYS A 807 21.21 -14.78 -32.23
CA LYS A 807 22.22 -15.39 -33.08
C LYS A 807 23.41 -14.45 -33.20
N ALA A 808 23.16 -13.16 -33.05
CA ALA A 808 24.25 -12.21 -32.97
C ALA A 808 25.17 -12.62 -31.81
N VAL A 809 24.65 -12.52 -30.58
CA VAL A 809 25.43 -12.82 -29.38
C VAL A 809 26.18 -14.19 -29.38
N ALA A 810 25.53 -15.21 -29.93
CA ALA A 810 26.07 -16.56 -30.00
C ALA A 810 27.40 -16.57 -30.75
N ALA A 811 27.51 -15.83 -31.85
CA ALA A 811 28.82 -15.63 -32.49
C ALA A 811 29.92 -14.93 -31.61
N TYR A 812 29.76 -13.65 -31.23
CA TYR A 812 30.90 -12.95 -30.65
C TYR A 812 30.71 -11.41 -30.63
N TYR A 824 26.37 -10.16 -35.93
CA TYR A 824 27.00 -9.08 -36.70
C TYR A 824 26.09 -8.53 -37.79
N ASP A 825 25.74 -9.41 -38.72
CA ASP A 825 24.71 -9.12 -39.70
C ASP A 825 23.33 -9.11 -39.06
N HIS A 826 23.26 -9.67 -37.86
CA HIS A 826 21.97 -9.76 -37.21
C HIS A 826 21.53 -8.42 -36.64
N TYR A 827 22.44 -7.73 -35.96
CA TYR A 827 22.11 -6.40 -35.43
C TYR A 827 21.61 -5.50 -36.59
N GLU A 828 22.22 -5.62 -37.78
CA GLU A 828 21.65 -4.94 -38.94
C GLU A 828 20.15 -5.29 -38.96
N LEU A 829 19.85 -6.61 -39.00
CA LEU A 829 18.50 -7.13 -38.76
C LEU A 829 17.95 -6.53 -37.45
N TYR A 830 18.29 -7.13 -36.31
CA TYR A 830 17.82 -6.67 -35.01
C TYR A 830 17.73 -5.14 -35.05
N ARG A 831 18.87 -4.46 -35.17
CA ARG A 831 18.87 -2.99 -35.29
C ARG A 831 17.82 -2.44 -36.28
N GLN A 832 17.63 -3.13 -37.41
CA GLN A 832 16.50 -2.83 -38.31
C GLN A 832 15.14 -2.81 -37.61
N TYR A 833 14.65 -3.97 -37.14
CA TYR A 833 13.35 -4.05 -36.42
C TYR A 833 13.20 -2.85 -35.54
N LEU A 834 14.29 -2.61 -34.81
CA LEU A 834 14.45 -1.45 -33.94
C LEU A 834 14.22 -0.10 -34.62
N LYS A 835 14.54 -0.05 -35.91
CA LYS A 835 14.34 1.16 -36.69
C LYS A 835 12.89 1.37 -37.08
N ASP A 836 12.31 0.40 -37.81
CA ASP A 836 10.90 0.44 -38.27
C ASP A 836 9.94 0.67 -37.08
N ARG A 837 10.48 0.63 -35.87
CA ARG A 837 9.69 0.99 -34.69
C ARG A 837 9.08 2.41 -34.74
N PRO A 838 7.77 2.53 -34.53
CA PRO A 838 7.19 3.85 -34.33
C PRO A 838 7.54 4.32 -32.92
N VAL A 839 7.18 5.57 -32.69
CA VAL A 839 6.93 6.15 -31.37
C VAL A 839 6.28 5.09 -30.44
N THR A 840 6.88 4.86 -29.27
CA THR A 840 6.42 3.84 -28.30
C THR A 840 6.40 4.27 -26.86
N ALA A 841 7.55 4.73 -26.39
CA ALA A 841 7.69 5.25 -25.04
C ALA A 841 7.77 6.76 -25.11
N LEU A 842 7.88 7.41 -23.96
CA LEU A 842 8.09 8.84 -23.94
C LEU A 842 9.49 9.24 -24.37
N ARG A 843 10.49 8.45 -24.03
CA ARG A 843 11.85 8.79 -24.46
C ARG A 843 11.95 8.95 -26.00
N ASP A 844 10.99 8.42 -26.75
CA ASP A 844 11.05 8.43 -28.21
C ASP A 844 10.70 9.82 -28.74
N LEU A 845 10.13 10.69 -27.91
CA LEU A 845 9.82 12.03 -28.35
C LEU A 845 11.04 12.91 -28.25
N LEU A 846 12.06 12.39 -27.61
CA LEU A 846 13.19 13.20 -27.17
C LEU A 846 14.43 12.86 -27.91
N ASP A 847 15.24 13.86 -28.22
CA ASP A 847 16.54 13.64 -28.81
C ASP A 847 17.63 14.33 -28.00
N PHE A 848 18.82 14.43 -28.52
CA PHE A 848 19.86 15.02 -27.74
C PHE A 848 20.23 16.35 -28.23
N ASN A 849 20.82 17.12 -27.33
CA ASN A 849 21.28 18.43 -27.67
C ASN A 849 22.62 18.70 -27.01
N ALA A 850 23.65 18.04 -27.53
CA ALA A 850 25.00 18.14 -27.01
C ALA A 850 25.34 19.59 -26.73
N ASP A 851 26.04 19.81 -25.62
CA ASP A 851 26.53 21.14 -25.27
C ASP A 851 28.06 21.18 -25.32
N GLN A 852 28.63 20.32 -26.16
CA GLN A 852 30.07 20.21 -26.27
C GLN A 852 30.49 19.53 -27.57
N PRO A 853 31.76 19.59 -27.93
CA PRO A 853 32.17 19.05 -29.21
C PRO A 853 32.11 17.54 -29.06
N ALA A 854 31.91 16.82 -30.16
CA ALA A 854 32.02 15.38 -30.15
C ALA A 854 33.44 14.97 -29.73
N ILE A 855 33.60 13.73 -29.33
CA ILE A 855 34.87 13.31 -28.76
C ILE A 855 35.36 11.94 -29.29
N SER A 856 36.60 11.59 -28.95
CA SER A 856 37.25 10.39 -29.46
C SER A 856 36.78 9.17 -28.66
N LEU A 857 36.38 8.10 -29.35
CA LEU A 857 35.82 6.91 -28.67
C LEU A 857 36.75 6.33 -27.61
N GLU A 858 38.05 6.57 -27.86
CA GLU A 858 39.17 6.16 -27.02
C GLU A 858 39.30 6.99 -25.75
N GLU A 859 38.65 8.16 -25.73
CA GLU A 859 38.60 8.98 -24.53
C GLU A 859 37.60 8.40 -23.54
N VAL A 860 36.47 7.93 -24.08
CA VAL A 860 35.31 7.44 -23.33
C VAL A 860 35.71 6.26 -22.46
N GLU A 861 35.06 6.15 -21.31
CA GLU A 861 35.36 5.12 -20.33
C GLU A 861 35.09 3.76 -20.94
N SER A 862 35.72 2.73 -20.38
CA SER A 862 35.67 1.44 -21.04
C SER A 862 34.36 0.74 -20.82
N VAL A 863 33.94 0.01 -21.83
CA VAL A 863 32.99 -1.10 -21.71
C VAL A 863 32.94 -1.77 -20.34
N GLU A 864 34.09 -2.12 -19.76
CA GLU A 864 34.13 -2.80 -18.45
C GLU A 864 33.55 -1.97 -17.32
N SER A 865 33.74 -0.67 -17.48
CA SER A 865 33.31 0.35 -16.57
C SER A 865 31.82 0.69 -16.71
N ILE A 866 31.24 0.62 -17.91
CA ILE A 866 29.80 0.87 -18.02
C ILE A 866 29.00 -0.33 -17.45
N VAL A 867 29.47 -1.50 -17.86
CA VAL A 867 28.91 -2.79 -17.49
C VAL A 867 28.66 -2.91 -15.98
N LYS A 868 29.46 -2.23 -15.14
CA LYS A 868 29.30 -2.30 -13.68
C LYS A 868 27.97 -1.69 -13.29
N ARG A 869 27.46 -0.77 -14.11
CA ARG A 869 26.16 -0.21 -13.85
C ARG A 869 24.99 -1.12 -14.23
N PHE A 870 25.26 -2.23 -14.89
CA PHE A 870 24.15 -3.04 -15.36
C PHE A 870 23.70 -4.07 -14.32
N CYS A 871 22.42 -4.43 -14.44
CA CYS A 871 21.74 -5.34 -13.56
C CYS A 871 20.69 -6.14 -14.31
N THR A 872 20.55 -7.38 -13.91
CA THR A 872 19.81 -8.25 -14.69
C THR A 872 18.44 -8.34 -14.17
N GLY A 873 18.14 -7.88 -12.97
CA GLY A 873 16.68 -7.84 -12.76
C GLY A 873 16.21 -9.14 -12.15
N GLY A 874 15.48 -9.03 -11.04
CA GLY A 874 15.24 -10.15 -10.18
C GLY A 874 14.12 -11.03 -10.68
N MET A 875 14.32 -11.86 -11.66
CA MET A 875 13.33 -12.82 -12.08
C MET A 875 13.29 -14.19 -11.32
N SER A 876 12.11 -14.60 -10.81
CA SER A 876 12.07 -15.67 -9.80
C SER A 876 12.64 -16.93 -10.26
N LEU A 877 13.40 -17.60 -9.40
CA LEU A 877 13.91 -18.86 -9.76
C LEU A 877 12.68 -19.65 -10.07
N GLY A 878 11.67 -19.70 -9.24
CA GLY A 878 10.45 -20.31 -9.83
C GLY A 878 10.06 -20.05 -11.34
N ALA A 879 9.90 -18.78 -11.71
CA ALA A 879 9.44 -18.36 -13.01
C ALA A 879 10.33 -18.80 -14.14
N LEU A 880 11.61 -18.50 -14.04
CA LEU A 880 12.57 -19.00 -14.98
C LEU A 880 13.07 -20.43 -14.64
N SER A 881 13.59 -21.17 -15.62
CA SER A 881 14.21 -22.44 -15.33
C SER A 881 15.51 -22.18 -14.55
N ARG A 882 16.08 -23.18 -13.85
CA ARG A 882 17.34 -22.82 -13.17
C ARG A 882 18.48 -22.63 -14.15
N GLU A 883 18.41 -23.26 -15.32
CA GLU A 883 19.36 -23.06 -16.43
C GLU A 883 19.34 -21.61 -16.85
N ALA A 884 18.16 -21.04 -17.00
CA ALA A 884 18.10 -19.67 -17.44
C ALA A 884 18.60 -18.73 -16.36
N HIS A 885 18.26 -19.04 -15.11
CA HIS A 885 18.53 -18.17 -13.97
C HIS A 885 20.03 -18.27 -13.60
N GLU A 886 20.56 -19.48 -13.46
CA GLU A 886 21.93 -19.63 -13.07
C GLU A 886 22.80 -18.99 -14.16
N THR A 887 22.40 -19.17 -15.43
CA THR A 887 23.14 -18.55 -16.51
C THR A 887 23.25 -17.02 -16.30
N LEU A 888 22.15 -16.28 -16.32
CA LEU A 888 22.25 -14.85 -16.05
C LEU A 888 23.21 -14.53 -14.90
N ALA A 889 23.24 -15.35 -13.85
CA ALA A 889 24.05 -14.99 -12.68
C ALA A 889 25.55 -15.17 -12.98
N ILE A 890 25.88 -16.20 -13.72
CA ILE A 890 27.27 -16.42 -14.01
C ILE A 890 27.77 -15.31 -14.88
N ALA A 891 26.91 -14.87 -15.80
CA ALA A 891 27.32 -13.94 -16.82
C ALA A 891 27.43 -12.59 -16.17
N MET A 892 26.49 -12.30 -15.28
CA MET A 892 26.52 -10.98 -14.66
C MET A 892 27.75 -10.85 -13.78
N ASN A 893 28.08 -11.93 -13.08
CA ASN A 893 29.24 -11.94 -12.21
C ASN A 893 30.55 -11.74 -12.97
N ARG A 894 30.62 -12.28 -14.18
CA ARG A 894 31.79 -12.17 -15.02
C ARG A 894 32.06 -10.71 -15.31
N LEU A 895 31.01 -10.00 -15.71
CA LEU A 895 31.13 -8.61 -16.11
C LEU A 895 31.48 -7.71 -14.93
N GLY A 896 31.44 -8.25 -13.72
CA GLY A 896 31.60 -7.46 -12.50
C GLY A 896 30.38 -6.58 -12.30
N ALA A 897 29.24 -7.09 -12.75
CA ALA A 897 27.98 -6.43 -12.61
C ALA A 897 27.24 -7.21 -11.57
N LYS A 898 25.90 -7.18 -11.64
CA LYS A 898 25.09 -7.97 -10.73
C LYS A 898 23.74 -8.48 -11.26
N SER A 899 23.30 -9.59 -10.66
CA SER A 899 22.20 -10.31 -11.19
C SER A 899 21.31 -10.48 -9.97
N ASN A 900 20.10 -10.99 -10.13
CA ASN A 900 19.20 -10.81 -9.02
C ASN A 900 18.26 -11.96 -8.87
N SER A 901 18.07 -12.37 -7.65
CA SER A 901 17.48 -13.64 -7.36
C SER A 901 15.97 -13.62 -7.34
N GLY A 902 15.29 -12.69 -8.00
CA GLY A 902 13.86 -12.53 -7.75
C GLY A 902 13.32 -13.18 -6.46
N GLU A 903 12.07 -13.66 -6.43
CA GLU A 903 11.47 -13.97 -5.16
C GLU A 903 11.32 -15.39 -4.88
N GLY A 904 12.27 -16.24 -5.25
CA GLY A 904 11.97 -17.64 -5.14
C GLY A 904 13.07 -18.32 -4.39
N GLY A 905 13.85 -17.56 -3.67
CA GLY A 905 14.99 -18.10 -2.99
C GLY A 905 16.15 -18.38 -3.93
N GLU A 906 17.29 -18.72 -3.35
CA GLU A 906 18.40 -19.23 -4.12
C GLU A 906 18.87 -20.53 -3.51
N ASP A 907 19.08 -21.55 -4.33
CA ASP A 907 19.75 -22.79 -3.91
C ASP A 907 21.11 -22.52 -3.30
N VAL A 908 21.26 -22.89 -2.04
CA VAL A 908 22.55 -22.78 -1.37
C VAL A 908 23.80 -23.03 -2.24
N VAL A 909 23.77 -24.08 -3.06
CA VAL A 909 24.92 -24.55 -3.82
C VAL A 909 25.54 -23.50 -4.69
N ARG A 910 24.78 -22.49 -5.00
CA ARG A 910 25.31 -21.53 -5.92
C ARG A 910 26.28 -20.66 -5.18
N TYR A 911 26.24 -20.72 -3.85
CA TYR A 911 26.90 -19.69 -3.05
C TYR A 911 28.39 -19.88 -3.19
N LEU A 912 28.81 -20.98 -3.79
CA LEU A 912 30.22 -21.30 -3.88
C LEU A 912 30.79 -21.05 -5.27
N THR A 913 31.94 -20.40 -5.35
CA THR A 913 32.63 -20.28 -6.63
C THR A 913 33.00 -21.68 -7.10
N LEU A 914 33.16 -21.88 -8.42
CA LEU A 914 33.37 -23.22 -8.97
C LEU A 914 34.84 -23.63 -9.20
N ASP A 915 35.26 -24.83 -8.76
CA ASP A 915 36.58 -25.42 -9.17
C ASP A 915 36.41 -26.31 -10.38
N ASP A 916 35.36 -27.13 -10.32
CA ASP A 916 35.31 -28.37 -11.08
C ASP A 916 35.24 -28.23 -12.59
N VAL A 917 35.13 -27.02 -13.10
CA VAL A 917 34.96 -26.87 -14.55
C VAL A 917 36.05 -27.61 -15.30
N ASP A 918 35.68 -28.23 -16.42
CA ASP A 918 36.62 -28.98 -17.24
C ASP A 918 36.74 -28.44 -18.69
N SER A 919 37.56 -29.12 -19.47
CA SER A 919 37.91 -28.67 -20.82
C SER A 919 36.66 -28.41 -21.65
N GLU A 920 35.71 -29.35 -21.58
CA GLU A 920 34.42 -29.27 -22.26
C GLU A 920 33.63 -28.04 -21.92
N GLY A 921 33.75 -27.55 -20.69
CA GLY A 921 32.96 -26.43 -20.25
C GLY A 921 31.76 -26.87 -19.44
N ASN A 922 31.90 -28.03 -18.79
CA ASN A 922 30.94 -28.47 -17.79
C ASN A 922 31.52 -28.61 -16.36
N SER A 923 30.62 -28.69 -15.38
CA SER A 923 30.95 -28.78 -13.97
C SER A 923 29.97 -29.71 -13.29
N PRO A 924 30.52 -30.73 -12.63
CA PRO A 924 29.72 -31.66 -11.84
C PRO A 924 28.82 -30.93 -10.83
N THR A 925 29.22 -29.74 -10.41
CA THR A 925 28.46 -29.01 -9.40
C THR A 925 27.18 -28.47 -9.97
N LEU A 926 27.18 -28.08 -11.26
CA LEU A 926 25.97 -27.65 -12.03
C LEU A 926 26.00 -28.29 -13.43
N PRO A 927 25.59 -29.55 -13.48
CA PRO A 927 25.76 -30.35 -14.69
C PRO A 927 24.91 -29.84 -15.83
N HIS A 928 23.95 -28.97 -15.55
CA HIS A 928 22.96 -28.57 -16.54
C HIS A 928 23.38 -27.29 -17.26
N LEU A 929 24.38 -26.61 -16.74
CA LEU A 929 24.85 -25.43 -17.46
C LEU A 929 25.92 -25.83 -18.47
N HIS A 930 26.31 -24.84 -19.29
CA HIS A 930 27.27 -25.03 -20.39
C HIS A 930 28.17 -23.81 -20.55
N GLY A 931 29.42 -24.01 -20.92
CA GLY A 931 30.28 -22.88 -21.22
C GLY A 931 30.69 -22.13 -19.98
N LEU A 932 31.11 -22.89 -18.96
CA LEU A 932 31.50 -22.33 -17.68
C LEU A 932 32.99 -22.25 -17.59
N GLN A 933 33.52 -21.07 -17.35
CA GLN A 933 34.94 -20.94 -17.07
C GLN A 933 35.21 -21.42 -15.65
N ASN A 934 36.48 -21.68 -15.36
CA ASN A 934 36.78 -22.10 -14.02
C ASN A 934 36.57 -21.00 -12.97
N GLY A 935 36.65 -19.74 -13.38
CA GLY A 935 36.31 -18.61 -12.50
C GLY A 935 34.85 -18.32 -12.16
N ASP A 936 33.91 -19.12 -12.67
CA ASP A 936 32.51 -18.71 -12.61
C ASP A 936 31.89 -18.82 -11.21
N THR A 937 30.80 -18.05 -10.99
CA THR A 937 29.95 -18.19 -9.79
C THR A 937 28.51 -17.88 -10.16
N ALA A 938 27.57 -18.73 -9.78
CA ALA A 938 26.17 -18.53 -10.11
C ALA A 938 25.39 -17.88 -8.96
N ASN A 939 26.08 -17.45 -7.92
CA ASN A 939 25.40 -16.89 -6.75
C ASN A 939 24.86 -15.47 -7.01
N SER A 940 23.57 -15.22 -6.78
CA SER A 940 23.00 -13.89 -7.04
C SER A 940 23.60 -12.73 -6.19
N ALA A 941 24.01 -11.66 -6.85
CA ALA A 941 24.59 -10.58 -6.09
C ALA A 941 23.52 -9.89 -5.25
N ILE A 942 22.35 -9.75 -5.85
CA ILE A 942 21.19 -9.17 -5.15
C ILE A 942 20.27 -10.29 -4.66
N LYS A 943 19.90 -10.21 -3.38
CA LYS A 943 18.93 -11.15 -2.88
C LYS A 943 17.66 -10.46 -2.54
N GLN A 944 16.53 -11.00 -3.01
CA GLN A 944 15.29 -10.26 -2.90
C GLN A 944 14.56 -10.59 -1.65
N ILE A 945 13.87 -9.60 -1.10
CA ILE A 945 12.92 -9.86 -0.03
C ILE A 945 11.60 -9.36 -0.54
N ALA A 946 10.71 -10.33 -0.78
CA ALA A 946 9.44 -10.02 -1.35
C ALA A 946 8.32 -10.51 -0.45
N SER A 947 7.04 -10.22 -0.81
CA SER A 947 5.98 -10.41 0.19
C SER A 947 5.88 -11.77 0.81
N GLY A 948 6.35 -12.77 0.11
CA GLY A 948 6.12 -14.12 0.57
C GLY A 948 7.35 -14.71 1.19
N ARG A 949 8.44 -14.00 0.99
CA ARG A 949 9.64 -14.33 1.67
C ARG A 949 10.01 -15.72 1.36
N PHE A 950 9.72 -16.16 0.13
CA PHE A 950 9.96 -17.58 -0.09
C PHE A 950 11.33 -18.12 0.34
N GLY A 951 12.46 -17.63 -0.14
CA GLY A 951 13.64 -18.37 0.32
C GLY A 951 14.35 -17.70 1.48
N VAL A 952 13.61 -16.95 2.27
CA VAL A 952 14.28 -15.89 3.02
C VAL A 952 14.75 -16.33 4.39
N THR A 953 16.06 -16.50 4.47
CA THR A 953 16.76 -17.39 5.33
C THR A 953 18.03 -16.66 5.68
N PRO A 954 18.54 -16.79 6.91
CA PRO A 954 19.79 -16.10 7.28
C PRO A 954 20.93 -16.23 6.25
N GLU A 955 21.26 -17.45 5.83
CA GLU A 955 22.39 -17.54 4.88
C GLU A 955 22.01 -16.83 3.59
N TYR A 956 20.80 -17.11 3.09
CA TYR A 956 20.26 -16.33 1.99
C TYR A 956 20.66 -14.84 2.11
N LEU A 957 20.29 -14.18 3.20
CA LEU A 957 20.55 -12.77 3.32
C LEU A 957 22.04 -12.41 3.36
N MET A 958 22.84 -13.34 3.86
CA MET A 958 24.27 -13.11 4.01
C MET A 958 25.00 -13.45 2.72
N SER A 959 24.34 -14.22 1.87
CA SER A 959 24.92 -14.57 0.59
C SER A 959 24.91 -13.44 -0.45
N GLY A 960 24.16 -12.35 -0.21
CA GLY A 960 24.01 -11.29 -1.21
C GLY A 960 24.84 -10.07 -0.88
N LYS A 961 25.40 -9.40 -1.89
CA LYS A 961 26.17 -8.13 -1.69
C LYS A 961 25.16 -6.99 -1.45
N GLN A 962 23.92 -7.21 -1.95
CA GLN A 962 22.86 -6.25 -1.79
C GLN A 962 21.53 -6.99 -1.51
N LEU A 963 20.57 -6.25 -0.95
CA LEU A 963 19.31 -6.79 -0.50
C LEU A 963 18.22 -5.88 -1.11
N GLU A 964 17.14 -6.49 -1.65
CA GLU A 964 16.12 -5.75 -2.34
C GLU A 964 14.79 -6.01 -1.67
N ILE A 965 14.16 -4.91 -1.25
CA ILE A 965 12.82 -5.02 -0.79
C ILE A 965 11.92 -4.75 -2.00
N LYS A 966 11.03 -5.68 -2.33
CA LYS A 966 10.30 -5.54 -3.58
C LYS A 966 8.92 -5.04 -3.24
N MET A 967 8.68 -3.74 -3.35
CA MET A 967 7.39 -3.25 -3.00
C MET A 967 6.47 -3.56 -4.13
N ALA A 968 6.94 -3.39 -5.34
CA ALA A 968 6.13 -3.80 -6.47
C ALA A 968 6.90 -4.07 -7.77
N GLN A 969 6.32 -4.87 -8.65
CA GLN A 969 6.86 -4.98 -10.00
C GLN A 969 5.98 -4.34 -11.11
N GLY A 970 6.66 -3.87 -12.15
CA GLY A 970 5.97 -3.18 -13.24
C GLY A 970 4.77 -3.79 -13.89
N ALA A 971 4.75 -5.10 -14.01
CA ALA A 971 3.63 -5.75 -14.67
C ALA A 971 2.33 -5.64 -13.86
N LYS A 972 2.45 -5.46 -12.54
CA LYS A 972 1.34 -5.65 -11.62
C LYS A 972 1.59 -4.92 -10.28
N PRO A 973 1.78 -3.62 -10.30
CA PRO A 973 1.98 -2.87 -9.06
C PRO A 973 1.13 -3.29 -7.79
N GLY A 974 -0.15 -3.43 -7.86
CA GLY A 974 -0.64 -3.49 -6.49
C GLY A 974 -0.80 -4.87 -5.92
N GLU A 975 0.04 -5.82 -6.35
CA GLU A 975 -0.29 -7.22 -6.38
C GLU A 975 0.87 -8.11 -5.94
N GLY A 976 0.69 -9.40 -5.71
CA GLY A 976 1.86 -10.17 -5.36
C GLY A 976 2.48 -10.95 -6.49
N GLY A 977 3.66 -11.55 -6.25
CA GLY A 977 4.17 -12.59 -7.16
C GLY A 977 3.02 -13.55 -7.47
N GLN A 978 2.92 -14.11 -8.70
CA GLN A 978 2.28 -15.42 -8.91
C GLN A 978 3.23 -16.45 -9.50
N LEU A 979 3.05 -17.70 -9.08
CA LEU A 979 3.67 -18.82 -9.71
C LEU A 979 2.62 -19.92 -9.73
N PRO A 980 2.12 -20.28 -10.90
CA PRO A 980 1.07 -21.29 -10.96
C PRO A 980 1.68 -22.62 -10.54
N GLY A 981 0.83 -23.52 -10.07
CA GLY A 981 1.26 -24.76 -9.47
C GLY A 981 2.02 -25.64 -10.41
N LYS A 982 1.60 -25.67 -11.69
CA LYS A 982 2.26 -26.43 -12.75
C LYS A 982 3.74 -26.22 -12.54
N LYS A 983 4.13 -24.96 -12.30
CA LYS A 983 5.52 -24.59 -12.21
C LYS A 983 6.17 -24.87 -10.85
N VAL A 984 5.40 -25.27 -9.85
CA VAL A 984 6.02 -25.45 -8.56
C VAL A 984 6.50 -26.87 -8.47
N SER A 985 7.70 -27.14 -8.96
CA SER A 985 8.20 -28.52 -8.95
C SER A 985 8.71 -28.88 -7.56
N GLU A 986 9.10 -30.13 -7.36
CA GLU A 986 9.68 -30.50 -6.07
C GLU A 986 10.88 -29.63 -5.70
N TYR A 987 11.72 -29.34 -6.69
CA TYR A 987 12.84 -28.46 -6.48
C TYR A 987 12.26 -27.20 -5.93
N ILE A 988 11.47 -26.44 -6.69
CA ILE A 988 10.95 -25.16 -6.18
C ILE A 988 10.35 -25.30 -4.78
N ALA A 989 9.55 -26.34 -4.58
CA ALA A 989 8.87 -26.50 -3.29
C ALA A 989 9.93 -26.54 -2.19
N MET A 990 10.97 -27.36 -2.40
CA MET A 990 12.13 -27.44 -1.49
C MET A 990 12.76 -26.05 -1.29
N LEU A 991 13.06 -25.31 -2.34
CA LEU A 991 13.57 -23.97 -2.14
C LEU A 991 12.66 -23.05 -1.35
N ARG A 992 11.37 -23.03 -1.64
CA ARG A 992 10.46 -22.04 -1.03
C ARG A 992 9.88 -22.57 0.28
N ARG A 993 10.10 -23.88 0.48
CA ARG A 993 9.64 -24.55 1.67
C ARG A 993 8.15 -24.33 1.63
N SER A 994 7.55 -24.75 0.53
CA SER A 994 6.11 -24.73 0.32
C SER A 994 5.79 -26.08 -0.33
N LYS A 995 4.51 -26.44 -0.50
CA LYS A 995 4.14 -27.80 -0.92
C LYS A 995 4.17 -28.00 -2.44
N PRO A 996 4.77 -29.10 -2.92
CA PRO A 996 4.89 -29.42 -4.35
C PRO A 996 3.72 -29.15 -5.29
N GLY A 997 2.56 -29.66 -5.01
CA GLY A 997 1.54 -29.35 -6.01
C GLY A 997 1.27 -27.85 -6.31
N VAL A 998 1.37 -27.04 -5.27
CA VAL A 998 0.44 -25.98 -5.02
C VAL A 998 0.83 -24.61 -5.52
N THR A 999 -0.10 -23.93 -6.20
CA THR A 999 0.09 -22.58 -6.77
C THR A 999 0.47 -21.65 -5.65
N LEU A 1000 1.23 -20.58 -5.94
CA LEU A 1000 1.66 -19.65 -4.93
C LEU A 1000 1.33 -18.25 -5.31
N ILE A 1001 0.29 -17.72 -4.70
CA ILE A 1001 -0.01 -16.33 -4.89
C ILE A 1001 0.48 -15.66 -3.65
N SER A 1002 1.53 -14.91 -3.77
CA SER A 1002 2.06 -14.25 -2.61
C SER A 1002 1.10 -13.13 -2.21
N PRO A 1003 1.22 -12.60 -1.00
CA PRO A 1003 0.29 -11.55 -0.54
C PRO A 1003 0.64 -10.21 -1.15
N PRO A 1004 -0.34 -9.41 -1.52
CA PRO A 1004 -0.05 -8.06 -2.04
C PRO A 1004 0.80 -7.17 -1.13
N PRO A 1005 0.56 -7.07 0.16
CA PRO A 1005 1.49 -6.31 0.97
C PRO A 1005 2.62 -7.18 1.50
N HIS A 1006 3.75 -6.60 1.81
CA HIS A 1006 4.57 -7.23 2.83
C HIS A 1006 3.77 -7.10 4.12
N HIS A 1007 3.43 -8.19 4.81
CA HIS A 1007 2.62 -7.96 5.99
C HIS A 1007 3.27 -7.20 7.13
N ASP A 1008 4.42 -6.69 6.74
CA ASP A 1008 5.57 -6.27 7.50
C ASP A 1008 5.69 -4.77 7.39
N ILE A 1009 5.15 -4.20 6.30
CA ILE A 1009 5.25 -2.80 5.88
C ILE A 1009 3.89 -2.10 5.65
N TYR A 1010 3.32 -1.42 6.64
CA TYR A 1010 1.98 -0.87 6.48
C TYR A 1010 2.11 0.65 6.44
N SER A 1011 3.37 1.10 6.40
CA SER A 1011 3.66 2.53 6.44
C SER A 1011 5.11 2.70 6.26
N ILE A 1012 5.51 3.96 6.11
CA ILE A 1012 6.89 4.23 5.85
C ILE A 1012 7.71 3.78 7.08
N GLU A 1013 7.37 4.17 8.31
CA GLU A 1013 8.14 3.68 9.48
C GLU A 1013 8.32 2.17 9.52
N ASP A 1014 7.22 1.46 9.27
CA ASP A 1014 7.32 0.05 8.95
C ASP A 1014 8.36 -0.24 7.86
N LEU A 1015 8.35 0.43 6.70
CA LEU A 1015 9.43 0.22 5.73
C LEU A 1015 10.74 0.36 6.46
N ALA A 1016 10.84 1.39 7.29
CA ALA A 1016 12.09 1.70 7.93
C ALA A 1016 12.47 0.53 8.90
N GLN A 1017 11.46 -0.06 9.54
CA GLN A 1017 11.76 -1.25 10.30
C GLN A 1017 12.40 -2.38 9.54
N LEU A 1018 11.97 -2.66 8.31
CA LEU A 1018 12.56 -3.75 7.53
C LEU A 1018 13.95 -3.41 7.00
N ILE A 1019 14.12 -2.17 6.54
CA ILE A 1019 15.41 -1.75 6.06
C ILE A 1019 16.40 -1.98 7.20
N TYR A 1020 15.95 -1.68 8.41
CA TYR A 1020 16.81 -1.71 9.59
C TYR A 1020 17.05 -3.15 9.98
N ASP A 1021 16.03 -4.00 9.81
CA ASP A 1021 16.16 -5.43 10.03
C ASP A 1021 17.28 -5.94 9.18
N LEU A 1022 17.28 -5.53 7.92
CA LEU A 1022 18.25 -6.03 6.98
C LEU A 1022 19.64 -5.43 7.23
N HIS A 1023 19.72 -4.12 7.49
CA HIS A 1023 21.01 -3.51 7.84
C HIS A 1023 21.53 -4.19 9.06
N GLN A 1024 20.59 -4.65 9.88
CA GLN A 1024 20.93 -5.25 11.16
C GLN A 1024 21.54 -6.63 11.00
N ILE A 1025 20.98 -7.40 10.06
CA ILE A 1025 21.39 -8.79 9.96
C ILE A 1025 22.65 -8.88 9.16
N ASN A 1026 22.78 -8.00 8.19
CA ASN A 1026 23.95 -8.00 7.36
C ASN A 1026 24.32 -6.55 7.04
N PRO A 1027 25.04 -5.95 7.98
CA PRO A 1027 25.41 -4.52 7.95
C PRO A 1027 26.16 -4.13 6.75
N GLU A 1028 26.65 -5.07 5.97
CA GLU A 1028 27.67 -4.77 4.97
C GLU A 1028 27.04 -4.56 3.62
N ALA A 1029 25.74 -4.84 3.56
CA ALA A 1029 24.98 -5.03 2.35
C ALA A 1029 24.09 -3.81 2.03
N GLN A 1030 24.21 -3.21 0.86
CA GLN A 1030 23.37 -2.05 0.61
C GLN A 1030 21.92 -2.51 0.46
N VAL A 1031 20.99 -1.82 1.10
CA VAL A 1031 19.58 -2.20 0.89
C VAL A 1031 18.85 -1.30 -0.12
N SER A 1032 18.40 -1.88 -1.24
CA SER A 1032 17.54 -1.16 -2.20
C SER A 1032 16.06 -1.38 -1.88
N VAL A 1033 15.15 -0.54 -2.40
CA VAL A 1033 13.70 -0.74 -2.27
C VAL A 1033 13.13 -0.54 -3.66
N LYS A 1034 12.31 -1.47 -4.14
CA LYS A 1034 11.91 -1.45 -5.52
C LYS A 1034 10.49 -1.03 -5.66
N LEU A 1035 10.31 0.09 -6.35
CA LEU A 1035 9.07 0.86 -6.39
C LEU A 1035 8.75 0.84 -7.84
N VAL A 1036 7.47 1.05 -8.17
CA VAL A 1036 7.01 1.20 -9.55
C VAL A 1036 6.51 2.62 -9.75
N ALA A 1037 6.86 3.23 -10.87
CA ALA A 1037 6.41 4.58 -11.27
C ALA A 1037 4.92 4.76 -11.23
N GLU A 1038 4.51 5.87 -10.66
CA GLU A 1038 3.17 6.33 -10.62
C GLU A 1038 3.22 7.76 -10.06
N ILE A 1039 2.18 8.56 -10.33
CA ILE A 1039 2.23 9.87 -9.69
C ILE A 1039 2.27 9.55 -8.21
N GLY A 1040 3.27 10.16 -7.56
CA GLY A 1040 3.45 10.10 -6.13
C GLY A 1040 4.69 9.33 -5.72
N ILE A 1041 5.36 8.68 -6.65
CA ILE A 1041 6.53 7.93 -6.27
C ILE A 1041 7.60 8.89 -5.70
N GLY A 1042 7.49 10.16 -6.06
CA GLY A 1042 8.50 11.10 -5.64
C GLY A 1042 8.49 11.27 -4.14
N THR A 1043 7.34 11.70 -3.65
CA THR A 1043 7.13 11.77 -2.23
C THR A 1043 7.48 10.43 -1.55
N ILE A 1044 6.98 9.30 -2.09
CA ILE A 1044 7.25 8.05 -1.42
C ILE A 1044 8.75 7.93 -1.27
N ALA A 1045 9.47 8.13 -2.36
CA ALA A 1045 10.92 7.98 -2.34
C ALA A 1045 11.63 8.84 -1.35
N ALA A 1046 11.13 10.05 -1.16
CA ALA A 1046 11.73 10.95 -0.17
C ALA A 1046 11.76 10.22 1.21
N GLY A 1047 10.62 9.59 1.54
CA GLY A 1047 10.41 8.73 2.68
C GLY A 1047 11.33 7.56 2.70
N VAL A 1048 11.44 6.85 1.58
CA VAL A 1048 12.32 5.69 1.47
C VAL A 1048 13.73 6.16 1.76
N ALA A 1049 14.08 7.31 1.21
CA ALA A 1049 15.37 7.85 1.50
C ALA A 1049 15.48 8.10 3.00
N LYS A 1050 14.51 8.79 3.63
CA LYS A 1050 14.57 9.03 5.08
C LYS A 1050 14.53 7.74 5.87
N ALA A 1051 13.98 6.70 5.29
CA ALA A 1051 13.85 5.43 5.99
C ALA A 1051 15.14 4.58 6.00
N ASN A 1052 16.28 5.22 5.67
CA ASN A 1052 17.58 4.57 5.55
C ASN A 1052 17.91 3.55 4.42
N ALA A 1053 17.13 3.52 3.33
CA ALA A 1053 17.53 2.78 2.11
C ALA A 1053 18.90 3.17 1.53
N ASP A 1054 19.59 2.22 0.93
CA ASP A 1054 20.73 2.50 0.08
C ASP A 1054 20.41 2.70 -1.42
N ILE A 1055 19.34 2.14 -1.94
CA ILE A 1055 19.11 2.18 -3.37
C ILE A 1055 17.62 2.24 -3.56
N ILE A 1056 17.16 2.95 -4.58
CA ILE A 1056 15.78 2.97 -4.92
C ILE A 1056 15.77 2.55 -6.35
N GLN A 1057 14.75 1.83 -6.75
CA GLN A 1057 14.62 1.33 -8.09
C GLN A 1057 13.21 1.67 -8.61
N ILE A 1058 13.18 2.24 -9.79
CA ILE A 1058 11.97 2.69 -10.31
C ILE A 1058 11.81 1.78 -11.44
N SER A 1059 10.59 1.30 -11.64
CA SER A 1059 10.36 0.24 -12.58
C SER A 1059 9.19 0.73 -13.35
N GLY A 1060 9.27 0.72 -14.68
CA GLY A 1060 8.12 1.16 -15.44
C GLY A 1060 7.05 0.06 -15.65
N HIS A 1061 5.85 0.56 -16.06
CA HIS A 1061 4.61 -0.21 -16.16
C HIS A 1061 4.89 -1.15 -17.29
N ASP A 1062 6.02 -0.87 -17.90
CA ASP A 1062 6.56 -1.52 -19.06
C ASP A 1062 6.93 -3.01 -18.91
N GLY A 1063 7.54 -3.37 -17.77
CA GLY A 1063 8.38 -4.53 -17.65
C GLY A 1063 7.68 -5.82 -17.59
N GLY A 1064 8.48 -6.90 -17.54
CA GLY A 1064 8.07 -8.26 -17.80
C GLY A 1064 7.61 -9.01 -16.56
N THR A 1065 6.94 -10.13 -16.77
CA THR A 1065 6.59 -11.11 -15.72
C THR A 1065 6.55 -12.39 -16.46
N GLY A 1066 6.64 -13.46 -15.70
CA GLY A 1066 6.30 -14.74 -16.25
C GLY A 1066 4.91 -15.20 -15.93
N ALA A 1067 4.04 -14.28 -15.45
CA ALA A 1067 2.62 -14.49 -15.12
C ALA A 1067 2.11 -13.22 -14.45
N SER A 1068 1.11 -12.56 -15.05
CA SER A 1068 0.35 -11.49 -14.44
C SER A 1068 -1.02 -11.46 -15.08
N PRO A 1069 -2.00 -10.78 -14.50
CA PRO A 1069 -3.24 -10.55 -15.23
C PRO A 1069 -2.97 -9.74 -16.47
N LEU A 1070 -3.64 -10.01 -17.59
CA LEU A 1070 -3.58 -9.11 -18.75
C LEU A 1070 -3.97 -7.67 -18.44
N SER A 1071 -4.97 -7.43 -17.62
CA SER A 1071 -5.38 -6.07 -17.32
C SER A 1071 -4.22 -5.27 -16.73
N SER A 1072 -3.48 -5.93 -15.85
CA SER A 1072 -2.42 -5.26 -15.11
C SER A 1072 -1.19 -5.06 -15.96
N ILE A 1073 -0.94 -5.99 -16.86
CA ILE A 1073 0.12 -5.76 -17.81
C ILE A 1073 -0.28 -4.50 -18.53
N LYS A 1074 -1.57 -4.33 -18.82
CA LYS A 1074 -1.96 -3.28 -19.74
C LYS A 1074 -2.43 -1.98 -19.10
N HIS A 1075 -2.78 -2.00 -17.81
CA HIS A 1075 -3.51 -0.86 -17.21
C HIS A 1075 -3.05 -0.35 -15.83
N ALA A 1076 -2.03 -0.99 -15.23
CA ALA A 1076 -1.48 -0.54 -13.96
C ALA A 1076 -0.02 -0.15 -14.15
N GLY A 1077 0.44 0.86 -13.44
CA GLY A 1077 1.75 1.43 -13.70
C GLY A 1077 1.87 2.63 -14.64
N SER A 1078 2.98 3.34 -14.56
CA SER A 1078 3.27 4.52 -15.41
C SER A 1078 4.65 4.38 -16.03
N PRO A 1079 4.91 5.06 -17.15
CA PRO A 1079 6.28 5.11 -17.69
C PRO A 1079 7.33 5.36 -16.61
N TRP A 1080 8.40 4.61 -16.65
CA TRP A 1080 9.55 4.95 -15.85
C TRP A 1080 10.16 6.26 -16.19
N GLU A 1081 9.99 6.79 -17.39
CA GLU A 1081 10.48 8.17 -17.58
C GLU A 1081 9.80 9.14 -16.58
N LEU A 1082 8.58 8.83 -16.16
CA LEU A 1082 7.96 9.67 -15.15
C LEU A 1082 8.48 9.26 -13.79
N GLY A 1083 8.60 7.95 -13.56
CA GLY A 1083 9.13 7.40 -12.31
C GLY A 1083 10.47 7.96 -11.89
N VAL A 1084 11.47 7.77 -12.75
CA VAL A 1084 12.83 8.24 -12.54
C VAL A 1084 12.91 9.73 -12.36
N THR A 1085 12.49 10.48 -13.38
CA THR A 1085 12.33 11.90 -13.28
C THR A 1085 11.80 12.40 -11.95
N GLU A 1086 10.58 12.00 -11.62
CA GLU A 1086 9.96 12.48 -10.41
C GLU A 1086 10.79 12.15 -9.15
N VAL A 1087 11.15 10.90 -8.92
CA VAL A 1087 12.07 10.60 -7.83
C VAL A 1087 13.35 11.48 -7.87
N HIS A 1088 14.05 11.47 -8.99
CA HIS A 1088 15.29 12.26 -9.05
C HIS A 1088 15.07 13.71 -8.64
N ARG A 1089 13.93 14.30 -9.05
CA ARG A 1089 13.74 15.70 -8.78
C ARG A 1089 13.44 15.90 -7.31
N VAL A 1090 12.45 15.15 -6.82
CA VAL A 1090 11.96 15.37 -5.48
C VAL A 1090 13.10 15.13 -4.46
N LEU A 1091 13.78 14.01 -4.64
CA LEU A 1091 14.99 13.73 -3.91
C LEU A 1091 16.02 14.87 -3.93
N MET A 1092 16.22 15.49 -5.08
CA MET A 1092 17.10 16.67 -5.18
C MET A 1092 16.56 17.85 -4.38
N GLU A 1093 15.28 18.17 -4.51
CA GLU A 1093 14.77 19.36 -3.84
C GLU A 1093 14.78 19.15 -2.35
N ASN A 1094 14.66 17.91 -1.94
CA ASN A 1094 14.62 17.62 -0.51
C ASN A 1094 16.00 17.49 0.00
N GLN A 1095 16.98 17.53 -0.89
CA GLN A 1095 18.32 17.35 -0.44
C GLN A 1095 18.60 15.95 0.08
N LEU A 1096 17.96 14.97 -0.50
CA LEU A 1096 18.14 13.62 -0.07
C LEU A 1096 18.80 12.84 -1.20
N ARG A 1097 18.94 13.47 -2.36
CA ARG A 1097 19.44 12.80 -3.53
C ARG A 1097 20.74 12.11 -3.29
N ASP A 1098 21.63 12.65 -2.48
CA ASP A 1098 22.85 11.92 -2.16
C ASP A 1098 22.59 10.64 -1.31
N ARG A 1099 21.43 10.56 -0.69
CA ARG A 1099 21.26 9.45 0.24
C ARG A 1099 21.10 8.15 -0.45
N VAL A 1100 20.91 8.19 -1.74
CA VAL A 1100 20.46 7.03 -2.43
C VAL A 1100 20.98 6.97 -3.93
N LEU A 1101 21.41 5.80 -4.40
CA LEU A 1101 21.55 5.60 -5.84
C LEU A 1101 20.22 5.13 -6.58
N LEU A 1102 19.91 5.70 -7.74
CA LEU A 1102 18.70 5.31 -8.42
C LEU A 1102 18.94 4.22 -9.51
N ARG A 1103 18.14 3.13 -9.52
CA ARG A 1103 18.01 2.23 -10.67
C ARG A 1103 16.73 2.47 -11.37
N ALA A 1104 16.75 2.32 -12.69
CA ALA A 1104 15.55 2.27 -13.49
C ALA A 1104 15.51 0.95 -14.25
N ASP A 1105 14.33 0.41 -14.37
CA ASP A 1105 14.14 -0.55 -15.41
C ASP A 1105 12.75 -0.43 -15.97
N GLY A 1106 12.57 -1.02 -17.16
CA GLY A 1106 11.34 -0.89 -17.91
C GLY A 1106 11.60 -0.90 -19.40
N GLY A 1107 11.64 -2.09 -19.98
CA GLY A 1107 11.82 -2.20 -21.42
C GLY A 1107 13.05 -1.50 -21.96
N LEU A 1108 14.11 -1.44 -21.16
CA LEU A 1108 15.41 -1.02 -21.67
C LEU A 1108 16.07 -2.20 -22.37
N LYS A 1109 16.66 -1.93 -23.54
CA LYS A 1109 17.37 -2.95 -24.31
C LYS A 1109 18.52 -2.37 -25.19
N THR A 1110 18.84 -1.10 -25.00
CA THR A 1110 19.61 -0.37 -26.00
C THR A 1110 20.55 0.65 -25.37
N GLY A 1111 21.79 0.73 -25.81
CA GLY A 1111 22.62 1.84 -25.35
C GLY A 1111 21.85 3.17 -25.18
N TRP A 1112 20.97 3.48 -26.12
CA TRP A 1112 20.25 4.75 -26.11
C TRP A 1112 19.36 4.75 -24.91
N ASP A 1113 18.52 3.73 -24.76
CA ASP A 1113 17.73 3.61 -23.55
C ASP A 1113 18.57 3.92 -22.31
N VAL A 1114 19.70 3.25 -22.17
CA VAL A 1114 20.54 3.49 -21.03
C VAL A 1114 20.89 4.95 -20.94
N VAL A 1115 21.36 5.53 -22.02
CA VAL A 1115 21.72 6.95 -21.94
C VAL A 1115 20.52 7.82 -21.55
N MET A 1116 19.35 7.59 -22.14
CA MET A 1116 18.19 8.36 -21.74
C MET A 1116 17.82 8.27 -20.22
N ALA A 1117 17.81 7.07 -19.65
CA ALA A 1117 17.60 6.94 -18.20
C ALA A 1117 18.66 7.67 -17.33
N ALA A 1118 19.92 7.67 -17.77
CA ALA A 1118 20.98 8.46 -17.13
C ALA A 1118 20.73 9.99 -17.16
N LEU A 1119 20.37 10.50 -18.31
CA LEU A 1119 19.95 11.88 -18.42
C LEU A 1119 18.80 12.14 -17.46
N MET A 1120 17.91 11.17 -17.35
CA MET A 1120 16.72 11.35 -16.54
C MET A 1120 16.93 11.25 -15.00
N GLY A 1121 18.03 10.70 -14.54
CA GLY A 1121 18.30 10.57 -13.14
C GLY A 1121 18.95 9.23 -12.80
N ALA A 1122 18.80 8.21 -13.62
CA ALA A 1122 19.22 6.90 -13.15
C ALA A 1122 20.72 6.66 -13.23
N GLU A 1123 21.23 5.89 -12.28
CA GLU A 1123 22.68 5.60 -12.20
C GLU A 1123 22.97 4.11 -12.44
N GLU A 1124 21.95 3.29 -12.26
CA GLU A 1124 22.05 1.92 -12.64
C GLU A 1124 20.83 1.57 -13.51
N TYR A 1125 20.96 0.51 -14.31
CA TYR A 1125 20.01 0.20 -15.37
C TYR A 1125 19.67 -1.29 -15.35
N GLY A 1126 18.39 -1.60 -15.39
CA GLY A 1126 18.00 -2.98 -15.27
C GLY A 1126 17.36 -3.57 -16.50
N PHE A 1127 17.73 -4.83 -16.72
CA PHE A 1127 17.30 -5.54 -17.90
C PHE A 1127 16.71 -6.86 -17.50
N GLY A 1128 15.39 -7.07 -17.66
CA GLY A 1128 14.76 -8.38 -17.54
C GLY A 1128 14.63 -9.03 -18.90
N SER A 1129 13.64 -8.60 -19.69
CA SER A 1129 13.30 -9.36 -20.91
C SER A 1129 14.38 -9.52 -21.96
N ILE A 1130 15.26 -8.55 -22.12
CA ILE A 1130 16.30 -8.68 -23.12
C ILE A 1130 17.31 -9.68 -22.64
N ALA A 1131 17.62 -9.65 -21.34
CA ALA A 1131 18.63 -10.60 -20.83
C ALA A 1131 18.13 -12.01 -21.14
N MET A 1132 16.82 -12.16 -21.01
CA MET A 1132 16.14 -13.38 -21.30
C MET A 1132 16.35 -13.70 -22.77
N ILE A 1133 15.92 -12.80 -23.66
CA ILE A 1133 16.07 -12.97 -25.12
C ILE A 1133 17.49 -13.46 -25.35
N ALA A 1134 18.47 -12.62 -25.07
CA ALA A 1134 19.87 -12.97 -25.21
C ALA A 1134 20.28 -14.39 -24.83
N GLU A 1135 19.55 -15.03 -23.91
CA GLU A 1135 19.80 -16.43 -23.60
C GLU A 1135 18.94 -17.37 -24.43
N GLY A 1136 18.18 -16.82 -25.38
CA GLY A 1136 17.34 -17.62 -26.25
C GLY A 1136 15.85 -17.56 -26.01
N CYS A 1137 15.33 -16.62 -25.21
CA CYS A 1137 13.89 -16.37 -25.33
C CYS A 1137 13.73 -16.11 -26.80
N ILE A 1138 12.73 -16.72 -27.43
CA ILE A 1138 12.13 -16.16 -28.64
C ILE A 1138 11.15 -15.15 -28.10
N MET A 1139 9.91 -15.10 -28.53
CA MET A 1139 9.05 -14.48 -27.54
C MET A 1139 7.77 -15.23 -27.57
N ALA A 1140 7.84 -16.51 -27.22
CA ALA A 1140 6.68 -17.40 -27.32
C ALA A 1140 5.47 -16.73 -26.65
N ARG A 1141 5.70 -16.15 -25.47
CA ARG A 1141 4.77 -15.45 -24.60
C ARG A 1141 3.86 -16.45 -24.03
N VAL A 1142 4.47 -17.42 -23.40
CA VAL A 1142 3.77 -18.60 -22.94
C VAL A 1142 4.37 -18.93 -21.59
N CYS A 1143 4.94 -17.89 -20.97
CA CYS A 1143 5.68 -18.03 -19.75
C CYS A 1143 4.84 -18.54 -18.61
N HIS A 1144 3.63 -18.04 -18.46
CA HIS A 1144 2.78 -18.60 -17.41
C HIS A 1144 2.43 -20.01 -17.61
N THR A 1145 2.86 -20.59 -18.71
CA THR A 1145 2.26 -21.82 -19.15
C THR A 1145 3.01 -23.06 -18.75
N ASN A 1146 4.32 -22.84 -18.56
CA ASN A 1146 5.28 -23.87 -18.35
C ASN A 1146 5.61 -24.66 -19.65
N ASN A 1147 5.31 -24.05 -20.79
CA ASN A 1147 5.70 -24.63 -22.05
C ASN A 1147 6.91 -23.97 -22.77
N CYS A 1148 7.66 -23.04 -22.16
CA CYS A 1148 8.62 -22.34 -23.00
C CYS A 1148 9.25 -23.39 -23.84
N PRO A 1149 9.27 -23.20 -25.15
CA PRO A 1149 9.94 -24.14 -26.05
C PRO A 1149 11.47 -24.08 -25.94
N VAL A 1150 11.93 -23.23 -25.07
CA VAL A 1150 13.27 -22.79 -25.25
C VAL A 1150 14.09 -22.90 -23.95
N GLY A 1151 13.43 -23.39 -22.91
CA GLY A 1151 14.06 -23.92 -21.71
C GLY A 1151 14.18 -22.85 -20.66
N VAL A 1152 13.55 -21.72 -20.92
CA VAL A 1152 13.81 -20.50 -20.19
C VAL A 1152 12.85 -20.30 -19.01
N ALA A 1153 11.56 -20.11 -19.33
CA ALA A 1153 10.53 -19.94 -18.33
C ALA A 1153 9.75 -21.21 -18.08
N THR A 1154 10.38 -22.39 -18.04
CA THR A 1154 9.68 -23.62 -17.65
C THR A 1154 10.42 -24.31 -16.57
N GLN A 1155 9.71 -25.22 -15.93
CA GLN A 1155 10.36 -26.17 -15.07
C GLN A 1155 10.49 -27.51 -15.76
N GLN A 1156 9.79 -27.74 -16.86
CA GLN A 1156 9.78 -29.06 -17.46
C GLN A 1156 11.18 -29.52 -17.86
N GLU A 1157 11.60 -30.66 -17.37
CA GLU A 1157 12.94 -31.14 -17.73
C GLU A 1157 13.10 -31.17 -19.23
N ARG A 1158 12.17 -31.83 -19.90
CA ARG A 1158 12.26 -31.98 -21.34
C ARG A 1158 12.63 -30.63 -21.95
N LEU A 1159 11.90 -29.57 -21.58
CA LEU A 1159 12.03 -28.28 -22.22
C LEU A 1159 13.35 -27.66 -21.80
N ARG A 1160 13.66 -27.79 -20.52
CA ARG A 1160 14.91 -27.26 -19.98
C ARG A 1160 16.10 -27.77 -20.75
N GLN A 1161 16.14 -29.08 -21.01
CA GLN A 1161 17.21 -29.67 -21.80
C GLN A 1161 17.38 -28.99 -23.14
N ARG A 1162 16.35 -28.30 -23.64
CA ARG A 1162 16.47 -27.59 -24.91
C ARG A 1162 17.10 -26.22 -24.72
N PHE A 1163 17.39 -25.80 -23.49
CA PHE A 1163 17.98 -24.49 -23.28
C PHE A 1163 19.38 -24.46 -23.88
N LYS A 1164 19.47 -23.84 -25.04
CA LYS A 1164 20.72 -23.33 -25.60
C LYS A 1164 20.90 -22.08 -24.78
N GLY A 1165 22.10 -21.52 -24.75
CA GLY A 1165 22.28 -20.37 -23.87
C GLY A 1165 23.46 -20.52 -22.93
N VAL A 1166 24.42 -19.62 -23.05
CA VAL A 1166 25.68 -19.73 -22.31
C VAL A 1166 26.03 -18.37 -21.72
N PRO A 1167 26.63 -18.35 -20.53
CA PRO A 1167 26.94 -17.08 -19.85
C PRO A 1167 27.54 -16.09 -20.85
N GLY A 1168 28.48 -16.60 -21.65
CA GLY A 1168 29.16 -15.83 -22.68
C GLY A 1168 28.21 -15.05 -23.54
N GLN A 1169 27.04 -15.63 -23.82
CA GLN A 1169 26.09 -14.98 -24.70
C GLN A 1169 25.59 -13.71 -24.05
N VAL A 1170 25.36 -13.73 -22.75
CA VAL A 1170 24.82 -12.52 -22.20
C VAL A 1170 25.94 -11.58 -21.87
N VAL A 1171 27.08 -12.14 -21.46
CA VAL A 1171 28.26 -11.33 -21.30
C VAL A 1171 28.45 -10.45 -22.52
N ASN A 1172 28.33 -11.03 -23.71
CA ASN A 1172 28.48 -10.31 -24.98
C ASN A 1172 27.40 -9.25 -25.17
N PHE A 1173 26.15 -9.62 -24.89
CA PHE A 1173 25.01 -8.74 -25.15
C PHE A 1173 25.27 -7.43 -24.43
N PHE A 1174 25.78 -7.53 -23.21
CA PHE A 1174 25.99 -6.33 -22.45
C PHE A 1174 27.15 -5.52 -22.97
N TYR A 1175 28.17 -6.15 -23.51
CA TYR A 1175 29.25 -5.34 -24.08
C TYR A 1175 28.76 -4.56 -25.28
N PHE A 1176 27.88 -5.18 -26.05
CA PHE A 1176 27.22 -4.55 -27.18
C PHE A 1176 26.55 -3.29 -26.68
N ILE A 1177 25.78 -3.46 -25.62
CA ILE A 1177 24.99 -2.41 -25.06
C ILE A 1177 25.89 -1.31 -24.49
N ALA A 1178 27.03 -1.70 -23.94
CA ALA A 1178 28.01 -0.76 -23.41
C ALA A 1178 28.68 0.05 -24.51
N GLU A 1179 29.23 -0.66 -25.50
CA GLU A 1179 29.84 -0.08 -26.69
C GLU A 1179 28.89 0.95 -27.27
N GLU A 1180 27.62 0.57 -27.34
CA GLU A 1180 26.60 1.41 -27.91
C GLU A 1180 26.49 2.70 -27.11
N VAL A 1181 26.67 2.58 -25.78
CA VAL A 1181 26.71 3.67 -24.78
C VAL A 1181 27.93 4.58 -25.00
N ARG A 1182 29.13 3.98 -25.02
CA ARG A 1182 30.36 4.74 -25.22
C ARG A 1182 30.24 5.71 -26.36
N SER A 1183 29.60 5.29 -27.44
CA SER A 1183 29.55 6.12 -28.64
C SER A 1183 28.52 7.22 -28.48
N LEU A 1184 27.55 7.03 -27.61
CA LEU A 1184 26.67 8.12 -27.34
C LEU A 1184 27.41 9.16 -26.52
N LEU A 1185 28.26 8.70 -25.61
CA LEU A 1185 28.97 9.61 -24.75
C LEU A 1185 29.88 10.49 -25.58
N ALA A 1186 30.20 9.97 -26.77
CA ALA A 1186 31.07 10.58 -27.74
C ALA A 1186 30.37 11.65 -28.56
N HIS A 1187 29.18 11.34 -29.12
CA HIS A 1187 28.39 12.31 -29.90
C HIS A 1187 28.12 13.49 -29.01
N LEU A 1188 27.93 13.13 -27.73
CA LEU A 1188 27.60 14.00 -26.61
C LEU A 1188 28.78 14.78 -26.11
N GLY A 1189 29.90 14.09 -25.91
CA GLY A 1189 31.17 14.74 -25.67
C GLY A 1189 31.76 14.53 -24.28
N TYR A 1190 31.12 13.68 -23.48
CA TYR A 1190 31.62 13.41 -22.15
C TYR A 1190 32.36 12.09 -22.09
N ARG A 1191 33.33 12.02 -21.20
CA ARG A 1191 34.11 10.81 -20.99
C ARG A 1191 33.34 9.69 -20.38
N SER A 1192 32.40 10.00 -19.50
CA SER A 1192 31.91 8.99 -18.56
C SER A 1192 30.46 9.18 -18.22
N LEU A 1193 29.75 8.06 -18.05
CA LEU A 1193 28.36 8.09 -17.68
C LEU A 1193 28.21 8.93 -16.40
N ASP A 1194 29.15 8.76 -15.49
CA ASP A 1194 29.24 9.69 -14.35
C ASP A 1194 29.08 11.17 -14.74
N ASP A 1195 29.42 11.54 -15.95
CA ASP A 1195 29.23 12.91 -16.27
C ASP A 1195 27.81 13.30 -16.72
N ILE A 1196 26.91 12.35 -16.93
CA ILE A 1196 25.71 12.68 -17.70
C ILE A 1196 24.41 12.67 -16.91
N ILE A 1197 24.45 11.98 -15.78
CA ILE A 1197 23.23 11.62 -15.05
C ILE A 1197 22.43 12.84 -14.60
N GLY A 1198 21.14 12.82 -14.94
CA GLY A 1198 20.31 13.99 -14.75
C GLY A 1198 20.75 15.24 -15.48
N ARG A 1199 21.68 15.15 -16.44
CA ARG A 1199 21.99 16.31 -17.28
C ARG A 1199 20.91 16.50 -18.33
N THR A 1200 19.71 16.63 -17.82
CA THR A 1200 18.49 16.78 -18.56
C THR A 1200 18.44 17.94 -19.54
N ASP A 1201 19.23 18.95 -19.29
CA ASP A 1201 19.33 20.06 -20.22
C ASP A 1201 19.92 19.61 -21.57
N LEU A 1202 20.53 18.42 -21.58
CA LEU A 1202 21.07 17.87 -22.80
C LEU A 1202 19.98 17.30 -23.73
N LEU A 1203 18.73 17.26 -23.24
CA LEU A 1203 17.60 16.75 -24.00
C LEU A 1203 16.76 17.87 -24.54
N LYS A 1204 16.25 17.67 -25.76
CA LYS A 1204 15.29 18.56 -26.43
C LYS A 1204 14.14 17.74 -27.01
N VAL A 1205 13.04 18.39 -27.42
CA VAL A 1205 11.95 17.64 -28.04
C VAL A 1205 12.25 17.49 -29.52
N ARG A 1206 11.96 16.30 -30.07
CA ARG A 1206 12.29 15.92 -31.46
C ARG A 1206 11.63 16.67 -32.62
N SER A 1207 12.41 16.95 -33.66
CA SER A 1207 11.87 17.67 -34.80
C SER A 1207 10.89 16.85 -35.62
N ASP A 1208 11.13 15.53 -35.74
CA ASP A 1208 10.37 14.66 -36.70
C ASP A 1208 8.94 14.43 -36.28
N VAL A 1209 8.83 13.67 -35.21
CA VAL A 1209 7.60 13.06 -34.77
C VAL A 1209 6.34 13.90 -34.93
N GLN A 1210 5.28 13.32 -35.50
CA GLN A 1210 3.93 13.74 -35.15
C GLN A 1210 3.05 12.51 -35.04
N LEU A 1211 2.11 12.55 -34.11
CA LEU A 1211 1.27 11.40 -33.81
C LEU A 1211 -0.04 11.55 -34.51
N SER A 1212 -0.87 10.52 -34.38
CA SER A 1212 -2.13 10.46 -35.12
C SER A 1212 -3.26 11.14 -34.37
N LYS A 1213 -3.03 11.38 -33.09
CA LYS A 1213 -4.14 11.70 -32.23
C LYS A 1213 -4.13 13.11 -31.62
N THR A 1214 -2.95 13.72 -31.46
CA THR A 1214 -2.79 15.08 -30.96
C THR A 1214 -1.66 15.77 -31.63
N GLN A 1215 -1.66 17.11 -31.59
CA GLN A 1215 -0.54 17.87 -32.10
C GLN A 1215 0.77 17.48 -31.40
N ASN A 1216 0.84 17.70 -30.10
CA ASN A 1216 2.08 17.49 -29.37
C ASN A 1216 1.76 17.15 -27.97
N LEU A 1217 2.82 17.00 -27.19
CA LEU A 1217 2.69 16.69 -25.77
C LEU A 1217 3.63 17.57 -24.95
N THR A 1218 3.18 18.03 -23.77
CA THR A 1218 4.03 18.86 -22.93
C THR A 1218 5.02 17.96 -22.27
N LEU A 1219 6.30 18.30 -22.37
CA LEU A 1219 7.33 17.47 -21.76
C LEU A 1219 8.12 18.23 -20.70
N ASP A 1220 7.52 19.32 -20.19
CA ASP A 1220 8.11 20.05 -19.08
C ASP A 1220 8.51 19.03 -18.00
N CYS A 1221 7.64 18.05 -17.78
CA CYS A 1221 7.85 17.11 -16.70
C CYS A 1221 9.11 16.25 -16.82
N LEU A 1222 9.68 16.12 -18.00
CA LEU A 1222 10.97 15.42 -18.10
C LEU A 1222 12.13 16.34 -18.38
N LEU A 1223 11.85 17.57 -18.81
CA LEU A 1223 12.93 18.47 -19.22
C LEU A 1223 13.41 19.33 -18.05
N ASN A 1224 12.44 19.71 -17.22
CA ASN A 1224 12.63 20.67 -16.15
C ASN A 1224 13.06 20.01 -14.88
N LEU A 1225 14.37 19.80 -14.73
CA LEU A 1225 14.94 19.21 -13.52
C LEU A 1225 16.03 20.10 -12.93
N PRO A 1226 16.41 19.89 -11.68
CA PRO A 1226 17.50 20.70 -11.10
C PRO A 1226 18.72 20.78 -12.04
N ASP A 1227 19.19 21.99 -12.41
CA ASP A 1227 20.35 22.08 -13.30
C ASP A 1227 21.46 21.26 -12.67
N THR A 1228 22.02 20.33 -13.44
CA THR A 1228 23.11 19.56 -12.90
C THR A 1228 24.59 19.84 -13.30
N LYS A 1229 24.77 20.85 -14.17
CA LYS A 1229 26.09 21.28 -14.62
C LYS A 1229 27.20 21.28 -13.56
N GLN A 1230 26.99 21.92 -12.41
CA GLN A 1230 28.02 21.90 -11.38
C GLN A 1230 27.68 21.11 -10.10
N ASN A 1231 26.47 21.18 -9.58
CA ASN A 1231 26.22 20.32 -8.42
C ASN A 1231 26.11 18.88 -8.87
N ARG A 1232 27.15 18.10 -8.63
CA ARG A 1232 27.09 16.64 -8.85
C ARG A 1232 27.55 15.89 -7.60
N GLN A 1233 27.45 16.52 -6.44
CA GLN A 1233 27.94 15.86 -5.25
C GLN A 1233 27.02 14.71 -4.85
N TRP A 1234 25.73 14.90 -5.15
CA TRP A 1234 24.72 13.91 -4.87
C TRP A 1234 25.08 12.56 -5.47
N LEU A 1235 26.05 12.52 -6.36
CA LEU A 1235 26.38 11.28 -7.06
C LEU A 1235 27.29 10.39 -6.20
N ASN A 1236 27.68 10.91 -5.03
CA ASN A 1236 28.55 10.21 -4.05
C ASN A 1236 27.80 9.65 -2.87
N HIS A 1237 27.48 8.37 -2.87
CA HIS A 1237 26.67 7.90 -1.76
C HIS A 1237 27.56 7.28 -0.70
N GLU A 1238 27.15 7.24 0.54
CA GLU A 1238 28.05 6.55 1.46
C GLU A 1238 28.03 5.11 0.99
N PRO A 1239 29.05 4.32 1.30
CA PRO A 1239 29.06 2.91 0.89
C PRO A 1239 27.87 2.04 1.41
N VAL A 1240 27.37 2.24 2.64
CA VAL A 1240 26.23 1.46 3.19
C VAL A 1240 25.70 2.20 4.38
N HIS A 1241 24.38 2.32 4.51
CA HIS A 1241 23.86 3.04 5.65
C HIS A 1241 23.87 2.20 6.94
N SER A 1242 24.13 2.87 8.05
CA SER A 1242 24.23 2.20 9.34
C SER A 1242 22.94 2.18 10.21
N ASN A 1243 22.68 1.10 10.93
CA ASN A 1243 21.61 1.21 11.89
C ASN A 1243 22.04 1.95 13.12
N GLY A 1244 23.31 2.35 13.21
CA GLY A 1244 23.85 3.00 14.42
C GLY A 1244 24.18 1.98 15.50
N PRO A 1245 24.86 2.39 16.55
CA PRO A 1245 25.05 1.59 17.77
C PRO A 1245 23.89 0.71 18.17
N VAL A 1246 24.02 -0.61 18.23
CA VAL A 1246 22.88 -1.43 18.63
C VAL A 1246 23.22 -2.45 19.71
N LEU A 1247 22.23 -2.76 20.56
CA LEU A 1247 22.43 -3.74 21.63
C LEU A 1247 23.13 -5.05 21.23
N ASP A 1248 22.74 -5.64 20.11
CA ASP A 1248 23.54 -6.72 19.54
C ASP A 1248 25.04 -6.37 19.45
N ASP A 1249 25.39 -5.12 19.12
CA ASP A 1249 26.79 -4.78 18.85
C ASP A 1249 27.65 -5.09 20.06
N ASP A 1250 26.99 -4.93 21.22
CA ASP A 1250 27.56 -5.25 22.52
C ASP A 1250 27.44 -6.73 22.81
N ILE A 1251 26.24 -7.33 22.59
CA ILE A 1251 26.06 -8.77 22.79
C ILE A 1251 27.24 -9.47 22.16
N LEU A 1252 27.59 -9.04 20.95
CA LEU A 1252 28.62 -9.67 20.12
C LEU A 1252 30.00 -9.18 20.49
N ALA A 1253 30.10 -8.51 21.63
CA ALA A 1253 31.37 -7.92 21.99
C ALA A 1253 32.13 -8.68 23.06
N ASP A 1254 31.46 -9.22 24.08
CA ASP A 1254 32.15 -9.86 25.24
C ASP A 1254 32.85 -11.24 24.99
N PRO A 1255 33.00 -12.14 26.00
CA PRO A 1255 33.60 -13.45 25.77
C PRO A 1255 32.79 -14.30 24.82
N ASP A 1256 32.24 -13.69 23.76
CA ASP A 1256 31.20 -14.29 22.90
C ASP A 1256 31.72 -14.76 21.55
N ILE A 1257 32.58 -13.94 20.95
CA ILE A 1257 33.29 -14.34 19.73
C ILE A 1257 34.19 -15.58 20.00
N GLN A 1258 34.19 -16.08 21.23
CA GLN A 1258 34.74 -17.42 21.50
C GLN A 1258 33.62 -18.47 21.31
N GLU A 1259 32.49 -18.31 22.01
CA GLU A 1259 31.39 -19.28 21.85
C GLU A 1259 31.11 -19.47 20.38
N ALA A 1260 31.30 -18.42 19.58
CA ALA A 1260 31.22 -18.57 18.11
C ALA A 1260 32.48 -19.28 17.56
N ILE A 1261 33.62 -18.61 17.41
CA ILE A 1261 34.76 -19.29 16.75
C ILE A 1261 35.17 -20.67 17.34
N ASN A 1262 34.98 -20.87 18.64
CA ASN A 1262 34.99 -22.22 19.25
C ASN A 1262 33.57 -22.76 19.16
N HIS A 1263 33.38 -23.56 18.14
CA HIS A 1263 32.07 -23.77 17.58
C HIS A 1263 31.00 -24.26 18.63
N GLN A 1264 31.45 -24.96 19.67
CA GLN A 1264 30.52 -25.57 20.62
C GLN A 1264 30.66 -24.89 21.97
N THR A 1265 30.00 -23.75 22.14
CA THR A 1265 30.04 -23.15 23.46
C THR A 1265 28.70 -22.74 23.98
N THR A 1266 28.44 -23.15 25.22
CA THR A 1266 27.38 -22.57 26.02
C THR A 1266 27.80 -21.18 26.57
N ALA A 1267 26.95 -20.20 26.30
CA ALA A 1267 27.08 -18.84 26.83
C ALA A 1267 25.73 -18.45 27.36
N THR A 1268 25.73 -17.66 28.42
CA THR A 1268 24.52 -16.95 28.85
C THR A 1268 24.82 -15.48 29.02
N LYS A 1269 23.85 -14.63 28.71
CA LYS A 1269 23.95 -13.23 29.01
C LYS A 1269 22.56 -12.72 29.32
N THR A 1270 22.48 -11.74 30.21
CA THR A 1270 21.21 -11.10 30.45
C THR A 1270 21.43 -9.66 30.24
N TYR A 1271 20.37 -8.99 29.74
CA TYR A 1271 20.33 -7.55 29.51
C TYR A 1271 18.94 -7.05 29.68
N ARG A 1272 18.83 -5.79 30.08
CA ARG A 1272 17.58 -5.07 30.07
C ARG A 1272 17.37 -4.52 28.65
N LEU A 1273 16.17 -4.70 28.13
CA LEU A 1273 15.80 -4.21 26.80
C LEU A 1273 14.83 -3.09 26.97
N VAL A 1274 15.03 -1.97 26.29
CA VAL A 1274 13.93 -1.02 26.20
C VAL A 1274 13.45 -1.04 24.76
N ASN A 1275 12.26 -0.54 24.46
CA ASN A 1275 11.71 -0.85 23.11
C ASN A 1275 12.32 -0.10 21.94
N THR A 1276 13.28 0.78 22.18
CA THR A 1276 14.13 1.19 21.09
C THR A 1276 15.09 0.09 20.65
N ASP A 1277 15.25 -0.94 21.48
CA ASP A 1277 16.03 -2.09 21.08
C ASP A 1277 15.16 -2.92 20.19
N ARG A 1278 15.56 -2.95 18.92
CA ARG A 1278 14.75 -3.44 17.84
C ARG A 1278 15.57 -4.51 17.19
N THR A 1279 14.95 -5.54 16.66
CA THR A 1279 15.71 -6.56 15.95
C THR A 1279 16.81 -7.08 16.82
N VAL A 1280 16.55 -7.27 18.11
CA VAL A 1280 17.62 -7.90 18.92
C VAL A 1280 17.79 -9.41 18.71
N GLY A 1281 19.05 -9.81 18.68
CA GLY A 1281 19.41 -11.17 18.42
C GLY A 1281 19.88 -11.20 16.98
N THR A 1282 19.15 -10.54 16.08
CA THR A 1282 19.37 -10.70 14.64
C THR A 1282 20.82 -10.64 14.18
N ARG A 1283 21.57 -9.61 14.59
CA ARG A 1283 22.94 -9.44 14.14
C ARG A 1283 23.86 -10.58 14.56
N LEU A 1284 23.72 -11.01 15.80
CA LEU A 1284 24.46 -12.14 16.27
C LEU A 1284 24.12 -13.29 15.35
N SER A 1285 22.85 -13.43 14.97
CA SER A 1285 22.47 -14.52 14.10
C SER A 1285 23.07 -14.47 12.70
N GLY A 1286 23.13 -13.28 12.13
CA GLY A 1286 23.86 -13.10 10.90
C GLY A 1286 25.30 -13.51 11.12
N ALA A 1287 25.83 -13.20 12.29
CA ALA A 1287 27.25 -13.36 12.47
C ALA A 1287 27.61 -14.86 12.51
N ILE A 1288 26.69 -15.65 13.05
CA ILE A 1288 26.87 -17.09 13.15
C ILE A 1288 26.74 -17.62 11.76
N ALA A 1289 25.72 -17.11 11.05
CA ALA A 1289 25.27 -17.64 9.77
C ALA A 1289 26.31 -17.41 8.69
N LYS A 1290 26.92 -16.23 8.75
CA LYS A 1290 28.00 -15.84 7.82
C LYS A 1290 29.14 -16.83 7.83
N LYS A 1291 29.35 -17.50 8.95
CA LYS A 1291 30.39 -18.51 9.04
C LYS A 1291 29.92 -19.98 9.05
N TYR A 1292 28.77 -20.30 9.63
CA TYR A 1292 28.30 -21.71 9.65
C TYR A 1292 27.09 -21.91 8.74
N GLY A 1293 26.64 -20.82 8.13
CA GLY A 1293 25.36 -20.82 7.45
C GLY A 1293 24.30 -21.26 8.43
N ASN A 1294 23.21 -21.80 7.92
CA ASN A 1294 22.03 -21.98 8.74
C ASN A 1294 22.08 -23.06 9.82
N ASN A 1295 22.85 -24.12 9.62
CA ASN A 1295 22.80 -25.25 10.56
C ASN A 1295 24.16 -25.84 10.98
N GLY A 1296 25.23 -25.06 10.80
CA GLY A 1296 26.58 -25.53 11.04
C GLY A 1296 27.03 -25.43 12.48
N PHE A 1297 26.18 -24.85 13.33
CA PHE A 1297 26.57 -24.45 14.67
C PHE A 1297 25.84 -25.28 15.73
N GLU A 1298 26.59 -26.09 16.46
CA GLU A 1298 26.06 -26.89 17.56
C GLU A 1298 26.52 -26.30 18.90
N GLY A 1299 26.71 -24.97 18.91
CA GLY A 1299 26.88 -24.23 20.14
C GLY A 1299 25.50 -23.97 20.70
N ASN A 1300 25.40 -23.02 21.62
CA ASN A 1300 24.17 -22.78 22.30
C ASN A 1300 24.37 -21.46 23.01
N ILE A 1301 23.85 -20.37 22.45
CA ILE A 1301 23.88 -19.09 23.15
C ILE A 1301 22.51 -18.80 23.72
N THR A 1302 22.40 -18.62 25.04
CA THR A 1302 21.12 -18.31 25.66
C THR A 1302 21.20 -16.83 26.02
N LEU A 1303 20.34 -16.02 25.41
CA LEU A 1303 20.22 -14.60 25.70
C LEU A 1303 18.87 -14.31 26.39
N ASN A 1304 18.95 -13.79 27.61
CA ASN A 1304 17.76 -13.52 28.43
C ASN A 1304 17.60 -12.04 28.55
N PHE A 1305 16.36 -11.60 28.53
CA PHE A 1305 16.12 -10.20 28.32
C PHE A 1305 15.07 -9.77 29.30
N GLN A 1306 15.05 -8.47 29.63
CA GLN A 1306 14.06 -7.95 30.55
C GLN A 1306 13.50 -6.64 30.03
N GLY A 1307 12.18 -6.60 29.92
CA GLY A 1307 11.48 -5.36 29.68
C GLY A 1307 10.64 -5.47 28.45
N ALA A 1308 10.41 -4.34 27.77
CA ALA A 1308 9.58 -4.35 26.57
C ALA A 1308 10.46 -4.29 25.32
N ALA A 1309 10.19 -5.18 24.38
CA ALA A 1309 11.07 -5.40 23.25
C ALA A 1309 10.46 -4.77 22.04
N GLY A 1310 11.26 -4.04 21.30
CA GLY A 1310 10.73 -3.35 20.16
C GLY A 1310 10.61 -4.27 18.98
N GLN A 1311 10.18 -3.69 17.85
CA GLN A 1311 9.92 -4.36 16.59
C GLN A 1311 10.92 -5.44 16.22
N SER A 1312 10.43 -6.50 15.62
CA SER A 1312 11.31 -7.54 15.06
C SER A 1312 12.21 -8.30 16.05
N PHE A 1313 11.83 -8.29 17.33
CA PHE A 1313 12.51 -9.16 18.31
C PHE A 1313 12.75 -10.57 17.83
N GLY A 1314 14.02 -10.94 17.85
CA GLY A 1314 14.43 -12.30 17.55
C GLY A 1314 14.18 -12.69 16.11
N ALA A 1315 14.38 -11.74 15.21
CA ALA A 1315 14.20 -11.96 13.80
C ALA A 1315 15.31 -12.89 13.43
N PHE A 1316 15.23 -13.44 12.24
CA PHE A 1316 16.18 -14.42 11.71
C PHE A 1316 16.95 -15.28 12.66
N ASN A 1317 16.30 -15.70 13.73
CA ASN A 1317 16.95 -16.49 14.76
C ASN A 1317 17.39 -17.88 14.25
N LEU A 1318 18.48 -18.41 14.81
CA LEU A 1318 19.19 -19.61 14.31
C LEU A 1318 19.34 -20.78 15.33
N ASP A 1319 19.89 -21.91 14.88
CA ASP A 1319 19.88 -23.10 15.70
C ASP A 1319 20.84 -22.95 16.86
N GLY A 1320 20.46 -23.52 18.00
CA GLY A 1320 21.20 -23.34 19.24
C GLY A 1320 21.45 -21.87 19.52
N MET A 1321 20.40 -21.06 19.33
CA MET A 1321 20.34 -19.64 19.70
C MET A 1321 19.01 -19.52 20.40
N THR A 1322 19.07 -19.27 21.71
CA THR A 1322 17.89 -19.34 22.55
C THR A 1322 17.68 -17.97 23.08
N LEU A 1323 16.43 -17.55 23.16
CA LEU A 1323 16.11 -16.17 23.46
C LEU A 1323 15.02 -16.09 24.51
N HIS A 1324 15.41 -15.52 25.65
CA HIS A 1324 14.49 -15.30 26.74
C HIS A 1324 13.97 -13.89 26.86
N LEU A 1325 12.66 -13.75 26.73
CA LEU A 1325 12.12 -12.45 27.02
C LEU A 1325 11.24 -12.49 28.25
N GLN A 1326 11.77 -11.90 29.31
CA GLN A 1326 11.02 -11.65 30.53
C GLN A 1326 10.32 -10.30 30.30
N GLY A 1327 9.01 -10.32 30.07
CA GLY A 1327 8.28 -9.07 29.87
C GLY A 1327 7.19 -9.00 28.80
N GLU A 1328 7.56 -8.43 27.68
CA GLU A 1328 6.70 -8.40 26.49
C GLU A 1328 7.46 -7.92 25.30
N ALA A 1329 7.06 -8.41 24.15
CA ALA A 1329 7.60 -7.85 22.94
C ALA A 1329 6.53 -7.11 22.11
N ASN A 1330 6.98 -6.44 21.05
CA ASN A 1330 6.09 -5.78 20.09
C ASN A 1330 5.91 -6.58 18.77
N ASP A 1331 5.59 -5.92 17.65
CA ASP A 1331 5.39 -6.59 16.36
C ASP A 1331 6.60 -7.34 15.81
N TYR A 1332 6.31 -8.28 14.91
CA TYR A 1332 7.30 -9.07 14.16
C TYR A 1332 8.20 -10.01 14.96
N VAL A 1333 7.78 -10.50 16.13
CA VAL A 1333 8.67 -11.43 16.87
C VAL A 1333 8.97 -12.61 16.00
N GLY A 1334 10.21 -13.06 16.01
CA GLY A 1334 10.55 -14.23 15.23
C GLY A 1334 10.39 -14.07 13.75
N LYS A 1335 10.46 -12.84 13.21
CA LYS A 1335 10.31 -12.60 11.75
C LYS A 1335 11.41 -13.42 11.11
N GLY A 1336 11.07 -14.22 10.12
CA GLY A 1336 12.11 -14.92 9.39
C GLY A 1336 12.80 -15.95 10.23
N MET A 1337 12.19 -16.31 11.33
CA MET A 1337 12.86 -17.22 12.24
C MET A 1337 13.23 -18.52 11.51
N ASN A 1338 14.49 -18.95 11.69
CA ASN A 1338 15.03 -20.06 10.94
C ASN A 1338 15.26 -21.31 11.76
N GLY A 1339 15.36 -21.13 13.06
CA GLY A 1339 15.95 -22.15 13.91
C GLY A 1339 16.34 -21.59 15.24
N GLY A 1340 16.44 -22.48 16.23
CA GLY A 1340 16.57 -22.12 17.63
C GLY A 1340 15.20 -21.97 18.27
N GLU A 1341 15.17 -21.23 19.38
CA GLU A 1341 13.99 -21.07 20.24
C GLU A 1341 13.87 -19.65 20.80
N ILE A 1342 12.62 -19.22 20.98
CA ILE A 1342 12.32 -17.91 21.50
C ILE A 1342 11.20 -18.08 22.49
N VAL A 1343 11.51 -17.85 23.77
CA VAL A 1343 10.55 -18.00 24.84
C VAL A 1343 10.25 -16.63 25.39
N ILE A 1344 8.96 -16.33 25.53
CA ILE A 1344 8.56 -15.01 26.02
C ILE A 1344 7.51 -15.17 27.08
N VAL A 1345 7.76 -14.51 28.20
CA VAL A 1345 7.10 -14.73 29.49
C VAL A 1345 6.75 -13.37 30.11
N PRO A 1346 5.57 -13.24 30.73
CA PRO A 1346 5.21 -12.02 31.46
C PRO A 1346 6.28 -11.71 32.45
N HIS A 1347 6.33 -10.52 33.03
CA HIS A 1347 7.11 -10.57 34.24
C HIS A 1347 6.41 -11.20 35.50
N PRO A 1348 7.06 -12.15 36.19
CA PRO A 1348 6.37 -12.99 37.19
C PRO A 1348 5.63 -12.11 38.18
N GLN A 1349 6.09 -10.87 38.26
CA GLN A 1349 5.63 -10.00 39.31
C GLN A 1349 4.16 -9.66 39.05
N ALA A 1350 3.65 -10.23 37.95
CA ALA A 1350 2.28 -10.00 37.53
C ALA A 1350 1.26 -10.79 38.31
N SER A 1351 0.17 -10.10 38.60
CA SER A 1351 -1.06 -10.68 39.12
C SER A 1351 -2.07 -10.61 37.96
N PHE A 1352 -1.75 -11.23 36.82
CA PHE A 1352 -2.76 -11.36 35.79
C PHE A 1352 -2.80 -12.74 35.13
N ALA A 1353 -3.88 -13.01 34.39
CA ALA A 1353 -3.98 -14.25 33.62
C ALA A 1353 -3.20 -14.20 32.28
N PRO A 1354 -1.99 -14.76 32.24
CA PRO A 1354 -1.26 -14.87 30.98
C PRO A 1354 -2.22 -15.20 29.83
N GLU A 1355 -2.92 -16.33 29.89
CA GLU A 1355 -3.99 -16.67 28.96
C GLU A 1355 -4.77 -15.50 28.39
N ASP A 1356 -5.23 -14.60 29.27
CA ASP A 1356 -6.16 -13.51 28.93
C ASP A 1356 -5.39 -12.25 28.51
N ASN A 1357 -4.08 -12.36 28.43
CA ASN A 1357 -3.26 -11.18 28.23
C ASN A 1357 -2.22 -11.19 27.12
N VAL A 1358 -2.27 -10.16 26.29
CA VAL A 1358 -1.42 -9.95 25.13
C VAL A 1358 0.06 -9.90 25.51
N ILE A 1359 0.92 -10.65 24.84
CA ILE A 1359 2.35 -10.50 25.12
C ILE A 1359 3.21 -10.24 23.88
N ILE A 1360 2.62 -10.44 22.70
CA ILE A 1360 3.30 -10.29 21.43
C ILE A 1360 2.39 -9.58 20.41
N GLY A 1361 2.97 -8.92 19.39
CA GLY A 1361 2.20 -8.17 18.39
C GLY A 1361 1.84 -8.81 17.05
N ASN A 1362 1.42 -8.03 16.07
CA ASN A 1362 1.15 -8.49 14.71
C ASN A 1362 2.30 -9.16 13.91
N THR A 1363 1.95 -10.07 13.02
CA THR A 1363 2.88 -10.56 12.02
C THR A 1363 4.08 -11.30 12.65
N CYS A 1364 3.83 -12.13 13.63
CA CYS A 1364 4.91 -12.86 14.21
C CYS A 1364 5.21 -14.12 13.41
N LEU A 1365 6.48 -14.54 13.41
CA LEU A 1365 6.93 -15.67 12.58
C LEU A 1365 6.79 -15.45 11.04
N TYR A 1366 6.70 -14.18 10.63
CA TYR A 1366 6.38 -13.79 9.26
C TYR A 1366 6.74 -14.77 8.16
N GLY A 1367 8.04 -14.94 7.86
CA GLY A 1367 8.29 -15.99 6.83
C GLY A 1367 8.97 -17.18 7.43
N ALA A 1368 8.52 -17.57 8.61
CA ALA A 1368 9.31 -18.47 9.41
C ALA A 1368 9.71 -19.70 8.65
N THR A 1369 11.01 -19.94 8.72
CA THR A 1369 11.61 -21.04 8.04
C THR A 1369 12.03 -22.24 8.92
N GLY A 1370 12.17 -21.96 10.22
CA GLY A 1370 12.44 -22.97 11.23
C GLY A 1370 12.31 -22.34 12.59
N GLY A 1371 12.82 -23.00 13.62
CA GLY A 1371 12.74 -22.46 14.96
C GLY A 1371 11.45 -22.80 15.69
N ASN A 1372 11.39 -22.45 16.96
CA ASN A 1372 10.21 -22.66 17.78
C ASN A 1372 10.09 -21.45 18.62
N LEU A 1373 8.93 -20.81 18.61
CA LEU A 1373 8.69 -19.67 19.47
C LEU A 1373 7.66 -20.06 20.49
N TYR A 1374 7.90 -19.73 21.77
CA TYR A 1374 6.96 -20.00 22.87
C TYR A 1374 6.56 -18.73 23.64
N ALA A 1375 5.26 -18.49 23.75
CA ALA A 1375 4.77 -17.22 24.22
C ALA A 1375 3.55 -17.30 25.09
N ASN A 1376 3.82 -17.09 26.36
CA ASN A 1376 2.84 -17.02 27.42
C ASN A 1376 1.81 -15.90 27.30
N GLY A 1377 0.97 -15.94 26.27
CA GLY A 1377 -0.02 -14.89 26.14
C GLY A 1377 -0.63 -14.77 24.78
N ARG A 1378 -1.48 -13.75 24.62
CA ARG A 1378 -2.13 -13.51 23.34
C ARG A 1378 -1.13 -12.84 22.39
N ALA A 1379 -1.40 -12.94 21.09
CA ALA A 1379 -0.47 -12.47 20.10
C ALA A 1379 -1.38 -11.71 19.19
N GLY A 1380 -0.79 -10.96 18.25
CA GLY A 1380 -1.48 -9.99 17.40
C GLY A 1380 -2.27 -10.47 16.19
N GLU A 1381 -2.37 -9.68 15.11
CA GLU A 1381 -2.91 -10.26 13.89
C GLU A 1381 -1.82 -11.01 13.17
N ARG A 1382 -2.22 -11.69 12.08
CA ARG A 1382 -1.33 -12.39 11.18
C ARG A 1382 -0.27 -13.25 11.85
N PHE A 1383 -0.55 -13.76 13.02
CA PHE A 1383 0.39 -14.70 13.63
C PHE A 1383 0.89 -15.79 12.68
N ALA A 1384 2.19 -15.89 12.45
CA ALA A 1384 2.73 -16.96 11.58
C ALA A 1384 2.21 -16.85 10.14
N VAL A 1385 2.49 -15.71 9.53
CA VAL A 1385 1.67 -15.26 8.45
C VAL A 1385 1.97 -16.13 7.27
N ARG A 1386 3.25 -16.33 7.00
CA ARG A 1386 3.56 -17.11 5.82
C ARG A 1386 4.40 -18.17 6.40
N ASN A 1387 4.04 -18.63 7.58
CA ASN A 1387 4.90 -19.61 8.24
C ASN A 1387 5.22 -20.78 7.31
N SER A 1388 6.50 -20.96 7.00
CA SER A 1388 6.86 -22.13 6.18
C SER A 1388 7.19 -23.38 6.98
N VAL A 1389 7.93 -23.24 8.09
CA VAL A 1389 8.40 -24.41 8.84
C VAL A 1389 8.63 -24.18 10.34
N GLY A 1390 8.56 -22.96 10.77
CA GLY A 1390 8.65 -22.69 12.20
C GLY A 1390 7.47 -23.31 12.91
N LYS A 1391 7.69 -23.59 14.19
CA LYS A 1391 6.65 -24.09 15.07
C LYS A 1391 6.46 -23.08 16.17
N ALA A 1392 5.30 -23.04 16.80
CA ALA A 1392 5.17 -22.13 17.92
C ALA A 1392 4.06 -22.54 18.90
N VAL A 1393 4.20 -22.15 20.17
CA VAL A 1393 3.06 -22.16 21.09
C VAL A 1393 2.77 -20.81 21.74
N ILE A 1394 1.55 -20.34 21.54
CA ILE A 1394 1.12 -19.06 22.04
C ILE A 1394 -0.21 -19.30 22.68
N GLU A 1395 -0.77 -18.29 23.35
CA GLU A 1395 -1.99 -18.56 24.10
C GLU A 1395 -3.26 -17.81 23.67
N GLY A 1396 -3.22 -17.19 22.49
CA GLY A 1396 -4.39 -16.51 21.97
C GLY A 1396 -3.93 -15.63 20.85
N ALA A 1397 -4.84 -15.16 19.99
CA ALA A 1397 -4.40 -14.40 18.81
C ALA A 1397 -5.51 -13.59 18.17
N GLY A 1398 -5.17 -12.60 17.37
CA GLY A 1398 -6.16 -11.83 16.64
C GLY A 1398 -6.62 -12.55 15.38
N ASP A 1399 -6.94 -11.79 14.34
CA ASP A 1399 -7.31 -12.37 13.06
C ASP A 1399 -6.14 -12.94 12.29
N HIS A 1400 -6.54 -13.63 11.20
CA HIS A 1400 -5.67 -14.03 10.14
C HIS A 1400 -4.67 -15.01 10.66
N CYS A 1401 -5.03 -15.71 11.71
CA CYS A 1401 -4.09 -16.67 12.21
C CYS A 1401 -3.64 -17.63 11.10
N CYS A 1402 -2.33 -17.84 11.04
CA CYS A 1402 -1.73 -18.73 10.06
C CYS A 1402 -1.89 -18.25 8.63
N GLU A 1403 -2.12 -16.97 8.46
CA GLU A 1403 -2.48 -16.52 7.15
C GLU A 1403 -1.88 -17.27 5.96
N TYR A 1404 -0.66 -17.13 5.53
CA TYR A 1404 -0.35 -17.77 4.24
C TYR A 1404 0.45 -19.07 4.45
N MET A 1405 0.00 -19.91 5.38
CA MET A 1405 0.93 -20.85 5.99
C MET A 1405 1.18 -22.10 5.15
N THR A 1406 2.31 -22.72 5.33
CA THR A 1406 2.78 -23.55 4.24
C THR A 1406 3.46 -24.78 4.78
N GLY A 1407 3.51 -24.89 6.11
CA GLY A 1407 4.30 -25.91 6.78
C GLY A 1407 4.52 -25.49 8.21
N GLY A 1408 5.09 -26.36 9.04
CA GLY A 1408 5.22 -26.12 10.46
C GLY A 1408 4.00 -26.59 11.26
N VAL A 1409 4.03 -26.29 12.57
CA VAL A 1409 2.92 -26.56 13.49
C VAL A 1409 2.70 -25.34 14.38
N ILE A 1410 1.46 -24.88 14.45
CA ILE A 1410 1.10 -23.74 15.28
C ILE A 1410 -0.01 -24.19 16.25
N VAL A 1411 0.20 -23.89 17.52
CA VAL A 1411 -0.63 -24.33 18.63
C VAL A 1411 -1.08 -23.06 19.35
N VAL A 1412 -2.39 -22.92 19.52
CA VAL A 1412 -2.94 -21.71 20.13
C VAL A 1412 -3.86 -22.08 21.29
N LEU A 1413 -3.58 -21.52 22.46
CA LEU A 1413 -4.28 -21.95 23.68
C LEU A 1413 -5.26 -20.90 24.24
N GLY A 1414 -6.14 -20.36 23.39
CA GLY A 1414 -7.02 -19.25 23.76
C GLY A 1414 -7.69 -18.75 22.50
N PRO A 1415 -8.67 -17.90 22.64
CA PRO A 1415 -9.48 -17.44 21.50
C PRO A 1415 -8.69 -16.83 20.32
N VAL A 1416 -9.41 -16.52 19.24
CA VAL A 1416 -8.77 -16.11 17.96
C VAL A 1416 -9.74 -15.38 17.05
N GLY A 1417 -9.24 -14.38 16.34
CA GLY A 1417 -10.06 -13.62 15.42
C GLY A 1417 -10.49 -14.43 14.21
N ARG A 1418 -11.06 -13.73 13.23
CA ARG A 1418 -11.63 -14.36 12.06
C ARG A 1418 -10.56 -14.61 11.01
N ASN A 1419 -10.98 -15.09 9.82
CA ASN A 1419 -10.08 -15.60 8.76
C ASN A 1419 -9.01 -16.55 9.20
N VAL A 1420 -9.33 -17.47 10.09
CA VAL A 1420 -8.30 -18.37 10.59
C VAL A 1420 -7.82 -19.29 9.51
N GLY A 1421 -8.41 -19.23 8.34
CA GLY A 1421 -7.89 -20.11 7.31
C GLY A 1421 -6.89 -19.62 6.30
N ALA A 1422 -6.99 -18.32 5.97
CA ALA A 1422 -6.68 -17.74 4.67
C ALA A 1422 -5.45 -18.38 4.04
N GLY A 1423 -5.51 -18.77 2.76
CA GLY A 1423 -4.39 -19.37 2.03
C GLY A 1423 -3.47 -20.39 2.70
N MET A 1424 -3.86 -20.91 3.87
CA MET A 1424 -2.95 -21.78 4.57
C MET A 1424 -2.96 -22.99 3.69
N THR A 1425 -1.81 -23.55 3.36
CA THR A 1425 -1.76 -24.50 2.25
C THR A 1425 -0.98 -25.78 2.61
N GLY A 1426 -0.36 -25.75 3.78
CA GLY A 1426 0.45 -26.85 4.27
C GLY A 1426 0.69 -26.58 5.75
N GLY A 1427 1.26 -27.58 6.45
CA GLY A 1427 1.49 -27.53 7.89
C GLY A 1427 0.26 -27.86 8.74
N LEU A 1428 0.45 -28.14 10.03
CA LEU A 1428 -0.69 -28.31 10.94
C LEU A 1428 -0.92 -27.15 11.93
N ALA A 1429 -2.20 -26.89 12.21
CA ALA A 1429 -2.55 -25.97 13.28
C ALA A 1429 -3.54 -26.65 14.19
N TYR A 1430 -3.35 -26.46 15.50
CA TYR A 1430 -4.34 -26.87 16.47
C TYR A 1430 -4.76 -25.67 17.34
N PHE A 1431 -6.06 -25.56 17.53
CA PHE A 1431 -6.56 -24.54 18.40
C PHE A 1431 -7.21 -25.17 19.62
N LEU A 1432 -8.15 -24.47 20.21
CA LEU A 1432 -8.78 -24.94 21.42
C LEU A 1432 -9.74 -23.83 21.70
N ASP A 1433 -10.92 -23.92 21.10
CA ASP A 1433 -11.79 -22.76 21.13
C ASP A 1433 -13.08 -23.26 21.69
N GLU A 1434 -13.07 -23.31 23.03
CA GLU A 1434 -14.16 -23.52 24.00
C GLU A 1434 -15.46 -22.74 23.92
N VAL A 1435 -15.45 -21.48 23.52
CA VAL A 1435 -16.72 -20.83 23.24
C VAL A 1435 -17.50 -21.69 22.21
N GLY A 1436 -16.82 -22.67 21.59
CA GLY A 1436 -17.39 -23.54 20.56
C GLY A 1436 -17.60 -22.90 19.19
N ASP A 1437 -17.16 -21.64 19.03
CA ASP A 1437 -17.56 -20.82 17.87
C ASP A 1437 -16.52 -20.80 16.74
N LEU A 1438 -15.38 -21.48 16.95
CA LEU A 1438 -14.28 -21.40 15.99
C LEU A 1438 -14.70 -21.48 14.51
N PRO A 1439 -15.47 -22.49 14.15
CA PRO A 1439 -15.70 -22.80 12.73
C PRO A 1439 -16.46 -21.69 12.02
N GLU A 1440 -17.10 -20.82 12.81
CA GLU A 1440 -17.74 -19.63 12.25
C GLU A 1440 -16.71 -18.65 11.71
N LYS A 1441 -15.49 -18.72 12.27
CA LYS A 1441 -14.42 -17.75 12.07
C LYS A 1441 -13.42 -18.13 10.96
N ILE A 1442 -13.24 -19.43 10.84
CA ILE A 1442 -12.29 -20.11 9.99
C ILE A 1442 -12.46 -19.79 8.49
N ASN A 1443 -11.36 -19.59 7.76
CA ASN A 1443 -11.52 -19.30 6.33
C ASN A 1443 -11.77 -20.56 5.51
N PRO A 1444 -13.00 -20.69 5.02
CA PRO A 1444 -13.51 -21.97 4.54
C PRO A 1444 -12.94 -22.28 3.16
N GLU A 1445 -12.42 -21.29 2.44
CA GLU A 1445 -11.84 -21.53 1.11
C GLU A 1445 -10.85 -22.70 1.05
N ILE A 1446 -9.95 -22.95 2.00
CA ILE A 1446 -9.12 -24.15 1.80
C ILE A 1446 -8.92 -25.15 2.91
N ILE A 1447 -8.51 -24.71 4.09
CA ILE A 1447 -8.30 -25.61 5.22
C ILE A 1447 -9.59 -26.37 5.67
N THR A 1448 -9.42 -27.34 6.55
CA THR A 1448 -10.54 -28.09 7.09
C THR A 1448 -10.45 -28.26 8.59
N LEU A 1449 -11.60 -28.22 9.25
CA LEU A 1449 -11.64 -28.31 10.68
C LEU A 1449 -12.02 -29.72 11.23
N GLN A 1450 -11.01 -30.44 11.74
CA GLN A 1450 -11.15 -31.77 12.37
C GLN A 1450 -11.18 -31.64 13.86
N ARG A 1451 -11.75 -32.62 14.56
CA ARG A 1451 -11.41 -32.79 15.98
C ARG A 1451 -10.28 -33.78 15.98
N ILE A 1452 -9.40 -33.73 16.99
CA ILE A 1452 -8.22 -34.60 16.96
C ILE A 1452 -8.68 -36.06 16.95
N THR A 1453 -8.16 -36.83 15.99
CA THR A 1453 -8.57 -38.21 15.75
C THR A 1453 -7.37 -39.15 15.77
N ALA A 1454 -6.30 -38.73 15.10
CA ALA A 1454 -5.11 -39.58 14.99
C ALA A 1454 -4.27 -39.43 16.24
N SER A 1455 -4.02 -40.56 16.91
CA SER A 1455 -3.20 -40.53 18.11
C SER A 1455 -1.88 -39.76 17.87
N LYS A 1456 -1.33 -39.87 16.68
CA LYS A 1456 -0.07 -39.18 16.37
C LYS A 1456 -0.18 -37.66 16.41
N GLY A 1457 -1.40 -37.17 16.21
CA GLY A 1457 -1.75 -35.76 16.40
C GLY A 1457 -1.76 -35.36 17.88
N GLU A 1458 -2.47 -36.12 18.70
CA GLU A 1458 -2.33 -35.92 20.14
C GLU A 1458 -0.85 -35.88 20.49
N GLU A 1459 -0.09 -36.89 20.10
CA GLU A 1459 1.35 -36.89 20.36
C GLU A 1459 2.01 -35.56 19.88
N GLN A 1460 1.57 -35.05 18.74
CA GLN A 1460 2.15 -33.81 18.23
C GLN A 1460 1.78 -32.65 19.16
N LEU A 1461 0.49 -32.57 19.48
CA LEU A 1461 -0.06 -31.54 20.36
C LEU A 1461 0.62 -31.54 21.71
N LYS A 1462 0.41 -32.60 22.49
CA LYS A 1462 1.11 -32.80 23.76
C LYS A 1462 2.55 -32.35 23.67
N SER A 1463 3.33 -32.91 22.75
CA SER A 1463 4.76 -32.63 22.74
C SER A 1463 5.07 -31.15 22.77
N LEU A 1464 4.32 -30.36 22.02
CA LEU A 1464 4.41 -28.89 22.10
C LEU A 1464 3.68 -28.37 23.33
N ILE A 1465 2.42 -28.76 23.55
CA ILE A 1465 1.70 -28.18 24.67
C ILE A 1465 2.57 -28.37 25.90
N THR A 1466 3.21 -29.54 26.01
CA THR A 1466 4.22 -29.80 27.05
C THR A 1466 5.44 -28.90 26.89
N ALA A 1467 6.12 -28.90 25.76
CA ALA A 1467 7.39 -28.20 25.72
C ALA A 1467 7.22 -26.72 26.17
N HIS A 1468 6.03 -26.19 25.90
CA HIS A 1468 5.62 -24.86 26.29
C HIS A 1468 5.72 -24.68 27.77
N VAL A 1469 5.16 -25.65 28.47
CA VAL A 1469 5.13 -25.67 29.92
C VAL A 1469 6.56 -25.85 30.45
N GLU A 1470 7.34 -26.69 29.78
CA GLU A 1470 8.75 -26.89 30.09
C GLU A 1470 9.55 -25.60 29.92
N HIS A 1471 9.14 -24.80 28.94
CA HIS A 1471 9.82 -23.53 28.65
C HIS A 1471 9.29 -22.36 29.44
N THR A 1472 8.03 -22.45 29.83
CA THR A 1472 7.39 -21.36 30.54
C THR A 1472 6.96 -21.69 31.97
N GLY A 1473 5.85 -22.40 32.11
CA GLY A 1473 5.21 -22.64 33.39
C GLY A 1473 3.77 -22.24 33.15
N SER A 1474 3.57 -21.60 32.01
CA SER A 1474 2.26 -21.30 31.47
C SER A 1474 1.18 -21.95 32.29
N PRO A 1475 0.53 -21.16 33.13
CA PRO A 1475 -0.59 -21.69 33.92
C PRO A 1475 -1.60 -22.43 33.01
N LYS A 1476 -1.97 -21.83 31.88
CA LYS A 1476 -2.87 -22.48 30.90
C LYS A 1476 -2.29 -23.75 30.32
N GLY A 1477 -0.95 -23.79 30.16
CA GLY A 1477 -0.25 -25.01 29.77
C GLY A 1477 -0.44 -26.13 30.78
N LYS A 1478 -0.23 -25.80 32.05
CA LYS A 1478 -0.31 -26.75 33.15
C LYS A 1478 -1.74 -27.26 33.37
N ALA A 1479 -2.72 -26.38 33.22
CA ALA A 1479 -4.12 -26.77 33.42
C ALA A 1479 -4.52 -27.93 32.50
N ILE A 1480 -4.36 -27.70 31.19
CA ILE A 1480 -4.66 -28.70 30.18
C ILE A 1480 -3.87 -30.00 30.36
N LEU A 1481 -2.56 -29.92 30.63
CA LEU A 1481 -1.74 -31.14 30.87
C LEU A 1481 -2.28 -32.13 31.93
N ALA A 1482 -2.81 -31.64 33.06
CA ALA A 1482 -3.38 -32.52 34.07
C ALA A 1482 -4.87 -32.85 33.84
N ASN A 1483 -5.51 -32.11 32.92
CA ASN A 1483 -6.85 -32.48 32.43
C ASN A 1483 -6.84 -32.86 30.96
N TRP A 1484 -5.70 -33.41 30.55
CA TRP A 1484 -5.43 -33.91 29.21
C TRP A 1484 -6.64 -34.52 28.47
N SER A 1485 -7.58 -35.08 29.21
CA SER A 1485 -8.66 -35.84 28.60
C SER A 1485 -9.97 -35.09 28.40
N ASP A 1486 -10.04 -33.86 28.90
CA ASP A 1486 -11.29 -33.10 28.88
C ASP A 1486 -11.33 -32.09 27.77
N TYR A 1487 -10.44 -31.11 27.89
CA TYR A 1487 -10.24 -29.99 26.98
C TYR A 1487 -9.93 -30.46 25.57
N LEU A 1488 -9.20 -31.58 25.52
CA LEU A 1488 -8.81 -32.34 24.32
C LEU A 1488 -9.95 -32.79 23.43
N GLY A 1489 -11.12 -33.03 24.03
CA GLY A 1489 -12.38 -33.13 23.29
C GLY A 1489 -12.56 -31.83 22.55
N LYS A 1490 -13.71 -31.63 21.90
CA LYS A 1490 -13.72 -30.76 20.70
C LYS A 1490 -12.79 -29.58 20.85
N PHE A 1491 -11.85 -29.51 19.92
CA PHE A 1491 -10.86 -28.46 20.00
C PHE A 1491 -9.94 -28.69 18.84
N TRP A 1492 -10.09 -27.80 17.86
CA TRP A 1492 -9.89 -28.11 16.46
C TRP A 1492 -8.48 -28.29 15.92
N GLN A 1493 -8.42 -29.07 14.83
CA GLN A 1493 -7.19 -29.23 14.08
C GLN A 1493 -7.52 -28.80 12.70
N ALA A 1494 -6.67 -27.90 12.21
CA ALA A 1494 -6.86 -27.30 10.93
C ALA A 1494 -6.04 -28.10 9.94
N VAL A 1495 -6.66 -28.79 8.99
CA VAL A 1495 -5.83 -29.46 8.01
C VAL A 1495 -5.98 -28.86 6.62
N PRO A 1496 -4.88 -28.46 5.98
CA PRO A 1496 -4.92 -28.14 4.57
C PRO A 1496 -4.98 -29.47 3.83
N PRO A 1497 -5.73 -29.51 2.72
CA PRO A 1497 -5.84 -30.75 1.93
C PRO A 1497 -4.42 -30.78 1.47
N SER A 1498 -3.68 -31.87 1.59
CA SER A 1498 -2.23 -31.72 1.48
C SER A 1498 -1.65 -32.24 2.77
N GLU A 1499 -2.46 -32.25 3.81
CA GLU A 1499 -2.04 -32.88 5.03
C GLU A 1499 -3.05 -33.98 5.40
N LYS A 1500 -4.22 -33.92 4.79
CA LYS A 1500 -5.19 -34.99 4.86
C LYS A 1500 -4.59 -36.34 5.24
N ASP A 1501 -3.62 -36.82 4.47
CA ASP A 1501 -3.08 -38.16 4.70
C ASP A 1501 -1.70 -38.09 5.29
N SER A 1502 -1.59 -37.58 6.50
CA SER A 1502 -0.35 -37.77 7.23
C SER A 1502 -0.67 -38.49 8.52
N PRO A 1503 0.38 -38.89 9.21
CA PRO A 1503 0.19 -39.74 10.38
C PRO A 1503 -0.48 -38.97 11.53
N GLU A 1504 -0.88 -37.72 11.30
CA GLU A 1504 -1.36 -36.87 12.40
C GLU A 1504 -2.63 -36.12 12.04
N ALA A 1505 -3.27 -36.51 10.94
CA ALA A 1505 -4.70 -36.18 10.74
C ALA A 1505 -5.54 -37.40 10.15
N ASN A 1506 -4.86 -38.56 10.06
CA ASN A 1506 -5.50 -39.88 9.77
C ASN A 1506 -4.96 -41.02 10.62
N ASN A 1507 -5.92 -41.87 11.05
CA ASN A 1507 -5.69 -43.07 11.92
C ASN A 1507 -4.91 -42.75 13.21
C ACT B . 6.54 -13.04 -11.80
O ACT B . 7.05 -13.97 -12.43
OXT ACT B . 6.39 -12.02 -12.50
CH3 ACT B . 6.12 -13.13 -10.37
C ACT C . 7.15 -16.30 -8.03
O ACT C . 8.01 -17.04 -8.53
OXT ACT C . 6.79 -16.52 -6.85
CH3 ACT C . 6.61 -15.22 -8.84
N1 FMN D . 10.30 -8.73 -10.59
C2 FMN D . 10.36 -8.88 -9.26
O2 FMN D . 10.38 -7.86 -8.57
N3 FMN D . 10.39 -10.14 -8.70
C4 FMN D . 10.34 -11.25 -9.54
O4 FMN D . 10.62 -12.37 -9.09
C4A FMN D . 10.27 -11.06 -10.89
N5 FMN D . 10.23 -12.13 -11.74
C5A FMN D . 10.19 -11.94 -13.09
C6 FMN D . 10.17 -13.02 -13.94
C7 FMN D . 10.10 -12.83 -15.31
C7M FMN D . 10.18 -13.95 -16.29
C8 FMN D . 10.09 -11.57 -15.83
C8M FMN D . 10.61 -11.50 -17.22
C9 FMN D . 10.12 -10.47 -14.98
C9A FMN D . 10.16 -10.65 -13.61
N10 FMN D . 10.21 -9.58 -12.73
C10 FMN D . 10.25 -9.81 -11.40
C1' FMN D . 10.55 -8.23 -13.23
C2' FMN D . 12.01 -7.83 -13.17
O2' FMN D . 12.52 -7.87 -11.88
C3' FMN D . 12.21 -6.45 -13.80
O3' FMN D . 11.56 -5.50 -13.00
C4' FMN D . 11.56 -6.37 -15.19
O4' FMN D . 11.70 -7.55 -15.95
C5' FMN D . 12.03 -5.20 -16.03
O5' FMN D . 11.26 -5.27 -17.18
P FMN D . 11.85 -5.65 -18.57
O1P FMN D . 11.10 -4.85 -19.54
O2P FMN D . 11.68 -7.13 -18.82
O3P FMN D . 13.32 -5.33 -18.70
FE1 F3S E . 10.18 -16.33 -23.75
FE3 F3S E . 9.43 -18.55 -23.46
FE4 F3S E . 8.39 -16.80 -22.21
S1 F3S E . 10.28 -17.76 -25.33
S2 F3S E . 8.27 -15.30 -23.76
S3 F3S E . 10.49 -17.43 -21.91
S4 F3S E . 7.40 -18.71 -22.65
#